data_1RLQ
# 
_entry.id   1RLQ 
# 
_audit_conform.dict_name       mmcif_pdbx.dic 
_audit_conform.dict_version    5.392 
_audit_conform.dict_location   http://mmcif.pdb.org/dictionaries/ascii/mmcif_pdbx.dic 
# 
loop_
_database_2.database_id 
_database_2.database_code 
_database_2.pdbx_database_accession 
_database_2.pdbx_DOI 
PDB   1RLQ         pdb_00001rlq 10.2210/pdb1rlq/pdb 
WWPDB D_1000176111 ?            ?                   
# 
loop_
_pdbx_audit_revision_history.ordinal 
_pdbx_audit_revision_history.data_content_type 
_pdbx_audit_revision_history.major_revision 
_pdbx_audit_revision_history.minor_revision 
_pdbx_audit_revision_history.revision_date 
1 'Structure model' 1 0 1995-02-07 
2 'Structure model' 1 1 2008-03-24 
3 'Structure model' 1 2 2011-07-13 
4 'Structure model' 1 3 2022-03-02 
5 'Structure model' 1 4 2024-05-22 
# 
_pdbx_audit_revision_details.ordinal             1 
_pdbx_audit_revision_details.revision_ordinal    1 
_pdbx_audit_revision_details.data_content_type   'Structure model' 
_pdbx_audit_revision_details.provider            repository 
_pdbx_audit_revision_details.type                'Initial release' 
_pdbx_audit_revision_details.description         ? 
_pdbx_audit_revision_details.details             ? 
# 
loop_
_pdbx_audit_revision_group.ordinal 
_pdbx_audit_revision_group.revision_ordinal 
_pdbx_audit_revision_group.data_content_type 
_pdbx_audit_revision_group.group 
1 2 'Structure model' 'Version format compliance' 
2 3 'Structure model' 'Version format compliance' 
3 4 'Structure model' 'Database references'       
4 4 'Structure model' 'Derived calculations'      
5 4 'Structure model' Other                       
6 5 'Structure model' 'Data collection'           
# 
loop_
_pdbx_audit_revision_category.ordinal 
_pdbx_audit_revision_category.revision_ordinal 
_pdbx_audit_revision_category.data_content_type 
_pdbx_audit_revision_category.category 
1 4 'Structure model' database_2            
2 4 'Structure model' pdbx_database_status  
3 4 'Structure model' pdbx_struct_assembly  
4 4 'Structure model' pdbx_struct_oper_list 
5 5 'Structure model' chem_comp_atom        
6 5 'Structure model' chem_comp_bond        
# 
loop_
_pdbx_audit_revision_item.ordinal 
_pdbx_audit_revision_item.revision_ordinal 
_pdbx_audit_revision_item.data_content_type 
_pdbx_audit_revision_item.item 
1 4 'Structure model' '_database_2.pdbx_DOI'                
2 4 'Structure model' '_database_2.pdbx_database_accession' 
3 4 'Structure model' '_pdbx_database_status.process_site'  
# 
_pdbx_database_status.status_code                     REL 
_pdbx_database_status.entry_id                        1RLQ 
_pdbx_database_status.recvd_initial_deposition_date   1994-10-10 
_pdbx_database_status.deposit_site                    ? 
_pdbx_database_status.process_site                    BNL 
_pdbx_database_status.SG_entry                        . 
_pdbx_database_status.pdb_format_compatible           Y 
_pdbx_database_status.status_code_mr                  ? 
_pdbx_database_status.status_code_sf                  ? 
_pdbx_database_status.status_code_cs                  ? 
_pdbx_database_status.status_code_nmr_data            ? 
_pdbx_database_status.methods_development_category    ? 
# 
_pdbx_database_related.db_name        PDB 
_pdbx_database_related.db_id          1RLP 
_pdbx_database_related.details        . 
_pdbx_database_related.content_type   ensemble 
# 
loop_
_audit_author.name 
_audit_author.pdbx_ordinal 
'Feng, S.'        1 
'Chen, J.K.'      2 
'Yu, H.'          3 
'Simon, J.A.'     4 
'Schreiber, S.L.' 5 
# 
loop_
_citation.id 
_citation.title 
_citation.journal_abbrev 
_citation.journal_volume 
_citation.page_first 
_citation.page_last 
_citation.year 
_citation.journal_id_ASTM 
_citation.country 
_citation.journal_id_ISSN 
_citation.journal_id_CSD 
_citation.book_publisher 
_citation.pdbx_database_id_PubMed 
_citation.pdbx_database_id_DOI 
primary 'Two binding orientations for peptides to the Src SH3 domain: development of a general model for SH3-ligand interactions.' 
Science                 266 1241 1247 1994 SCIEAS US 0036-8075 0038 ? 7526465 ? 
1       'Structural Basis for the Binding of Proline-Rich Peptides to SH3 Domains'                                                 
'Cell(Cambridge,Mass.)' 76  933  ?    1994 CELLB5 US 0092-8674 0998 ? ?       ? 
2       'Solution Structure of the SH3 Domain of Src and Identification of its Ligand-Binding Site'                                
Science                 258 1665 ?    1992 SCIEAS US 0036-8075 0038 ? ?       ? 
# 
loop_
_citation_author.citation_id 
_citation_author.name 
_citation_author.ordinal 
_citation_author.identifier_ORCID 
primary 'Feng, S.'         1  ? 
primary 'Chen, J.K.'       2  ? 
primary 'Yu, H.'           3  ? 
primary 'Simon, J.A.'      4  ? 
primary 'Schreiber, S.L.'  5  ? 
1       'Yu, H.'           6  ? 
1       'Chen, J.K.'       7  ? 
1       'Feng, S.'         8  ? 
1       'Dalgarno, D.C.'   9  ? 
1       'Brauer, A.W.'     10 ? 
1       'Schreiber, S.L.'  11 ? 
2       'Yu, H.'           12 ? 
2       'Rosen, M.K.'      13 ? 
2       'Shin, T.B.'       14 ? 
2       'Seidel-Dugan, C.' 15 ? 
2       'Brugge, J.S.'     16 ? 
2       'Schreiber, S.L.'  17 ? 
# 
loop_
_entity.id 
_entity.type 
_entity.src_method 
_entity.pdbx_description 
_entity.formula_weight 
_entity.pdbx_number_of_molecules 
_entity.pdbx_ec 
_entity.pdbx_mutation 
_entity.pdbx_fragment 
_entity.details 
1 polymer man 'C-SRC TYROSINE KINASE SH3 DOMAIN'     7003.641 1 ? ? ? ? 
2 polymer man 'PROLINE-RICH LIGAND RLP2 (RALPPLPRY)' 1084.314 1 ? ? ? ? 
# 
loop_
_entity_poly.entity_id 
_entity_poly.type 
_entity_poly.nstd_linkage 
_entity_poly.nstd_monomer 
_entity_poly.pdbx_seq_one_letter_code 
_entity_poly.pdbx_seq_one_letter_code_can 
_entity_poly.pdbx_strand_id 
_entity_poly.pdbx_target_identifier 
1 'polypeptide(L)' no no GALAGGVTTFVALYDYESRTETDLSFKKGERLQIVNNTEGDWWLAHSLTTGQTGYIPSNYVAPS 
GALAGGVTTFVALYDYESRTETDLSFKKGERLQIVNNTEGDWWLAHSLTTGQTGYIPSNYVAPS C ? 
2 'polypeptide(L)' no no RALPPLPRY                                                        RALPPLPRY R ? 
# 
loop_
_entity_poly_seq.entity_id 
_entity_poly_seq.num 
_entity_poly_seq.mon_id 
_entity_poly_seq.hetero 
1 1  GLY n 
1 2  ALA n 
1 3  LEU n 
1 4  ALA n 
1 5  GLY n 
1 6  GLY n 
1 7  VAL n 
1 8  THR n 
1 9  THR n 
1 10 PHE n 
1 11 VAL n 
1 12 ALA n 
1 13 LEU n 
1 14 TYR n 
1 15 ASP n 
1 16 TYR n 
1 17 GLU n 
1 18 SER n 
1 19 ARG n 
1 20 THR n 
1 21 GLU n 
1 22 THR n 
1 23 ASP n 
1 24 LEU n 
1 25 SER n 
1 26 PHE n 
1 27 LYS n 
1 28 LYS n 
1 29 GLY n 
1 30 GLU n 
1 31 ARG n 
1 32 LEU n 
1 33 GLN n 
1 34 ILE n 
1 35 VAL n 
1 36 ASN n 
1 37 ASN n 
1 38 THR n 
1 39 GLU n 
1 40 GLY n 
1 41 ASP n 
1 42 TRP n 
1 43 TRP n 
1 44 LEU n 
1 45 ALA n 
1 46 HIS n 
1 47 SER n 
1 48 LEU n 
1 49 THR n 
1 50 THR n 
1 51 GLY n 
1 52 GLN n 
1 53 THR n 
1 54 GLY n 
1 55 TYR n 
1 56 ILE n 
1 57 PRO n 
1 58 SER n 
1 59 ASN n 
1 60 TYR n 
1 61 VAL n 
1 62 ALA n 
1 63 PRO n 
1 64 SER n 
2 1  ARG n 
2 2  ALA n 
2 3  LEU n 
2 4  PRO n 
2 5  PRO n 
2 6  LEU n 
2 7  PRO n 
2 8  ARG n 
2 9  TYR n 
# 
_entity_src_gen.entity_id                          1 
_entity_src_gen.pdbx_src_id                        1 
_entity_src_gen.pdbx_alt_source_flag               sample 
_entity_src_gen.pdbx_seq_type                      ? 
_entity_src_gen.pdbx_beg_seq_num                   ? 
_entity_src_gen.pdbx_end_seq_num                   ? 
_entity_src_gen.gene_src_common_name               chicken 
_entity_src_gen.gene_src_genus                     Gallus 
_entity_src_gen.pdbx_gene_src_gene                 'SYNTHETIC OLIGO' 
_entity_src_gen.gene_src_species                   ? 
_entity_src_gen.gene_src_strain                    ? 
_entity_src_gen.gene_src_tissue                    ? 
_entity_src_gen.gene_src_tissue_fraction           ? 
_entity_src_gen.gene_src_details                   ? 
_entity_src_gen.pdbx_gene_src_fragment             ? 
_entity_src_gen.pdbx_gene_src_scientific_name      'Gallus gallus' 
_entity_src_gen.pdbx_gene_src_ncbi_taxonomy_id     9031 
_entity_src_gen.pdbx_gene_src_variant              ? 
_entity_src_gen.pdbx_gene_src_cell_line            ? 
_entity_src_gen.pdbx_gene_src_atcc                 ? 
_entity_src_gen.pdbx_gene_src_organ                ? 
_entity_src_gen.pdbx_gene_src_organelle            ? 
_entity_src_gen.pdbx_gene_src_cell                 ? 
_entity_src_gen.pdbx_gene_src_cellular_location    ? 
_entity_src_gen.host_org_common_name               ? 
_entity_src_gen.pdbx_host_org_scientific_name      'Escherichia coli' 
_entity_src_gen.pdbx_host_org_ncbi_taxonomy_id     562 
_entity_src_gen.host_org_genus                     Escherichia 
_entity_src_gen.pdbx_host_org_gene                 ? 
_entity_src_gen.pdbx_host_org_organ                ? 
_entity_src_gen.host_org_species                   ? 
_entity_src_gen.pdbx_host_org_tissue               ? 
_entity_src_gen.pdbx_host_org_tissue_fraction      ? 
_entity_src_gen.pdbx_host_org_strain               ? 
_entity_src_gen.pdbx_host_org_variant              ? 
_entity_src_gen.pdbx_host_org_cell_line            ? 
_entity_src_gen.pdbx_host_org_atcc                 ? 
_entity_src_gen.pdbx_host_org_culture_collection   ? 
_entity_src_gen.pdbx_host_org_cell                 ? 
_entity_src_gen.pdbx_host_org_organelle            ? 
_entity_src_gen.pdbx_host_org_cellular_location    ? 
_entity_src_gen.pdbx_host_org_vector_type          ? 
_entity_src_gen.pdbx_host_org_vector               ? 
_entity_src_gen.host_org_details                   ? 
_entity_src_gen.expression_system_id               ? 
_entity_src_gen.plasmid_name                       'PGEX-2T GENE: SYNTHETIC OLIGO' 
_entity_src_gen.plasmid_details                    ? 
_entity_src_gen.pdbx_description                   ? 
# 
loop_
_chem_comp.id 
_chem_comp.type 
_chem_comp.mon_nstd_flag 
_chem_comp.name 
_chem_comp.pdbx_synonyms 
_chem_comp.formula 
_chem_comp.formula_weight 
ALA 'L-peptide linking' y ALANINE         ? 'C3 H7 N O2'     89.093  
ARG 'L-peptide linking' y ARGININE        ? 'C6 H15 N4 O2 1' 175.209 
ASN 'L-peptide linking' y ASPARAGINE      ? 'C4 H8 N2 O3'    132.118 
ASP 'L-peptide linking' y 'ASPARTIC ACID' ? 'C4 H7 N O4'     133.103 
GLN 'L-peptide linking' y GLUTAMINE       ? 'C5 H10 N2 O3'   146.144 
GLU 'L-peptide linking' y 'GLUTAMIC ACID' ? 'C5 H9 N O4'     147.129 
GLY 'peptide linking'   y GLYCINE         ? 'C2 H5 N O2'     75.067  
HIS 'L-peptide linking' y HISTIDINE       ? 'C6 H10 N3 O2 1' 156.162 
ILE 'L-peptide linking' y ISOLEUCINE      ? 'C6 H13 N O2'    131.173 
LEU 'L-peptide linking' y LEUCINE         ? 'C6 H13 N O2'    131.173 
LYS 'L-peptide linking' y LYSINE          ? 'C6 H15 N2 O2 1' 147.195 
PHE 'L-peptide linking' y PHENYLALANINE   ? 'C9 H11 N O2'    165.189 
PRO 'L-peptide linking' y PROLINE         ? 'C5 H9 N O2'     115.130 
SER 'L-peptide linking' y SERINE          ? 'C3 H7 N O3'     105.093 
THR 'L-peptide linking' y THREONINE       ? 'C4 H9 N O3'     119.119 
TRP 'L-peptide linking' y TRYPTOPHAN      ? 'C11 H12 N2 O2'  204.225 
TYR 'L-peptide linking' y TYROSINE        ? 'C9 H11 N O3'    181.189 
VAL 'L-peptide linking' y VALINE          ? 'C5 H11 N O2'    117.146 
# 
loop_
_pdbx_poly_seq_scheme.asym_id 
_pdbx_poly_seq_scheme.entity_id 
_pdbx_poly_seq_scheme.seq_id 
_pdbx_poly_seq_scheme.mon_id 
_pdbx_poly_seq_scheme.ndb_seq_num 
_pdbx_poly_seq_scheme.pdb_seq_num 
_pdbx_poly_seq_scheme.auth_seq_num 
_pdbx_poly_seq_scheme.pdb_mon_id 
_pdbx_poly_seq_scheme.auth_mon_id 
_pdbx_poly_seq_scheme.pdb_strand_id 
_pdbx_poly_seq_scheme.pdb_ins_code 
_pdbx_poly_seq_scheme.hetero 
A 1 1  GLY 1  1  ?  ?   ?   C . n 
A 1 2  ALA 2  2  ?  ?   ?   C . n 
A 1 3  LEU 3  3  ?  ?   ?   C . n 
A 1 4  ALA 4  4  ?  ?   ?   C . n 
A 1 5  GLY 5  5  ?  ?   ?   C . n 
A 1 6  GLY 6  6  ?  ?   ?   C . n 
A 1 7  VAL 7  7  ?  ?   ?   C . n 
A 1 8  THR 8  8  ?  ?   ?   C . n 
A 1 9  THR 9  9  9  THR THR C . n 
A 1 10 PHE 10 10 10 PHE PHE C . n 
A 1 11 VAL 11 11 11 VAL VAL C . n 
A 1 12 ALA 12 12 12 ALA ALA C . n 
A 1 13 LEU 13 13 13 LEU LEU C . n 
A 1 14 TYR 14 14 14 TYR TYR C . n 
A 1 15 ASP 15 15 15 ASP ASP C . n 
A 1 16 TYR 16 16 16 TYR TYR C . n 
A 1 17 GLU 17 17 17 GLU GLU C . n 
A 1 18 SER 18 18 18 SER SER C . n 
A 1 19 ARG 19 19 19 ARG ARG C . n 
A 1 20 THR 20 20 20 THR THR C . n 
A 1 21 GLU 21 21 21 GLU GLU C . n 
A 1 22 THR 22 22 22 THR THR C . n 
A 1 23 ASP 23 23 23 ASP ASP C . n 
A 1 24 LEU 24 24 24 LEU LEU C . n 
A 1 25 SER 25 25 25 SER SER C . n 
A 1 26 PHE 26 26 26 PHE PHE C . n 
A 1 27 LYS 27 27 27 LYS LYS C . n 
A 1 28 LYS 28 28 28 LYS LYS C . n 
A 1 29 GLY 29 29 29 GLY GLY C . n 
A 1 30 GLU 30 30 30 GLU GLU C . n 
A 1 31 ARG 31 31 31 ARG ARG C . n 
A 1 32 LEU 32 32 32 LEU LEU C . n 
A 1 33 GLN 33 33 33 GLN GLN C . n 
A 1 34 ILE 34 34 34 ILE ILE C . n 
A 1 35 VAL 35 35 35 VAL VAL C . n 
A 1 36 ASN 36 36 36 ASN ASN C . n 
A 1 37 ASN 37 37 37 ASN ASN C . n 
A 1 38 THR 38 38 38 THR THR C . n 
A 1 39 GLU 39 39 39 GLU GLU C . n 
A 1 40 GLY 40 40 40 GLY GLY C . n 
A 1 41 ASP 41 41 41 ASP ASP C . n 
A 1 42 TRP 42 42 42 TRP TRP C . n 
A 1 43 TRP 43 43 43 TRP TRP C . n 
A 1 44 LEU 44 44 44 LEU LEU C . n 
A 1 45 ALA 45 45 45 ALA ALA C . n 
A 1 46 HIS 46 46 46 HIS HIS C . n 
A 1 47 SER 47 47 47 SER SER C . n 
A 1 48 LEU 48 48 48 LEU LEU C . n 
A 1 49 THR 49 49 49 THR THR C . n 
A 1 50 THR 50 50 50 THR THR C . n 
A 1 51 GLY 51 51 51 GLY GLY C . n 
A 1 52 GLN 52 52 52 GLN GLN C . n 
A 1 53 THR 53 53 53 THR THR C . n 
A 1 54 GLY 54 54 54 GLY GLY C . n 
A 1 55 TYR 55 55 55 TYR TYR C . n 
A 1 56 ILE 56 56 56 ILE ILE C . n 
A 1 57 PRO 57 57 57 PRO PRO C . n 
A 1 58 SER 58 58 58 SER SER C . n 
A 1 59 ASN 59 59 59 ASN ASN C . n 
A 1 60 TYR 60 60 60 TYR TYR C . n 
A 1 61 VAL 61 61 61 VAL VAL C . n 
A 1 62 ALA 62 62 62 ALA ALA C . n 
A 1 63 PRO 63 63 63 PRO PRO C . n 
A 1 64 SER 64 64 64 SER SER C . n 
B 2 1  ARG 1  71 71 ARG ARG R . n 
B 2 2  ALA 2  72 72 ALA ALA R . n 
B 2 3  LEU 3  73 73 LEU LEU R . n 
B 2 4  PRO 4  74 74 PRO PRO R . n 
B 2 5  PRO 5  75 75 PRO PRO R . n 
B 2 6  LEU 6  76 76 LEU LEU R . n 
B 2 7  PRO 7  77 77 PRO PRO R . n 
B 2 8  ARG 8  78 78 ARG ARG R . n 
B 2 9  TYR 9  79 79 TYR TYR R . n 
# 
loop_
_software.name 
_software.classification 
_software.version 
_software.citation_id 
_software.pdbx_ordinal 
X-PLOR 'model building' . ? 1 
X-PLOR refinement       . ? 2 
X-PLOR phasing          . ? 3 
# 
_cell.entry_id           1RLQ 
_cell.length_a           1.000 
_cell.length_b           1.000 
_cell.length_c           1.000 
_cell.angle_alpha        90.00 
_cell.angle_beta         90.00 
_cell.angle_gamma        90.00 
_cell.Z_PDB              1 
_cell.pdbx_unique_axis   ? 
# 
_symmetry.entry_id                         1RLQ 
_symmetry.space_group_name_H-M             'P 1' 
_symmetry.pdbx_full_space_group_name_H-M   ? 
_symmetry.cell_setting                     ? 
_symmetry.Int_Tables_number                1 
# 
_exptl.entry_id          1RLQ 
_exptl.method            'SOLUTION NMR' 
_exptl.crystals_number   ? 
# 
_struct.entry_id                  1RLQ 
_struct.title                     
'TWO BINDING ORIENTATIONS FOR PEPTIDES TO SRC SH3 DOMAIN: DEVELOPMENT OF A GENERAL MODEL FOR SH3-LIGAND INTERACTIONS' 
_struct.pdbx_model_details        ? 
_struct.pdbx_CASP_flag            ? 
_struct.pdbx_model_type_details   ? 
# 
_struct_keywords.entry_id        1RLQ 
_struct_keywords.pdbx_keywords   'COMPLEX (SIGNAL TRANSDUCTION/PEPTIDE)' 
_struct_keywords.text            'COMPLEX (SIGNAL TRANSDUCTION-PEPTIDE), COMPLEX (SIGNAL TRANSDUCTION-PEPTIDE) complex' 
# 
loop_
_struct_asym.id 
_struct_asym.pdbx_blank_PDB_chainid_flag 
_struct_asym.pdbx_modified 
_struct_asym.entity_id 
_struct_asym.details 
A N N 1 ? 
B N N 2 ? 
# 
loop_
_struct_ref.id 
_struct_ref.db_name 
_struct_ref.db_code 
_struct_ref.entity_id 
_struct_ref.pdbx_db_accession 
_struct_ref.pdbx_align_begin 
_struct_ref.pdbx_seq_one_letter_code 
_struct_ref.pdbx_db_isoform 
1 UNP SRC_CHICK 1 P00523 1 
;GSSKSKPKDPSQRRRSLEPPDSTHHGGFPASQTPNKTAAPDTHRTPSRSFGTVATEPKLFGGFNTSDTVTSPQRAGALAG
GVTTFVALYDYESRTETDLSFKKGERLQIVNNTEGDWWLAHSLTTGQTGYIPSNYVAPSDSIQAEEWYFGKITRRESERL
LLNPENPRGTFLVRESETTKGAYCLSVSDFDNAKGLNVKHYKIRKLDSGGFYITSRTQFSSLQQLVAYYSKHADGLCHRL
TNVCPTSKPQTQGLAKDAWEIPRESLRLEVKLGQGCFGEVWMGTWNGTTRVAIKTLKPGTMSPEAFLQEAQVMKKLRHEK
LVQLYAVVSEEPIYIVTEYMSKGSLLDFLKGEMGKYLRLPQLVDMAAQIASGMAYVERMNYVHRDLRAANILVGENLVCK
VADFGLARLIEDNEYTARQGAKFPIKWTAPEAALYGRFTIKSDVWSFGILLTELTTKGRVPYPGMVNREVLDQVERGYRM
PCPPECPESLHDLMCQCWRKDPEERPTFEYLQAFLEDYFTSTEPQYQPGENL
;
? 
2 PDB 1RLQ      2 1RLQ   ? ? ? 
# 
loop_
_struct_ref_seq.align_id 
_struct_ref_seq.ref_id 
_struct_ref_seq.pdbx_PDB_id_code 
_struct_ref_seq.pdbx_strand_id 
_struct_ref_seq.seq_align_beg 
_struct_ref_seq.pdbx_seq_align_beg_ins_code 
_struct_ref_seq.seq_align_end 
_struct_ref_seq.pdbx_seq_align_end_ins_code 
_struct_ref_seq.pdbx_db_accession 
_struct_ref_seq.db_align_beg 
_struct_ref_seq.pdbx_db_align_beg_ins_code 
_struct_ref_seq.db_align_end 
_struct_ref_seq.pdbx_db_align_end_ins_code 
_struct_ref_seq.pdbx_auth_seq_align_beg 
_struct_ref_seq.pdbx_auth_seq_align_end 
1 1 1RLQ C 1 ? 64 ? P00523 76 ? 139 ? 1  64 
2 2 1RLQ R 1 ? 9  ? 1RLQ   71 ? 79  ? 71 79 
# 
_pdbx_struct_assembly.id                   1 
_pdbx_struct_assembly.details              author_defined_assembly 
_pdbx_struct_assembly.method_details       ? 
_pdbx_struct_assembly.oligomeric_details   dimeric 
_pdbx_struct_assembly.oligomeric_count     2 
# 
_pdbx_struct_assembly_gen.assembly_id       1 
_pdbx_struct_assembly_gen.oper_expression   1 
_pdbx_struct_assembly_gen.asym_id_list      A,B 
# 
_pdbx_struct_oper_list.id                   1 
_pdbx_struct_oper_list.type                 'identity operation' 
_pdbx_struct_oper_list.name                 1_555 
_pdbx_struct_oper_list.symmetry_operation   x,y,z 
_pdbx_struct_oper_list.matrix[1][1]         1.0000000000 
_pdbx_struct_oper_list.matrix[1][2]         0.0000000000 
_pdbx_struct_oper_list.matrix[1][3]         0.0000000000 
_pdbx_struct_oper_list.vector[1]            0.0000000000 
_pdbx_struct_oper_list.matrix[2][1]         0.0000000000 
_pdbx_struct_oper_list.matrix[2][2]         1.0000000000 
_pdbx_struct_oper_list.matrix[2][3]         0.0000000000 
_pdbx_struct_oper_list.vector[2]            0.0000000000 
_pdbx_struct_oper_list.matrix[3][1]         0.0000000000 
_pdbx_struct_oper_list.matrix[3][2]         0.0000000000 
_pdbx_struct_oper_list.matrix[3][3]         1.0000000000 
_pdbx_struct_oper_list.vector[3]            0.0000000000 
# 
_struct_biol.id   1 
# 
loop_
_struct_sheet.id 
_struct_sheet.type 
_struct_sheet.number_strands 
_struct_sheet.details 
A ? 2 ? 
B ? 2 ? 
# 
loop_
_struct_sheet_order.sheet_id 
_struct_sheet_order.range_id_1 
_struct_sheet_order.range_id_2 
_struct_sheet_order.offset 
_struct_sheet_order.sense 
A 1 2 ? anti-parallel 
B 1 2 ? anti-parallel 
# 
loop_
_struct_sheet_range.sheet_id 
_struct_sheet_range.id 
_struct_sheet_range.beg_label_comp_id 
_struct_sheet_range.beg_label_asym_id 
_struct_sheet_range.beg_label_seq_id 
_struct_sheet_range.pdbx_beg_PDB_ins_code 
_struct_sheet_range.end_label_comp_id 
_struct_sheet_range.end_label_asym_id 
_struct_sheet_range.end_label_seq_id 
_struct_sheet_range.pdbx_end_PDB_ins_code 
_struct_sheet_range.beg_auth_comp_id 
_struct_sheet_range.beg_auth_asym_id 
_struct_sheet_range.beg_auth_seq_id 
_struct_sheet_range.end_auth_comp_id 
_struct_sheet_range.end_auth_asym_id 
_struct_sheet_range.end_auth_seq_id 
A 1 PHE A 10 ? ALA A 12 ? PHE C 10 ALA C 12 
A 2 VAL A 61 ? PRO A 63 ? VAL C 61 PRO C 63 
B 1 TRP A 43 ? SER A 47 ? TRP C 43 SER C 47 
B 2 GLN A 52 ? ILE A 56 ? GLN C 52 ILE C 56 
# 
loop_
_pdbx_struct_sheet_hbond.sheet_id 
_pdbx_struct_sheet_hbond.range_id_1 
_pdbx_struct_sheet_hbond.range_id_2 
_pdbx_struct_sheet_hbond.range_1_label_atom_id 
_pdbx_struct_sheet_hbond.range_1_label_comp_id 
_pdbx_struct_sheet_hbond.range_1_label_asym_id 
_pdbx_struct_sheet_hbond.range_1_label_seq_id 
_pdbx_struct_sheet_hbond.range_1_PDB_ins_code 
_pdbx_struct_sheet_hbond.range_1_auth_atom_id 
_pdbx_struct_sheet_hbond.range_1_auth_comp_id 
_pdbx_struct_sheet_hbond.range_1_auth_asym_id 
_pdbx_struct_sheet_hbond.range_1_auth_seq_id 
_pdbx_struct_sheet_hbond.range_2_label_atom_id 
_pdbx_struct_sheet_hbond.range_2_label_comp_id 
_pdbx_struct_sheet_hbond.range_2_label_asym_id 
_pdbx_struct_sheet_hbond.range_2_label_seq_id 
_pdbx_struct_sheet_hbond.range_2_PDB_ins_code 
_pdbx_struct_sheet_hbond.range_2_auth_atom_id 
_pdbx_struct_sheet_hbond.range_2_auth_comp_id 
_pdbx_struct_sheet_hbond.range_2_auth_asym_id 
_pdbx_struct_sheet_hbond.range_2_auth_seq_id 
A 1 2 O VAL A 11 ? O VAL C 11 N ALA A 62 ? N ALA C 62 
B 1 2 O TRP A 43 ? O TRP C 43 N ILE A 56 ? N ILE C 56 
# 
loop_
_pdbx_validate_rmsd_bond.id 
_pdbx_validate_rmsd_bond.PDB_model_num 
_pdbx_validate_rmsd_bond.auth_atom_id_1 
_pdbx_validate_rmsd_bond.auth_asym_id_1 
_pdbx_validate_rmsd_bond.auth_comp_id_1 
_pdbx_validate_rmsd_bond.auth_seq_id_1 
_pdbx_validate_rmsd_bond.PDB_ins_code_1 
_pdbx_validate_rmsd_bond.label_alt_id_1 
_pdbx_validate_rmsd_bond.auth_atom_id_2 
_pdbx_validate_rmsd_bond.auth_asym_id_2 
_pdbx_validate_rmsd_bond.auth_comp_id_2 
_pdbx_validate_rmsd_bond.auth_seq_id_2 
_pdbx_validate_rmsd_bond.PDB_ins_code_2 
_pdbx_validate_rmsd_bond.label_alt_id_2 
_pdbx_validate_rmsd_bond.bond_value 
_pdbx_validate_rmsd_bond.bond_target_value 
_pdbx_validate_rmsd_bond.bond_deviation 
_pdbx_validate_rmsd_bond.bond_standard_deviation 
_pdbx_validate_rmsd_bond.linker_flag 
1 1 CG C TRP 42 ? ? CD2 C TRP 42 ? ? 1.330 1.432 -0.102 0.017 N 
2 1 CG C HIS 46 ? ? ND1 C HIS 46 ? ? 1.267 1.369 -0.102 0.015 N 
# 
loop_
_pdbx_validate_rmsd_angle.id 
_pdbx_validate_rmsd_angle.PDB_model_num 
_pdbx_validate_rmsd_angle.auth_atom_id_1 
_pdbx_validate_rmsd_angle.auth_asym_id_1 
_pdbx_validate_rmsd_angle.auth_comp_id_1 
_pdbx_validate_rmsd_angle.auth_seq_id_1 
_pdbx_validate_rmsd_angle.PDB_ins_code_1 
_pdbx_validate_rmsd_angle.label_alt_id_1 
_pdbx_validate_rmsd_angle.auth_atom_id_2 
_pdbx_validate_rmsd_angle.auth_asym_id_2 
_pdbx_validate_rmsd_angle.auth_comp_id_2 
_pdbx_validate_rmsd_angle.auth_seq_id_2 
_pdbx_validate_rmsd_angle.PDB_ins_code_2 
_pdbx_validate_rmsd_angle.label_alt_id_2 
_pdbx_validate_rmsd_angle.auth_atom_id_3 
_pdbx_validate_rmsd_angle.auth_asym_id_3 
_pdbx_validate_rmsd_angle.auth_comp_id_3 
_pdbx_validate_rmsd_angle.auth_seq_id_3 
_pdbx_validate_rmsd_angle.PDB_ins_code_3 
_pdbx_validate_rmsd_angle.label_alt_id_3 
_pdbx_validate_rmsd_angle.angle_value 
_pdbx_validate_rmsd_angle.angle_target_value 
_pdbx_validate_rmsd_angle.angle_deviation 
_pdbx_validate_rmsd_angle.angle_standard_deviation 
_pdbx_validate_rmsd_angle.linker_flag 
1 1 CG  C TRP 42 ? ? CD1 C TRP 42 ? ? NE1 C TRP 42 ? ? 103.58 110.10 -6.52 1.00 N 
2 1 CD1 C TRP 42 ? ? NE1 C TRP 42 ? ? CE2 C TRP 42 ? ? 115.08 109.00 6.08  0.90 N 
3 1 NE1 C TRP 42 ? ? CE2 C TRP 42 ? ? CZ2 C TRP 42 ? ? 139.06 130.40 8.66  1.10 N 
4 1 NE1 C TRP 42 ? ? CE2 C TRP 42 ? ? CD2 C TRP 42 ? ? 100.95 107.30 -6.35 1.00 N 
5 1 CG  C TRP 43 ? ? CD1 C TRP 43 ? ? NE1 C TRP 43 ? ? 103.67 110.10 -6.43 1.00 N 
6 1 CD1 C TRP 43 ? ? NE1 C TRP 43 ? ? CE2 C TRP 43 ? ? 115.01 109.00 6.01  0.90 N 
7 1 NE1 C TRP 43 ? ? CE2 C TRP 43 ? ? CZ2 C TRP 43 ? ? 139.10 130.40 8.70  1.10 N 
8 1 NE1 C TRP 43 ? ? CE2 C TRP 43 ? ? CD2 C TRP 43 ? ? 100.97 107.30 -6.33 1.00 N 
# 
loop_
_pdbx_validate_torsion.id 
_pdbx_validate_torsion.PDB_model_num 
_pdbx_validate_torsion.auth_comp_id 
_pdbx_validate_torsion.auth_asym_id 
_pdbx_validate_torsion.auth_seq_id 
_pdbx_validate_torsion.PDB_ins_code 
_pdbx_validate_torsion.label_alt_id 
_pdbx_validate_torsion.phi 
_pdbx_validate_torsion.psi 
1  1 GLU C 17 ? ? -104.64 57.24  
2  1 SER C 18 ? ? -45.35  153.10 
3  1 VAL C 35 ? ? -112.15 -86.74 
4  1 ASN C 37 ? ? 174.75  129.54 
5  1 THR C 38 ? ? 176.25  34.03  
6  1 GLU C 39 ? ? -147.84 -56.44 
7  1 LEU C 48 ? ? -91.82  30.73  
8  1 THR C 49 ? ? -106.80 -70.26 
9  1 LEU R 76 ? ? -42.72  155.02 
10 1 PRO R 77 ? ? -57.44  95.63  
11 1 ARG R 78 ? ? 5.20    -73.36 
# 
_pdbx_nmr_ensemble.entry_id                             1RLQ 
_pdbx_nmr_ensemble.conformers_calculated_total_number   ? 
_pdbx_nmr_ensemble.conformers_submitted_total_number    1 
_pdbx_nmr_ensemble.conformer_selection_criteria         ? 
# 
_pdbx_nmr_software.classification   refinement 
_pdbx_nmr_software.name             X-PLOR 
_pdbx_nmr_software.version          ? 
_pdbx_nmr_software.authors          BRUNGER 
_pdbx_nmr_software.ordinal          1 
# 
loop_
_pdbx_unobs_or_zero_occ_residues.id 
_pdbx_unobs_or_zero_occ_residues.PDB_model_num 
_pdbx_unobs_or_zero_occ_residues.polymer_flag 
_pdbx_unobs_or_zero_occ_residues.occupancy_flag 
_pdbx_unobs_or_zero_occ_residues.auth_asym_id 
_pdbx_unobs_or_zero_occ_residues.auth_comp_id 
_pdbx_unobs_or_zero_occ_residues.auth_seq_id 
_pdbx_unobs_or_zero_occ_residues.PDB_ins_code 
_pdbx_unobs_or_zero_occ_residues.label_asym_id 
_pdbx_unobs_or_zero_occ_residues.label_comp_id 
_pdbx_unobs_or_zero_occ_residues.label_seq_id 
1 1 Y 1 C GLY 1 ? A GLY 1 
2 1 Y 1 C ALA 2 ? A ALA 2 
3 1 Y 1 C LEU 3 ? A LEU 3 
4 1 Y 1 C ALA 4 ? A ALA 4 
5 1 Y 1 C GLY 5 ? A GLY 5 
6 1 Y 1 C GLY 6 ? A GLY 6 
7 1 Y 1 C VAL 7 ? A VAL 7 
8 1 Y 1 C THR 8 ? A THR 8 
# 
loop_
_chem_comp_atom.comp_id 
_chem_comp_atom.atom_id 
_chem_comp_atom.type_symbol 
_chem_comp_atom.pdbx_aromatic_flag 
_chem_comp_atom.pdbx_stereo_config 
_chem_comp_atom.pdbx_ordinal 
ALA N    N N N 1   
ALA CA   C N S 2   
ALA C    C N N 3   
ALA O    O N N 4   
ALA CB   C N N 5   
ALA OXT  O N N 6   
ALA H    H N N 7   
ALA H2   H N N 8   
ALA HA   H N N 9   
ALA HB1  H N N 10  
ALA HB2  H N N 11  
ALA HB3  H N N 12  
ALA HXT  H N N 13  
ARG N    N N N 14  
ARG CA   C N S 15  
ARG C    C N N 16  
ARG O    O N N 17  
ARG CB   C N N 18  
ARG CG   C N N 19  
ARG CD   C N N 20  
ARG NE   N N N 21  
ARG CZ   C N N 22  
ARG NH1  N N N 23  
ARG NH2  N N N 24  
ARG OXT  O N N 25  
ARG H    H N N 26  
ARG H2   H N N 27  
ARG HA   H N N 28  
ARG HB2  H N N 29  
ARG HB3  H N N 30  
ARG HG2  H N N 31  
ARG HG3  H N N 32  
ARG HD2  H N N 33  
ARG HD3  H N N 34  
ARG HE   H N N 35  
ARG HH11 H N N 36  
ARG HH12 H N N 37  
ARG HH21 H N N 38  
ARG HH22 H N N 39  
ARG HXT  H N N 40  
ASN N    N N N 41  
ASN CA   C N S 42  
ASN C    C N N 43  
ASN O    O N N 44  
ASN CB   C N N 45  
ASN CG   C N N 46  
ASN OD1  O N N 47  
ASN ND2  N N N 48  
ASN OXT  O N N 49  
ASN H    H N N 50  
ASN H2   H N N 51  
ASN HA   H N N 52  
ASN HB2  H N N 53  
ASN HB3  H N N 54  
ASN HD21 H N N 55  
ASN HD22 H N N 56  
ASN HXT  H N N 57  
ASP N    N N N 58  
ASP CA   C N S 59  
ASP C    C N N 60  
ASP O    O N N 61  
ASP CB   C N N 62  
ASP CG   C N N 63  
ASP OD1  O N N 64  
ASP OD2  O N N 65  
ASP OXT  O N N 66  
ASP H    H N N 67  
ASP H2   H N N 68  
ASP HA   H N N 69  
ASP HB2  H N N 70  
ASP HB3  H N N 71  
ASP HD2  H N N 72  
ASP HXT  H N N 73  
GLN N    N N N 74  
GLN CA   C N S 75  
GLN C    C N N 76  
GLN O    O N N 77  
GLN CB   C N N 78  
GLN CG   C N N 79  
GLN CD   C N N 80  
GLN OE1  O N N 81  
GLN NE2  N N N 82  
GLN OXT  O N N 83  
GLN H    H N N 84  
GLN H2   H N N 85  
GLN HA   H N N 86  
GLN HB2  H N N 87  
GLN HB3  H N N 88  
GLN HG2  H N N 89  
GLN HG3  H N N 90  
GLN HE21 H N N 91  
GLN HE22 H N N 92  
GLN HXT  H N N 93  
GLU N    N N N 94  
GLU CA   C N S 95  
GLU C    C N N 96  
GLU O    O N N 97  
GLU CB   C N N 98  
GLU CG   C N N 99  
GLU CD   C N N 100 
GLU OE1  O N N 101 
GLU OE2  O N N 102 
GLU OXT  O N N 103 
GLU H    H N N 104 
GLU H2   H N N 105 
GLU HA   H N N 106 
GLU HB2  H N N 107 
GLU HB3  H N N 108 
GLU HG2  H N N 109 
GLU HG3  H N N 110 
GLU HE2  H N N 111 
GLU HXT  H N N 112 
GLY N    N N N 113 
GLY CA   C N N 114 
GLY C    C N N 115 
GLY O    O N N 116 
GLY OXT  O N N 117 
GLY H    H N N 118 
GLY H2   H N N 119 
GLY HA2  H N N 120 
GLY HA3  H N N 121 
GLY HXT  H N N 122 
HIS N    N N N 123 
HIS CA   C N S 124 
HIS C    C N N 125 
HIS O    O N N 126 
HIS CB   C N N 127 
HIS CG   C Y N 128 
HIS ND1  N Y N 129 
HIS CD2  C Y N 130 
HIS CE1  C Y N 131 
HIS NE2  N Y N 132 
HIS OXT  O N N 133 
HIS H    H N N 134 
HIS H2   H N N 135 
HIS HA   H N N 136 
HIS HB2  H N N 137 
HIS HB3  H N N 138 
HIS HD1  H N N 139 
HIS HD2  H N N 140 
HIS HE1  H N N 141 
HIS HE2  H N N 142 
HIS HXT  H N N 143 
ILE N    N N N 144 
ILE CA   C N S 145 
ILE C    C N N 146 
ILE O    O N N 147 
ILE CB   C N S 148 
ILE CG1  C N N 149 
ILE CG2  C N N 150 
ILE CD1  C N N 151 
ILE OXT  O N N 152 
ILE H    H N N 153 
ILE H2   H N N 154 
ILE HA   H N N 155 
ILE HB   H N N 156 
ILE HG12 H N N 157 
ILE HG13 H N N 158 
ILE HG21 H N N 159 
ILE HG22 H N N 160 
ILE HG23 H N N 161 
ILE HD11 H N N 162 
ILE HD12 H N N 163 
ILE HD13 H N N 164 
ILE HXT  H N N 165 
LEU N    N N N 166 
LEU CA   C N S 167 
LEU C    C N N 168 
LEU O    O N N 169 
LEU CB   C N N 170 
LEU CG   C N N 171 
LEU CD1  C N N 172 
LEU CD2  C N N 173 
LEU OXT  O N N 174 
LEU H    H N N 175 
LEU H2   H N N 176 
LEU HA   H N N 177 
LEU HB2  H N N 178 
LEU HB3  H N N 179 
LEU HG   H N N 180 
LEU HD11 H N N 181 
LEU HD12 H N N 182 
LEU HD13 H N N 183 
LEU HD21 H N N 184 
LEU HD22 H N N 185 
LEU HD23 H N N 186 
LEU HXT  H N N 187 
LYS N    N N N 188 
LYS CA   C N S 189 
LYS C    C N N 190 
LYS O    O N N 191 
LYS CB   C N N 192 
LYS CG   C N N 193 
LYS CD   C N N 194 
LYS CE   C N N 195 
LYS NZ   N N N 196 
LYS OXT  O N N 197 
LYS H    H N N 198 
LYS H2   H N N 199 
LYS HA   H N N 200 
LYS HB2  H N N 201 
LYS HB3  H N N 202 
LYS HG2  H N N 203 
LYS HG3  H N N 204 
LYS HD2  H N N 205 
LYS HD3  H N N 206 
LYS HE2  H N N 207 
LYS HE3  H N N 208 
LYS HZ1  H N N 209 
LYS HZ2  H N N 210 
LYS HZ3  H N N 211 
LYS HXT  H N N 212 
PHE N    N N N 213 
PHE CA   C N S 214 
PHE C    C N N 215 
PHE O    O N N 216 
PHE CB   C N N 217 
PHE CG   C Y N 218 
PHE CD1  C Y N 219 
PHE CD2  C Y N 220 
PHE CE1  C Y N 221 
PHE CE2  C Y N 222 
PHE CZ   C Y N 223 
PHE OXT  O N N 224 
PHE H    H N N 225 
PHE H2   H N N 226 
PHE HA   H N N 227 
PHE HB2  H N N 228 
PHE HB3  H N N 229 
PHE HD1  H N N 230 
PHE HD2  H N N 231 
PHE HE1  H N N 232 
PHE HE2  H N N 233 
PHE HZ   H N N 234 
PHE HXT  H N N 235 
PRO N    N N N 236 
PRO CA   C N S 237 
PRO C    C N N 238 
PRO O    O N N 239 
PRO CB   C N N 240 
PRO CG   C N N 241 
PRO CD   C N N 242 
PRO OXT  O N N 243 
PRO H    H N N 244 
PRO HA   H N N 245 
PRO HB2  H N N 246 
PRO HB3  H N N 247 
PRO HG2  H N N 248 
PRO HG3  H N N 249 
PRO HD2  H N N 250 
PRO HD3  H N N 251 
PRO HXT  H N N 252 
SER N    N N N 253 
SER CA   C N S 254 
SER C    C N N 255 
SER O    O N N 256 
SER CB   C N N 257 
SER OG   O N N 258 
SER OXT  O N N 259 
SER H    H N N 260 
SER H2   H N N 261 
SER HA   H N N 262 
SER HB2  H N N 263 
SER HB3  H N N 264 
SER HG   H N N 265 
SER HXT  H N N 266 
THR N    N N N 267 
THR CA   C N S 268 
THR C    C N N 269 
THR O    O N N 270 
THR CB   C N R 271 
THR OG1  O N N 272 
THR CG2  C N N 273 
THR OXT  O N N 274 
THR H    H N N 275 
THR H2   H N N 276 
THR HA   H N N 277 
THR HB   H N N 278 
THR HG1  H N N 279 
THR HG21 H N N 280 
THR HG22 H N N 281 
THR HG23 H N N 282 
THR HXT  H N N 283 
TRP N    N N N 284 
TRP CA   C N S 285 
TRP C    C N N 286 
TRP O    O N N 287 
TRP CB   C N N 288 
TRP CG   C Y N 289 
TRP CD1  C Y N 290 
TRP CD2  C Y N 291 
TRP NE1  N Y N 292 
TRP CE2  C Y N 293 
TRP CE3  C Y N 294 
TRP CZ2  C Y N 295 
TRP CZ3  C Y N 296 
TRP CH2  C Y N 297 
TRP OXT  O N N 298 
TRP H    H N N 299 
TRP H2   H N N 300 
TRP HA   H N N 301 
TRP HB2  H N N 302 
TRP HB3  H N N 303 
TRP HD1  H N N 304 
TRP HE1  H N N 305 
TRP HE3  H N N 306 
TRP HZ2  H N N 307 
TRP HZ3  H N N 308 
TRP HH2  H N N 309 
TRP HXT  H N N 310 
TYR N    N N N 311 
TYR CA   C N S 312 
TYR C    C N N 313 
TYR O    O N N 314 
TYR CB   C N N 315 
TYR CG   C Y N 316 
TYR CD1  C Y N 317 
TYR CD2  C Y N 318 
TYR CE1  C Y N 319 
TYR CE2  C Y N 320 
TYR CZ   C Y N 321 
TYR OH   O N N 322 
TYR OXT  O N N 323 
TYR H    H N N 324 
TYR H2   H N N 325 
TYR HA   H N N 326 
TYR HB2  H N N 327 
TYR HB3  H N N 328 
TYR HD1  H N N 329 
TYR HD2  H N N 330 
TYR HE1  H N N 331 
TYR HE2  H N N 332 
TYR HH   H N N 333 
TYR HXT  H N N 334 
VAL N    N N N 335 
VAL CA   C N S 336 
VAL C    C N N 337 
VAL O    O N N 338 
VAL CB   C N N 339 
VAL CG1  C N N 340 
VAL CG2  C N N 341 
VAL OXT  O N N 342 
VAL H    H N N 343 
VAL H2   H N N 344 
VAL HA   H N N 345 
VAL HB   H N N 346 
VAL HG11 H N N 347 
VAL HG12 H N N 348 
VAL HG13 H N N 349 
VAL HG21 H N N 350 
VAL HG22 H N N 351 
VAL HG23 H N N 352 
VAL HXT  H N N 353 
# 
loop_
_chem_comp_bond.comp_id 
_chem_comp_bond.atom_id_1 
_chem_comp_bond.atom_id_2 
_chem_comp_bond.value_order 
_chem_comp_bond.pdbx_aromatic_flag 
_chem_comp_bond.pdbx_stereo_config 
_chem_comp_bond.pdbx_ordinal 
ALA N   CA   sing N N 1   
ALA N   H    sing N N 2   
ALA N   H2   sing N N 3   
ALA CA  C    sing N N 4   
ALA CA  CB   sing N N 5   
ALA CA  HA   sing N N 6   
ALA C   O    doub N N 7   
ALA C   OXT  sing N N 8   
ALA CB  HB1  sing N N 9   
ALA CB  HB2  sing N N 10  
ALA CB  HB3  sing N N 11  
ALA OXT HXT  sing N N 12  
ARG N   CA   sing N N 13  
ARG N   H    sing N N 14  
ARG N   H2   sing N N 15  
ARG CA  C    sing N N 16  
ARG CA  CB   sing N N 17  
ARG CA  HA   sing N N 18  
ARG C   O    doub N N 19  
ARG C   OXT  sing N N 20  
ARG CB  CG   sing N N 21  
ARG CB  HB2  sing N N 22  
ARG CB  HB3  sing N N 23  
ARG CG  CD   sing N N 24  
ARG CG  HG2  sing N N 25  
ARG CG  HG3  sing N N 26  
ARG CD  NE   sing N N 27  
ARG CD  HD2  sing N N 28  
ARG CD  HD3  sing N N 29  
ARG NE  CZ   sing N N 30  
ARG NE  HE   sing N N 31  
ARG CZ  NH1  sing N N 32  
ARG CZ  NH2  doub N N 33  
ARG NH1 HH11 sing N N 34  
ARG NH1 HH12 sing N N 35  
ARG NH2 HH21 sing N N 36  
ARG NH2 HH22 sing N N 37  
ARG OXT HXT  sing N N 38  
ASN N   CA   sing N N 39  
ASN N   H    sing N N 40  
ASN N   H2   sing N N 41  
ASN CA  C    sing N N 42  
ASN CA  CB   sing N N 43  
ASN CA  HA   sing N N 44  
ASN C   O    doub N N 45  
ASN C   OXT  sing N N 46  
ASN CB  CG   sing N N 47  
ASN CB  HB2  sing N N 48  
ASN CB  HB3  sing N N 49  
ASN CG  OD1  doub N N 50  
ASN CG  ND2  sing N N 51  
ASN ND2 HD21 sing N N 52  
ASN ND2 HD22 sing N N 53  
ASN OXT HXT  sing N N 54  
ASP N   CA   sing N N 55  
ASP N   H    sing N N 56  
ASP N   H2   sing N N 57  
ASP CA  C    sing N N 58  
ASP CA  CB   sing N N 59  
ASP CA  HA   sing N N 60  
ASP C   O    doub N N 61  
ASP C   OXT  sing N N 62  
ASP CB  CG   sing N N 63  
ASP CB  HB2  sing N N 64  
ASP CB  HB3  sing N N 65  
ASP CG  OD1  doub N N 66  
ASP CG  OD2  sing N N 67  
ASP OD2 HD2  sing N N 68  
ASP OXT HXT  sing N N 69  
GLN N   CA   sing N N 70  
GLN N   H    sing N N 71  
GLN N   H2   sing N N 72  
GLN CA  C    sing N N 73  
GLN CA  CB   sing N N 74  
GLN CA  HA   sing N N 75  
GLN C   O    doub N N 76  
GLN C   OXT  sing N N 77  
GLN CB  CG   sing N N 78  
GLN CB  HB2  sing N N 79  
GLN CB  HB3  sing N N 80  
GLN CG  CD   sing N N 81  
GLN CG  HG2  sing N N 82  
GLN CG  HG3  sing N N 83  
GLN CD  OE1  doub N N 84  
GLN CD  NE2  sing N N 85  
GLN NE2 HE21 sing N N 86  
GLN NE2 HE22 sing N N 87  
GLN OXT HXT  sing N N 88  
GLU N   CA   sing N N 89  
GLU N   H    sing N N 90  
GLU N   H2   sing N N 91  
GLU CA  C    sing N N 92  
GLU CA  CB   sing N N 93  
GLU CA  HA   sing N N 94  
GLU C   O    doub N N 95  
GLU C   OXT  sing N N 96  
GLU CB  CG   sing N N 97  
GLU CB  HB2  sing N N 98  
GLU CB  HB3  sing N N 99  
GLU CG  CD   sing N N 100 
GLU CG  HG2  sing N N 101 
GLU CG  HG3  sing N N 102 
GLU CD  OE1  doub N N 103 
GLU CD  OE2  sing N N 104 
GLU OE2 HE2  sing N N 105 
GLU OXT HXT  sing N N 106 
GLY N   CA   sing N N 107 
GLY N   H    sing N N 108 
GLY N   H2   sing N N 109 
GLY CA  C    sing N N 110 
GLY CA  HA2  sing N N 111 
GLY CA  HA3  sing N N 112 
GLY C   O    doub N N 113 
GLY C   OXT  sing N N 114 
GLY OXT HXT  sing N N 115 
HIS N   CA   sing N N 116 
HIS N   H    sing N N 117 
HIS N   H2   sing N N 118 
HIS CA  C    sing N N 119 
HIS CA  CB   sing N N 120 
HIS CA  HA   sing N N 121 
HIS C   O    doub N N 122 
HIS C   OXT  sing N N 123 
HIS CB  CG   sing N N 124 
HIS CB  HB2  sing N N 125 
HIS CB  HB3  sing N N 126 
HIS CG  ND1  sing Y N 127 
HIS CG  CD2  doub Y N 128 
HIS ND1 CE1  doub Y N 129 
HIS ND1 HD1  sing N N 130 
HIS CD2 NE2  sing Y N 131 
HIS CD2 HD2  sing N N 132 
HIS CE1 NE2  sing Y N 133 
HIS CE1 HE1  sing N N 134 
HIS NE2 HE2  sing N N 135 
HIS OXT HXT  sing N N 136 
ILE N   CA   sing N N 137 
ILE N   H    sing N N 138 
ILE N   H2   sing N N 139 
ILE CA  C    sing N N 140 
ILE CA  CB   sing N N 141 
ILE CA  HA   sing N N 142 
ILE C   O    doub N N 143 
ILE C   OXT  sing N N 144 
ILE CB  CG1  sing N N 145 
ILE CB  CG2  sing N N 146 
ILE CB  HB   sing N N 147 
ILE CG1 CD1  sing N N 148 
ILE CG1 HG12 sing N N 149 
ILE CG1 HG13 sing N N 150 
ILE CG2 HG21 sing N N 151 
ILE CG2 HG22 sing N N 152 
ILE CG2 HG23 sing N N 153 
ILE CD1 HD11 sing N N 154 
ILE CD1 HD12 sing N N 155 
ILE CD1 HD13 sing N N 156 
ILE OXT HXT  sing N N 157 
LEU N   CA   sing N N 158 
LEU N   H    sing N N 159 
LEU N   H2   sing N N 160 
LEU CA  C    sing N N 161 
LEU CA  CB   sing N N 162 
LEU CA  HA   sing N N 163 
LEU C   O    doub N N 164 
LEU C   OXT  sing N N 165 
LEU CB  CG   sing N N 166 
LEU CB  HB2  sing N N 167 
LEU CB  HB3  sing N N 168 
LEU CG  CD1  sing N N 169 
LEU CG  CD2  sing N N 170 
LEU CG  HG   sing N N 171 
LEU CD1 HD11 sing N N 172 
LEU CD1 HD12 sing N N 173 
LEU CD1 HD13 sing N N 174 
LEU CD2 HD21 sing N N 175 
LEU CD2 HD22 sing N N 176 
LEU CD2 HD23 sing N N 177 
LEU OXT HXT  sing N N 178 
LYS N   CA   sing N N 179 
LYS N   H    sing N N 180 
LYS N   H2   sing N N 181 
LYS CA  C    sing N N 182 
LYS CA  CB   sing N N 183 
LYS CA  HA   sing N N 184 
LYS C   O    doub N N 185 
LYS C   OXT  sing N N 186 
LYS CB  CG   sing N N 187 
LYS CB  HB2  sing N N 188 
LYS CB  HB3  sing N N 189 
LYS CG  CD   sing N N 190 
LYS CG  HG2  sing N N 191 
LYS CG  HG3  sing N N 192 
LYS CD  CE   sing N N 193 
LYS CD  HD2  sing N N 194 
LYS CD  HD3  sing N N 195 
LYS CE  NZ   sing N N 196 
LYS CE  HE2  sing N N 197 
LYS CE  HE3  sing N N 198 
LYS NZ  HZ1  sing N N 199 
LYS NZ  HZ2  sing N N 200 
LYS NZ  HZ3  sing N N 201 
LYS OXT HXT  sing N N 202 
PHE N   CA   sing N N 203 
PHE N   H    sing N N 204 
PHE N   H2   sing N N 205 
PHE CA  C    sing N N 206 
PHE CA  CB   sing N N 207 
PHE CA  HA   sing N N 208 
PHE C   O    doub N N 209 
PHE C   OXT  sing N N 210 
PHE CB  CG   sing N N 211 
PHE CB  HB2  sing N N 212 
PHE CB  HB3  sing N N 213 
PHE CG  CD1  doub Y N 214 
PHE CG  CD2  sing Y N 215 
PHE CD1 CE1  sing Y N 216 
PHE CD1 HD1  sing N N 217 
PHE CD2 CE2  doub Y N 218 
PHE CD2 HD2  sing N N 219 
PHE CE1 CZ   doub Y N 220 
PHE CE1 HE1  sing N N 221 
PHE CE2 CZ   sing Y N 222 
PHE CE2 HE2  sing N N 223 
PHE CZ  HZ   sing N N 224 
PHE OXT HXT  sing N N 225 
PRO N   CA   sing N N 226 
PRO N   CD   sing N N 227 
PRO N   H    sing N N 228 
PRO CA  C    sing N N 229 
PRO CA  CB   sing N N 230 
PRO CA  HA   sing N N 231 
PRO C   O    doub N N 232 
PRO C   OXT  sing N N 233 
PRO CB  CG   sing N N 234 
PRO CB  HB2  sing N N 235 
PRO CB  HB3  sing N N 236 
PRO CG  CD   sing N N 237 
PRO CG  HG2  sing N N 238 
PRO CG  HG3  sing N N 239 
PRO CD  HD2  sing N N 240 
PRO CD  HD3  sing N N 241 
PRO OXT HXT  sing N N 242 
SER N   CA   sing N N 243 
SER N   H    sing N N 244 
SER N   H2   sing N N 245 
SER CA  C    sing N N 246 
SER CA  CB   sing N N 247 
SER CA  HA   sing N N 248 
SER C   O    doub N N 249 
SER C   OXT  sing N N 250 
SER CB  OG   sing N N 251 
SER CB  HB2  sing N N 252 
SER CB  HB3  sing N N 253 
SER OG  HG   sing N N 254 
SER OXT HXT  sing N N 255 
THR N   CA   sing N N 256 
THR N   H    sing N N 257 
THR N   H2   sing N N 258 
THR CA  C    sing N N 259 
THR CA  CB   sing N N 260 
THR CA  HA   sing N N 261 
THR C   O    doub N N 262 
THR C   OXT  sing N N 263 
THR CB  OG1  sing N N 264 
THR CB  CG2  sing N N 265 
THR CB  HB   sing N N 266 
THR OG1 HG1  sing N N 267 
THR CG2 HG21 sing N N 268 
THR CG2 HG22 sing N N 269 
THR CG2 HG23 sing N N 270 
THR OXT HXT  sing N N 271 
TRP N   CA   sing N N 272 
TRP N   H    sing N N 273 
TRP N   H2   sing N N 274 
TRP CA  C    sing N N 275 
TRP CA  CB   sing N N 276 
TRP CA  HA   sing N N 277 
TRP C   O    doub N N 278 
TRP C   OXT  sing N N 279 
TRP CB  CG   sing N N 280 
TRP CB  HB2  sing N N 281 
TRP CB  HB3  sing N N 282 
TRP CG  CD1  doub Y N 283 
TRP CG  CD2  sing Y N 284 
TRP CD1 NE1  sing Y N 285 
TRP CD1 HD1  sing N N 286 
TRP CD2 CE2  doub Y N 287 
TRP CD2 CE3  sing Y N 288 
TRP NE1 CE2  sing Y N 289 
TRP NE1 HE1  sing N N 290 
TRP CE2 CZ2  sing Y N 291 
TRP CE3 CZ3  doub Y N 292 
TRP CE3 HE3  sing N N 293 
TRP CZ2 CH2  doub Y N 294 
TRP CZ2 HZ2  sing N N 295 
TRP CZ3 CH2  sing Y N 296 
TRP CZ3 HZ3  sing N N 297 
TRP CH2 HH2  sing N N 298 
TRP OXT HXT  sing N N 299 
TYR N   CA   sing N N 300 
TYR N   H    sing N N 301 
TYR N   H2   sing N N 302 
TYR CA  C    sing N N 303 
TYR CA  CB   sing N N 304 
TYR CA  HA   sing N N 305 
TYR C   O    doub N N 306 
TYR C   OXT  sing N N 307 
TYR CB  CG   sing N N 308 
TYR CB  HB2  sing N N 309 
TYR CB  HB3  sing N N 310 
TYR CG  CD1  doub Y N 311 
TYR CG  CD2  sing Y N 312 
TYR CD1 CE1  sing Y N 313 
TYR CD1 HD1  sing N N 314 
TYR CD2 CE2  doub Y N 315 
TYR CD2 HD2  sing N N 316 
TYR CE1 CZ   doub Y N 317 
TYR CE1 HE1  sing N N 318 
TYR CE2 CZ   sing Y N 319 
TYR CE2 HE2  sing N N 320 
TYR CZ  OH   sing N N 321 
TYR OH  HH   sing N N 322 
TYR OXT HXT  sing N N 323 
VAL N   CA   sing N N 324 
VAL N   H    sing N N 325 
VAL N   H2   sing N N 326 
VAL CA  C    sing N N 327 
VAL CA  CB   sing N N 328 
VAL CA  HA   sing N N 329 
VAL C   O    doub N N 330 
VAL C   OXT  sing N N 331 
VAL CB  CG1  sing N N 332 
VAL CB  CG2  sing N N 333 
VAL CB  HB   sing N N 334 
VAL CG1 HG11 sing N N 335 
VAL CG1 HG12 sing N N 336 
VAL CG1 HG13 sing N N 337 
VAL CG2 HG21 sing N N 338 
VAL CG2 HG22 sing N N 339 
VAL CG2 HG23 sing N N 340 
VAL OXT HXT  sing N N 341 
# 
_atom_sites.entry_id                    1RLQ 
_atom_sites.fract_transf_matrix[1][1]   1.000000 
_atom_sites.fract_transf_matrix[1][2]   0.000000 
_atom_sites.fract_transf_matrix[1][3]   0.000000 
_atom_sites.fract_transf_matrix[2][1]   0.000000 
_atom_sites.fract_transf_matrix[2][2]   1.000000 
_atom_sites.fract_transf_matrix[2][3]   0.000000 
_atom_sites.fract_transf_matrix[3][1]   0.000000 
_atom_sites.fract_transf_matrix[3][2]   0.000000 
_atom_sites.fract_transf_matrix[3][3]   1.000000 
_atom_sites.fract_transf_vector[1]      0.00000 
_atom_sites.fract_transf_vector[2]      0.00000 
_atom_sites.fract_transf_vector[3]      0.00000 
# 
loop_
_atom_type.symbol 
C 
H 
N 
O 
# 
loop_
_atom_site.group_PDB 
_atom_site.id 
_atom_site.type_symbol 
_atom_site.label_atom_id 
_atom_site.label_alt_id 
_atom_site.label_comp_id 
_atom_site.label_asym_id 
_atom_site.label_entity_id 
_atom_site.label_seq_id 
_atom_site.pdbx_PDB_ins_code 
_atom_site.Cartn_x 
_atom_site.Cartn_y 
_atom_site.Cartn_z 
_atom_site.occupancy 
_atom_site.B_iso_or_equiv 
_atom_site.pdbx_formal_charge 
_atom_site.auth_seq_id 
_atom_site.auth_comp_id 
_atom_site.auth_asym_id 
_atom_site.auth_atom_id 
_atom_site.pdbx_PDB_model_num 
ATOM 1    N N    . THR A 1 9  ? -7.614  5.097   -8.277  1.00 0.91  ? 9  THR C N    1 
ATOM 2    C CA   . THR A 1 9  ? -7.410  3.627   -8.412  1.00 0.80  ? 9  THR C CA   1 
ATOM 3    C C    . THR A 1 9  ? -5.920  3.332   -8.594  1.00 0.59  ? 9  THR C C    1 
ATOM 4    O O    . THR A 1 9  ? -5.408  3.336   -9.697  1.00 0.73  ? 9  THR C O    1 
ATOM 5    C CB   . THR A 1 9  ? -8.181  3.114   -9.630  1.00 1.14  ? 9  THR C CB   1 
ATOM 6    O OG1  . THR A 1 9  ? -9.477  3.696   -9.647  1.00 1.49  ? 9  THR C OG1  1 
ATOM 7    C CG2  . THR A 1 9  ? -8.304  1.592   -9.553  1.00 1.32  ? 9  THR C CG2  1 
ATOM 8    H HA   . THR A 1 9  ? -7.769  3.130   -7.522  1.00 0.90  ? 9  THR C HA   1 
ATOM 9    H HB   . THR A 1 9  ? -7.653  3.383   -10.530 1.00 1.32  ? 9  THR C HB   1 
ATOM 10   H HG1  . THR A 1 9  ? -9.867  3.526   -10.508 1.00 1.90  ? 9  THR C HG1  1 
ATOM 11   H HG21 . THR A 1 9  ? -7.326  1.160   -9.402  1.00 1.87  ? 9  THR C HG21 1 
ATOM 12   H HG22 . THR A 1 9  ? -8.948  1.323   -8.730  1.00 1.61  ? 9  THR C HG22 1 
ATOM 13   H HG23 . THR A 1 9  ? -8.723  1.218   -10.476 1.00 1.70  ? 9  THR C HG23 1 
ATOM 14   N N    . PHE A 1 10 ? -5.217  3.077   -7.525  1.00 0.45  ? 10 PHE C N    1 
ATOM 15   C CA   . PHE A 1 10 ? -3.762  2.784   -7.644  1.00 0.32  ? 10 PHE C CA   1 
ATOM 16   C C    . PHE A 1 10 ? -3.554  1.269   -7.730  1.00 0.35  ? 10 PHE C C    1 
ATOM 17   O O    . PHE A 1 10 ? -4.482  0.498   -7.584  1.00 0.42  ? 10 PHE C O    1 
ATOM 18   C CB   . PHE A 1 10 ? -3.028  3.331   -6.420  1.00 0.38  ? 10 PHE C CB   1 
ATOM 19   C CG   . PHE A 1 10 ? -2.753  4.824   -6.612  1.00 0.34  ? 10 PHE C CG   1 
ATOM 20   C CD1  . PHE A 1 10 ? -3.795  5.700   -6.858  1.00 1.21  ? 10 PHE C CD1  1 
ATOM 21   C CD2  . PHE A 1 10 ? -1.462  5.316   -6.543  1.00 1.24  ? 10 PHE C CD2  1 
ATOM 22   C CE1  . PHE A 1 10 ? -3.549  7.046   -7.031  1.00 1.21  ? 10 PHE C CE1  1 
ATOM 23   C CE2  . PHE A 1 10 ? -1.218  6.664   -6.717  1.00 1.27  ? 10 PHE C CE2  1 
ATOM 24   C CZ   . PHE A 1 10 ? -2.261  7.528   -6.961  1.00 0.45  ? 10 PHE C CZ   1 
ATOM 25   H H    . PHE A 1 10 ? -5.647  3.079   -6.643  1.00 0.61  ? 10 PHE C H    1 
ATOM 26   H HA   . PHE A 1 10 ? -3.372  3.250   -8.536  1.00 0.37  ? 10 PHE C HA   1 
ATOM 27   H HB2  . PHE A 1 10 ? -3.635  3.186   -5.540  1.00 0.50  ? 10 PHE C HB2  1 
ATOM 28   H HB3  . PHE A 1 10 ? -2.092  2.809   -6.302  1.00 0.49  ? 10 PHE C HB3  1 
ATOM 29   H HD1  . PHE A 1 10 ? -4.807  5.327   -6.914  1.00 2.11  ? 10 PHE C HD1  1 
ATOM 30   H HD2  . PHE A 1 10 ? -0.641  4.643   -6.349  1.00 2.14  ? 10 PHE C HD2  1 
ATOM 31   H HE1  . PHE A 1 10 ? -4.368  7.724   -7.222  1.00 2.11  ? 10 PHE C HE1  1 
ATOM 32   H HE2  . PHE A 1 10 ? -0.207  7.040   -6.661  1.00 2.17  ? 10 PHE C HE2  1 
ATOM 33   H HZ   . PHE A 1 10 ? -2.069  8.582   -7.095  1.00 0.53  ? 10 PHE C HZ   1 
ATOM 34   N N    . VAL A 1 11 ? -2.343  0.833   -7.960  1.00 0.39  ? 11 VAL C N    1 
ATOM 35   C CA   . VAL A 1 11 ? -2.088  -0.634  -8.053  1.00 0.46  ? 11 VAL C CA   1 
ATOM 36   C C    . VAL A 1 11 ? -0.844  -0.995  -7.236  1.00 0.43  ? 11 VAL C C    1 
ATOM 37   O O    . VAL A 1 11 ? 0.146   -0.292  -7.251  1.00 0.52  ? 11 VAL C O    1 
ATOM 38   C CB   . VAL A 1 11 ? -1.862  -1.020  -9.515  1.00 0.53  ? 11 VAL C CB   1 
ATOM 39   C CG1  . VAL A 1 11 ? -1.746  -2.541  -9.624  1.00 0.78  ? 11 VAL C CG1  1 
ATOM 40   C CG2  . VAL A 1 11 ? -3.043  -0.537  -10.359 1.00 0.62  ? 11 VAL C CG2  1 
ATOM 41   H H    . VAL A 1 11 ? -1.603  1.470   -8.068  1.00 0.43  ? 11 VAL C H    1 
ATOM 42   H HA   . VAL A 1 11 ? -2.940  -1.172  -7.667  1.00 0.52  ? 11 VAL C HA   1 
ATOM 43   H HB   . VAL A 1 11 ? -0.952  -0.562  -9.872  1.00 0.62  ? 11 VAL C HB   1 
ATOM 44   H HG11 . VAL A 1 11 ? -1.332  -2.937  -8.709  1.00 1.32  ? 11 VAL C HG11 1 
ATOM 45   H HG12 . VAL A 1 11 ? -2.724  -2.966  -9.791  1.00 1.22  ? 11 VAL C HG12 1 
ATOM 46   H HG13 . VAL A 1 11 ? -1.098  -2.794  -10.451 1.00 1.40  ? 11 VAL C HG13 1 
ATOM 47   H HG21 . VAL A 1 11 ? -3.294  0.476   -10.081 1.00 1.19  ? 11 VAL C HG21 1 
ATOM 48   H HG22 . VAL A 1 11 ? -2.774  -0.567  -11.404 1.00 1.27  ? 11 VAL C HG22 1 
ATOM 49   H HG23 . VAL A 1 11 ? -3.894  -1.179  -10.188 1.00 1.19  ? 11 VAL C HG23 1 
ATOM 50   N N    . ALA A 1 12 ? -0.884  -2.093  -6.532  1.00 0.43  ? 12 ALA C N    1 
ATOM 51   C CA   . ALA A 1 12 ? 0.295   -2.497  -5.716  1.00 0.41  ? 12 ALA C CA   1 
ATOM 52   C C    . ALA A 1 12 ? 1.432   -2.943  -6.639  1.00 0.42  ? 12 ALA C C    1 
ATOM 53   O O    . ALA A 1 12 ? 1.419   -4.030  -7.180  1.00 0.78  ? 12 ALA C O    1 
ATOM 54   C CB   . ALA A 1 12 ? -0.094  -3.653  -4.792  1.00 0.49  ? 12 ALA C CB   1 
ATOM 55   H H    . ALA A 1 12 ? -1.689  -2.652  -6.541  1.00 0.51  ? 12 ALA C H    1 
ATOM 56   H HA   . ALA A 1 12 ? 0.625   -1.658  -5.122  1.00 0.41  ? 12 ALA C HA   1 
ATOM 57   H HB1  . ALA A 1 12 ? -0.831  -4.272  -5.282  1.00 1.12  ? 12 ALA C HB1  1 
ATOM 58   H HB2  . ALA A 1 12 ? 0.781   -4.245  -4.567  1.00 1.10  ? 12 ALA C HB2  1 
ATOM 59   H HB3  . ALA A 1 12 ? -0.507  -3.258  -3.876  1.00 1.14  ? 12 ALA C HB3  1 
ATOM 60   N N    . LEU A 1 13 ? 2.416   -2.107  -6.822  1.00 0.41  ? 13 LEU C N    1 
ATOM 61   C CA   . LEU A 1 13 ? 3.557   -2.473  -7.706  1.00 0.48  ? 13 LEU C CA   1 
ATOM 62   C C    . LEU A 1 13 ? 4.453   -3.483  -6.993  1.00 0.46  ? 13 LEU C C    1 
ATOM 63   O O    . LEU A 1 13 ? 5.195   -4.217  -7.615  1.00 0.67  ? 13 LEU C O    1 
ATOM 64   C CB   . LEU A 1 13 ? 4.380   -1.223  -8.017  1.00 0.58  ? 13 LEU C CB   1 
ATOM 65   C CG   . LEU A 1 13 ? 3.670   -0.381  -9.076  1.00 0.61  ? 13 LEU C CG   1 
ATOM 66   C CD1  . LEU A 1 13 ? 4.516   0.856   -9.377  1.00 0.73  ? 13 LEU C CD1  1 
ATOM 67   C CD2  . LEU A 1 13 ? 3.498   -1.206  -10.352 1.00 0.69  ? 13 LEU C CD2  1 
ATOM 68   H H    . LEU A 1 13 ? 2.403   -1.233  -6.378  1.00 0.67  ? 13 LEU C H    1 
ATOM 69   H HA   . LEU A 1 13 ? 3.186   -2.900  -8.625  1.00 0.55  ? 13 LEU C HA   1 
ATOM 70   H HB2  . LEU A 1 13 ? 4.501   -0.639  -7.118  1.00 0.70  ? 13 LEU C HB2  1 
ATOM 71   H HB3  . LEU A 1 13 ? 5.352   -1.517  -8.387  1.00 0.70  ? 13 LEU C HB3  1 
ATOM 72   H HG   . LEU A 1 13 ? 2.701   -0.077  -8.708  1.00 0.74  ? 13 LEU C HG   1 
ATOM 73   H HD11 . LEU A 1 13 ? 4.660   1.422   -8.466  1.00 1.20  ? 13 LEU C HD11 1 
ATOM 74   H HD12 . LEU A 1 13 ? 5.476   0.550   -9.766  1.00 1.28  ? 13 LEU C HD12 1 
ATOM 75   H HD13 . LEU A 1 13 ? 4.011   1.469   -10.110 1.00 1.31  ? 13 LEU C HD13 1 
ATOM 76   H HD21 . LEU A 1 13 ? 4.285   -1.943  -10.412 1.00 1.23  ? 13 LEU C HD21 1 
ATOM 77   H HD22 . LEU A 1 13 ? 2.539   -1.704  -10.333 1.00 1.26  ? 13 LEU C HD22 1 
ATOM 78   H HD23 . LEU A 1 13 ? 3.549   -0.554  -11.211 1.00 1.17  ? 13 LEU C HD23 1 
ATOM 79   N N    . TYR A 1 14 ? 4.397   -3.526  -5.690  1.00 0.41  ? 14 TYR C N    1 
ATOM 80   C CA   . TYR A 1 14 ? 5.254   -4.491  -4.948  1.00 0.47  ? 14 TYR C CA   1 
ATOM 81   C C    . TYR A 1 14 ? 4.430   -5.237  -3.897  1.00 0.45  ? 14 TYR C C    1 
ATOM 82   O O    . TYR A 1 14 ? 3.396   -4.774  -3.459  1.00 0.54  ? 14 TYR C O    1 
ATOM 83   C CB   . TYR A 1 14 ? 6.376   -3.723  -4.263  1.00 0.54  ? 14 TYR C CB   1 
ATOM 84   C CG   . TYR A 1 14 ? 7.235   -3.050  -5.330  1.00 0.51  ? 14 TYR C CG   1 
ATOM 85   C CD1  . TYR A 1 14 ? 6.702   -2.065  -6.130  1.00 1.22  ? 14 TYR C CD1  1 
ATOM 86   C CD2  . TYR A 1 14 ? 8.546   -3.425  -5.513  1.00 1.39  ? 14 TYR C CD2  1 
ATOM 87   C CE1  . TYR A 1 14 ? 7.467   -1.460  -7.103  1.00 1.31  ? 14 TYR C CE1  1 
ATOM 88   C CE2  . TYR A 1 14 ? 9.317   -2.820  -6.486  1.00 1.52  ? 14 TYR C CE2  1 
ATOM 89   C CZ   . TYR A 1 14 ? 8.782   -1.832  -7.289  1.00 0.93  ? 14 TYR C CZ   1 
ATOM 90   O OH   . TYR A 1 14 ? 9.550   -1.229  -8.265  1.00 1.22  ? 14 TYR C OH   1 
ATOM 91   H H    . TYR A 1 14 ? 3.793   -2.924  -5.202  1.00 0.50  ? 14 TYR C H    1 
ATOM 92   H HA   . TYR A 1 14 ? 5.683   -5.194  -5.642  1.00 0.56  ? 14 TYR C HA   1 
ATOM 93   H HB2  . TYR A 1 14 ? 5.952   -2.973  -3.618  1.00 0.67  ? 14 TYR C HB2  1 
ATOM 94   H HB3  . TYR A 1 14 ? 6.982   -4.402  -3.682  1.00 0.71  ? 14 TYR C HB3  1 
ATOM 95   H HD1  . TYR A 1 14 ? 5.674   -1.771  -5.995  1.00 2.08  ? 14 TYR C HD1  1 
ATOM 96   H HD2  . TYR A 1 14 ? 8.967   -4.206  -4.900  1.00 2.24  ? 14 TYR C HD2  1 
ATOM 97   H HE1  . TYR A 1 14 ? 7.030   -0.695  -7.728  1.00 2.16  ? 14 TYR C HE1  1 
ATOM 98   H HE2  . TYR A 1 14 ? 10.347  -3.118  -6.616  1.00 2.41  ? 14 TYR C HE2  1 
ATOM 99   H HH   . TYR A 1 14 ? 10.262  -1.829  -8.496  1.00 1.52  ? 14 TYR C HH   1 
ATOM 100  N N    . ASP A 1 15 ? 4.886   -6.390  -3.487  1.00 0.43  ? 15 ASP C N    1 
ATOM 101  C CA   . ASP A 1 15 ? 4.136   -7.172  -2.464  1.00 0.46  ? 15 ASP C CA   1 
ATOM 102  C C    . ASP A 1 15 ? 4.438   -6.598  -1.079  1.00 0.44  ? 15 ASP C C    1 
ATOM 103  O O    . ASP A 1 15 ? 5.496   -6.817  -0.524  1.00 0.55  ? 15 ASP C O    1 
ATOM 104  C CB   . ASP A 1 15 ? 4.573   -8.639  -2.517  1.00 0.57  ? 15 ASP C CB   1 
ATOM 105  C CG   . ASP A 1 15 ? 4.978   -9.006  -3.946  1.00 1.53  ? 15 ASP C CG   1 
ATOM 106  O OD1  . ASP A 1 15 ? 4.114   -8.993  -4.807  1.00 2.30  ? 15 ASP C OD1  1 
ATOM 107  O OD2  . ASP A 1 15 ? 6.145   -9.295  -4.155  1.00 2.24  ? 15 ASP C OD2  1 
ATOM 108  H H    . ASP A 1 15 ? 5.725   -6.741  -3.852  1.00 0.48  ? 15 ASP C H    1 
ATOM 109  H HA   . ASP A 1 15 ? 3.077   -7.103  -2.661  1.00 0.47  ? 15 ASP C HA   1 
ATOM 110  H HB2  . ASP A 1 15 ? 5.415   -8.788  -1.856  1.00 1.17  ? 15 ASP C HB2  1 
ATOM 111  H HB3  . ASP A 1 15 ? 3.755   -9.269  -2.204  1.00 1.18  ? 15 ASP C HB3  1 
ATOM 112  N N    . TYR A 1 16 ? 3.517   -5.866  -0.514  1.00 0.41  ? 16 TYR C N    1 
ATOM 113  C CA   . TYR A 1 16 ? 3.760   -5.282  0.835   1.00 0.41  ? 16 TYR C CA   1 
ATOM 114  C C    . TYR A 1 16 ? 3.471   -6.331  1.910   1.00 0.46  ? 16 TYR C C    1 
ATOM 115  O O    . TYR A 1 16 ? 2.362   -6.809  2.042   1.00 0.45  ? 16 TYR C O    1 
ATOM 116  C CB   . TYR A 1 16 ? 2.846   -4.073  1.043   1.00 0.38  ? 16 TYR C CB   1 
ATOM 117  C CG   . TYR A 1 16 ? 3.120   -3.452  2.416   1.00 0.37  ? 16 TYR C CG   1 
ATOM 118  C CD1  . TYR A 1 16 ? 4.358   -3.586  3.013   1.00 0.86  ? 16 TYR C CD1  1 
ATOM 119  C CD2  . TYR A 1 16 ? 2.132   -2.752  3.079   1.00 0.89  ? 16 TYR C CD2  1 
ATOM 120  C CE1  . TYR A 1 16 ? 4.603   -3.027  4.251   1.00 0.85  ? 16 TYR C CE1  1 
ATOM 121  C CE2  . TYR A 1 16 ? 2.378   -2.194  4.318   1.00 0.93  ? 16 TYR C CE2  1 
ATOM 122  C CZ   . TYR A 1 16 ? 3.616   -2.327  4.913   1.00 0.43  ? 16 TYR C CZ   1 
ATOM 123  O OH   . TYR A 1 16 ? 3.862   -1.768  6.150   1.00 0.48  ? 16 TYR C OH   1 
ATOM 124  H H    . TYR A 1 16 ? 2.668   -5.703  -0.975  1.00 0.47  ? 16 TYR C H    1 
ATOM 125  H HA   . TYR A 1 16 ? 4.791   -4.971  0.907   1.00 0.44  ? 16 TYR C HA   1 
ATOM 126  H HB2  . TYR A 1 16 ? 3.038   -3.339  0.273   1.00 0.40  ? 16 TYR C HB2  1 
ATOM 127  H HB3  . TYR A 1 16 ? 1.815   -4.388  0.991   1.00 0.40  ? 16 TYR C HB3  1 
ATOM 128  H HD1  . TYR A 1 16 ? 5.142   -4.129  2.508   1.00 1.45  ? 16 TYR C HD1  1 
ATOM 129  H HD2  . TYR A 1 16 ? 1.159   -2.640  2.625   1.00 1.47  ? 16 TYR C HD2  1 
ATOM 130  H HE1  . TYR A 1 16 ? 5.576   -3.141  4.706   1.00 1.42  ? 16 TYR C HE1  1 
ATOM 131  H HE2  . TYR A 1 16 ? 1.596   -1.650  4.824   1.00 1.53  ? 16 TYR C HE2  1 
ATOM 132  H HH   . TYR A 1 16 ? 3.637   -2.418  6.819   1.00 0.90  ? 16 TYR C HH   1 
ATOM 133  N N    . GLU A 1 17 ? 4.461   -6.689  2.680   1.00 0.56  ? 17 GLU C N    1 
ATOM 134  C CA   . GLU A 1 17 ? 4.248   -7.706  3.748   1.00 0.65  ? 17 GLU C CA   1 
ATOM 135  C C    . GLU A 1 17 ? 4.193   -7.005  5.107   1.00 0.77  ? 17 GLU C C    1 
ATOM 136  O O    . GLU A 1 17 ? 4.956   -7.304  6.004   1.00 0.91  ? 17 GLU C O    1 
ATOM 137  C CB   . GLU A 1 17 ? 5.401   -8.711  3.737   1.00 0.74  ? 17 GLU C CB   1 
ATOM 138  C CG   . GLU A 1 17 ? 4.884   -10.072 3.270   1.00 1.72  ? 17 GLU C CG   1 
ATOM 139  C CD   . GLU A 1 17 ? 6.050   -11.060 3.187   1.00 2.10  ? 17 GLU C CD   1 
ATOM 140  O OE1  . GLU A 1 17 ? 7.163   -10.658 3.483   1.00 2.54  ? 17 GLU C OE1  1 
ATOM 141  O OE2  . GLU A 1 17 ? 5.809   -12.201 2.829   1.00 2.60  ? 17 GLU C OE2  1 
ATOM 142  H H    . GLU A 1 17 ? 5.346   -6.288  2.558   1.00 0.61  ? 17 GLU C H    1 
ATOM 143  H HA   . GLU A 1 17 ? 3.316   -8.223  3.572   1.00 0.67  ? 17 GLU C HA   1 
ATOM 144  H HB2  . GLU A 1 17 ? 6.170   -8.366  3.061   1.00 1.07  ? 17 GLU C HB2  1 
ATOM 145  H HB3  . GLU A 1 17 ? 5.809   -8.801  4.732   1.00 1.36  ? 17 GLU C HB3  1 
ATOM 146  H HG2  . GLU A 1 17 ? 4.151   -10.439 3.973   1.00 2.37  ? 17 GLU C HG2  1 
ATOM 147  H HG3  . GLU A 1 17 ? 4.429   -9.970  2.296   1.00 2.31  ? 17 GLU C HG3  1 
ATOM 148  N N    . SER A 1 18 ? 3.294   -6.072  5.265   1.00 0.82  ? 18 SER C N    1 
ATOM 149  C CA   . SER A 1 18 ? 3.186   -5.348  6.562   1.00 1.01  ? 18 SER C CA   1 
ATOM 150  C C    . SER A 1 18 ? 3.244   -6.349  7.716   1.00 1.07  ? 18 SER C C    1 
ATOM 151  O O    . SER A 1 18 ? 2.883   -7.501  7.573   1.00 1.08  ? 18 SER C O    1 
ATOM 152  C CB   . SER A 1 18 ? 1.857   -4.593  6.612   1.00 1.13  ? 18 SER C CB   1 
ATOM 153  O OG   . SER A 1 18 ? 1.494   -4.364  7.966   1.00 1.89  ? 18 SER C OG   1 
ATOM 154  H H    . SER A 1 18 ? 2.690   -5.847  4.526   1.00 0.81  ? 18 SER C H    1 
ATOM 155  H HA   . SER A 1 18 ? 4.001   -4.647  6.652   1.00 1.13  ? 18 SER C HA   1 
ATOM 156  H HB2  . SER A 1 18 ? 1.960   -3.647  6.102   1.00 1.47  ? 18 SER C HB2  1 
ATOM 157  H HB3  . SER A 1 18 ? 1.090   -5.180  6.130   1.00 1.42  ? 18 SER C HB3  1 
ATOM 158  H HG   . SER A 1 18 ? 0.863   -5.039  8.223   1.00 2.33  ? 18 SER C HG   1 
ATOM 159  N N    . ARG A 1 19 ? 3.695   -5.918  8.862   1.00 1.22  ? 19 ARG C N    1 
ATOM 160  C CA   . ARG A 1 19 ? 3.778   -6.841  10.028  1.00 1.35  ? 19 ARG C CA   1 
ATOM 161  C C    . ARG A 1 19 ? 2.985   -6.254  11.196  1.00 1.36  ? 19 ARG C C    1 
ATOM 162  O O    . ARG A 1 19 ? 3.045   -6.742  12.308  1.00 1.61  ? 19 ARG C O    1 
ATOM 163  C CB   . ARG A 1 19 ? 5.241   -7.014  10.442  1.00 1.61  ? 19 ARG C CB   1 
ATOM 164  C CG   . ARG A 1 19 ? 5.963   -7.896  9.421   1.00 1.87  ? 19 ARG C CG   1 
ATOM 165  C CD   . ARG A 1 19 ? 7.303   -7.257  9.052   1.00 2.55  ? 19 ARG C CD   1 
ATOM 166  N NE   . ARG A 1 19 ? 8.403   -8.231  9.300   1.00 3.13  ? 19 ARG C NE   1 
ATOM 167  C CZ   . ARG A 1 19 ? 9.639   -7.816  9.374   1.00 3.72  ? 19 ARG C CZ   1 
ATOM 168  N NH1  . ARG A 1 19 ? 9.915   -6.546  9.238   1.00 3.99  ? 19 ARG C NH1  1 
ATOM 169  N NH2  . ARG A 1 19 ? 10.601  -8.672  9.588   1.00 4.48  ? 19 ARG C NH2  1 
ATOM 170  H H    . ARG A 1 19 ? 3.977   -4.984  8.957   1.00 1.31  ? 19 ARG C H    1 
ATOM 171  H HA   . ARG A 1 19 ? 3.364   -7.802  9.757   1.00 1.36  ? 19 ARG C HA   1 
ATOM 172  H HB2  . ARG A 1 19 ? 5.720   -6.047  10.482  1.00 1.67  ? 19 ARG C HB2  1 
ATOM 173  H HB3  . ARG A 1 19 ? 5.287   -7.480  11.415  1.00 1.92  ? 19 ARG C HB3  1 
ATOM 174  H HG2  . ARG A 1 19 ? 6.136   -8.873  9.848   1.00 2.18  ? 19 ARG C HG2  1 
ATOM 175  H HG3  . ARG A 1 19 ? 5.354   -7.993  8.534   1.00 2.13  ? 19 ARG C HG3  1 
ATOM 176  H HD2  . ARG A 1 19 ? 7.294   -6.981  8.009   1.00 2.89  ? 19 ARG C HD2  1 
ATOM 177  H HD3  . ARG A 1 19 ? 7.460   -6.375  9.656   1.00 3.03  ? 19 ARG C HD3  1 
ATOM 178  H HE   . ARG A 1 19 ? 8.199   -9.183  9.405   1.00 3.43  ? 19 ARG C HE   1 
ATOM 179  H HH11 . ARG A 1 19 ? 9.180   -5.888  9.076   1.00 3.76  ? 19 ARG C HH11 1 
ATOM 180  H HH12 . ARG A 1 19 ? 10.863  -6.232  9.296   1.00 4.68  ? 19 ARG C HH12 1 
ATOM 181  H HH21 . ARG A 1 19 ? 10.390  -9.644  9.695   1.00 4.70  ? 19 ARG C HH21 1 
ATOM 182  H HH22 . ARG A 1 19 ? 11.548  -8.356  9.645   1.00 5.04  ? 19 ARG C HH22 1 
ATOM 183  N N    . THR A 1 20 ? 2.243   -5.208  10.954  1.00 1.33  ? 20 THR C N    1 
ATOM 184  C CA   . THR A 1 20 ? 1.448   -4.590  12.051  1.00 1.46  ? 20 THR C CA   1 
ATOM 185  C C    . THR A 1 20 ? -0.042  -4.822  11.793  1.00 1.19  ? 20 THR C C    1 
ATOM 186  O O    . THR A 1 20 ? -0.438  -5.260  10.730  1.00 1.22  ? 20 THR C O    1 
ATOM 187  C CB   . THR A 1 20 ? 1.730   -3.086  12.099  1.00 1.77  ? 20 THR C CB   1 
ATOM 188  O OG1  . THR A 1 20 ? 1.783   -2.574  10.774  1.00 2.31  ? 20 THR C OG1  1 
ATOM 189  C CG2  . THR A 1 20 ? 3.067   -2.838  12.798  1.00 2.45  ? 20 THR C CG2  1 
ATOM 190  H H    . THR A 1 20 ? 2.208   -4.830  10.052  1.00 1.38  ? 20 THR C H    1 
ATOM 191  H HA   . THR A 1 20 ? 1.724   -5.038  12.993  1.00 1.84  ? 20 THR C HA   1 
ATOM 192  H HB   . THR A 1 20 ? 0.944   -2.588  12.646  1.00 2.13  ? 20 THR C HB   1 
ATOM 193  H HG1  . THR A 1 20 ? 1.093   -1.913  10.685  1.00 2.77  ? 20 THR C HG1  1 
ATOM 194  H HG21 . THR A 1 20 ? 3.634   -3.756  12.828  1.00 2.72  ? 20 THR C HG21 1 
ATOM 195  H HG22 . THR A 1 20 ? 3.623   -2.088  12.255  1.00 2.80  ? 20 THR C HG22 1 
ATOM 196  H HG23 . THR A 1 20 ? 2.888   -2.493  13.807  1.00 3.07  ? 20 THR C HG23 1 
ATOM 197  N N    . GLU A 1 21 ? -0.872  -4.532  12.756  1.00 1.37  ? 21 GLU C N    1 
ATOM 198  C CA   . GLU A 1 21 ? -2.335  -4.736  12.568  1.00 1.52  ? 21 GLU C CA   1 
ATOM 199  C C    . GLU A 1 21 ? -2.965  -3.463  11.998  1.00 1.33  ? 21 GLU C C    1 
ATOM 200  O O    . GLU A 1 21 ? -4.166  -3.376  11.833  1.00 1.84  ? 21 GLU C O    1 
ATOM 201  C CB   . GLU A 1 21 ? -2.977  -5.060  13.917  1.00 2.07  ? 21 GLU C CB   1 
ATOM 202  C CG   . GLU A 1 21 ? -2.952  -6.574  14.143  1.00 2.42  ? 21 GLU C CG   1 
ATOM 203  C CD   . GLU A 1 21 ? -3.395  -6.881  15.574  1.00 3.02  ? 21 GLU C CD   1 
ATOM 204  O OE1  . GLU A 1 21 ? -3.970  -6.003  16.197  1.00 3.47  ? 21 GLU C OE1  1 
ATOM 205  O OE2  . GLU A 1 21 ? -3.153  -7.989  16.024  1.00 3.53  ? 21 GLU C OE2  1 
ATOM 206  H H    . GLU A 1 21 ? -0.533  -4.178  13.604  1.00 1.65  ? 21 GLU C H    1 
ATOM 207  H HA   . GLU A 1 21 ? -2.500  -5.556  11.884  1.00 1.62  ? 21 GLU C HA   1 
ATOM 208  H HB2  . GLU A 1 21 ? -2.424  -4.570  14.705  1.00 2.24  ? 21 GLU C HB2  1 
ATOM 209  H HB3  . GLU A 1 21 ? -3.998  -4.712  13.923  1.00 2.80  ? 21 GLU C HB3  1 
ATOM 210  H HG2  . GLU A 1 21 ? -3.624  -7.053  13.446  1.00 2.58  ? 21 GLU C HG2  1 
ATOM 211  H HG3  . GLU A 1 21 ? -1.950  -6.945  13.989  1.00 2.94  ? 21 GLU C HG3  1 
ATOM 212  N N    . THR A 1 22 ? -2.168  -2.474  11.697  1.00 0.98  ? 22 THR C N    1 
ATOM 213  C CA   . THR A 1 22 ? -2.729  -1.211  11.140  1.00 0.93  ? 22 THR C CA   1 
ATOM 214  C C    . THR A 1 22 ? -2.619  -1.227  9.614   1.00 0.87  ? 22 THR C C    1 
ATOM 215  O O    . THR A 1 22 ? -3.606  -1.147  8.910   1.00 1.36  ? 22 THR C O    1 
ATOM 216  C CB   . THR A 1 22 ? -1.946  -0.017  11.693  1.00 0.98  ? 22 THR C CB   1 
ATOM 217  O OG1  . THR A 1 22 ? -0.956  -0.483  12.598  1.00 1.17  ? 22 THR C OG1  1 
ATOM 218  C CG2  . THR A 1 22 ? -2.901  0.932   12.420  1.00 1.21  ? 22 THR C CG2  1 
ATOM 219  H H    . THR A 1 22 ? -1.202  -2.561  11.838  1.00 1.20  ? 22 THR C H    1 
ATOM 220  H HA   . THR A 1 22 ? -3.767  -1.123  11.425  1.00 1.05  ? 22 THR C HA   1 
ATOM 221  H HB   . THR A 1 22 ? -1.472  0.509   10.880  1.00 1.11  ? 22 THR C HB   1 
ATOM 222  H HG1  . THR A 1 22 ? -0.493  0.281   12.950  1.00 1.60  ? 22 THR C HG1  1 
ATOM 223  H HG21 . THR A 1 22 ? -3.897  0.514   12.416  1.00 1.51  ? 22 THR C HG21 1 
ATOM 224  H HG22 . THR A 1 22 ? -2.569  1.063   13.440  1.00 1.80  ? 22 THR C HG22 1 
ATOM 225  H HG23 . THR A 1 22 ? -2.909  1.888   11.918  1.00 1.52  ? 22 THR C HG23 1 
ATOM 226  N N    . ASP A 1 23 ? -1.426  -1.328  9.095   1.00 0.60  ? 23 ASP C N    1 
ATOM 227  C CA   . ASP A 1 23 ? -1.261  -1.348  7.613   1.00 0.50  ? 23 ASP C CA   1 
ATOM 228  C C    . ASP A 1 23 ? -1.662  -2.720  7.067   1.00 0.58  ? 23 ASP C C    1 
ATOM 229  O O    . ASP A 1 23 ? -1.309  -3.745  7.617   1.00 0.72  ? 23 ASP C O    1 
ATOM 230  C CB   . ASP A 1 23 ? 0.201   -1.069  7.259   1.00 0.51  ? 23 ASP C CB   1 
ATOM 231  C CG   . ASP A 1 23 ? 0.773   -0.022  8.215   1.00 0.67  ? 23 ASP C CG   1 
ATOM 232  O OD1  . ASP A 1 23 ? 0.094   0.963   8.459   1.00 1.48  ? 23 ASP C OD1  1 
ATOM 233  O OD2  . ASP A 1 23 ? 1.880   -0.220  8.687   1.00 1.03  ? 23 ASP C OD2  1 
ATOM 234  H H    . ASP A 1 23 ? -0.641  -1.392  9.677   1.00 0.87  ? 23 ASP C H    1 
ATOM 235  H HA   . ASP A 1 23 ? -1.891  -0.587  7.172   1.00 0.49  ? 23 ASP C HA   1 
ATOM 236  H HB2  . ASP A 1 23 ? 0.771   -1.982  7.344   1.00 0.62  ? 23 ASP C HB2  1 
ATOM 237  H HB3  . ASP A 1 23 ? 0.262   -0.701  6.245   1.00 0.53  ? 23 ASP C HB3  1 
ATOM 238  N N    . LEU A 1 24 ? -2.395  -2.749  5.988   1.00 0.61  ? 24 LEU C N    1 
ATOM 239  C CA   . LEU A 1 24 ? -2.818  -4.055  5.408   1.00 0.74  ? 24 LEU C CA   1 
ATOM 240  C C    . LEU A 1 24 ? -1.769  -4.529  4.401   1.00 0.67  ? 24 LEU C C    1 
ATOM 241  O O    . LEU A 1 24 ? -1.345  -3.787  3.537   1.00 1.00  ? 24 LEU C O    1 
ATOM 242  C CB   . LEU A 1 24 ? -4.161  -3.891  4.695   1.00 0.90  ? 24 LEU C CB   1 
ATOM 243  C CG   . LEU A 1 24 ? -5.245  -3.546  5.718   1.00 0.85  ? 24 LEU C CG   1 
ATOM 244  C CD1  . LEU A 1 24 ? -6.559  -3.254  4.991   1.00 1.43  ? 24 LEU C CD1  1 
ATOM 245  C CD2  . LEU A 1 24 ? -5.441  -4.727  6.670   1.00 1.39  ? 24 LEU C CD2  1 
ATOM 246  H H    . LEU A 1 24 ? -2.668  -1.910  5.559   1.00 0.62  ? 24 LEU C H    1 
ATOM 247  H HA   . LEU A 1 24 ? -2.914  -4.785  6.197   1.00 0.84  ? 24 LEU C HA   1 
ATOM 248  H HB2  . LEU A 1 24 ? -4.088  -3.097  3.968   1.00 1.01  ? 24 LEU C HB2  1 
ATOM 249  H HB3  . LEU A 1 24 ? -4.418  -4.814  4.196   1.00 1.25  ? 24 LEU C HB3  1 
ATOM 250  H HG   . LEU A 1 24 ? -4.943  -2.676  6.281   1.00 1.15  ? 24 LEU C HG   1 
ATOM 251  H HD11 . LEU A 1 24 ? -6.700  -3.973  4.198   1.00 2.04  ? 24 LEU C HD11 1 
ATOM 252  H HD12 . LEU A 1 24 ? -7.380  -3.324  5.689   1.00 1.93  ? 24 LEU C HD12 1 
ATOM 253  H HD13 . LEU A 1 24 ? -6.527  -2.259  4.573   1.00 1.73  ? 24 LEU C HD13 1 
ATOM 254  H HD21 . LEU A 1 24 ? -5.635  -5.623  6.099   1.00 1.92  ? 24 LEU C HD21 1 
ATOM 255  H HD22 . LEU A 1 24 ? -4.548  -4.863  7.262   1.00 1.76  ? 24 LEU C HD22 1 
ATOM 256  H HD23 . LEU A 1 24 ? -6.278  -4.528  7.324   1.00 1.94  ? 24 LEU C HD23 1 
ATOM 257  N N    . SER A 1 25 ? -1.347  -5.758  4.503   1.00 0.57  ? 25 SER C N    1 
ATOM 258  C CA   . SER A 1 25 ? -0.327  -6.275  3.549   1.00 0.53  ? 25 SER C CA   1 
ATOM 259  C C    . SER A 1 25 ? -1.016  -6.680  2.246   1.00 0.54  ? 25 SER C C    1 
ATOM 260  O O    . SER A 1 25 ? -2.079  -7.268  2.255   1.00 0.67  ? 25 SER C O    1 
ATOM 261  C CB   . SER A 1 25 ? 0.372   -7.491  4.157   1.00 0.63  ? 25 SER C CB   1 
ATOM 262  O OG   . SER A 1 25 ? -0.097  -7.693  5.482   1.00 0.74  ? 25 SER C OG   1 
ATOM 263  H H    . SER A 1 25 ? -1.702  -6.342  5.205   1.00 0.79  ? 25 SER C H    1 
ATOM 264  H HA   . SER A 1 25 ? 0.402   -5.503  3.346   1.00 0.47  ? 25 SER C HA   1 
ATOM 265  H HB2  . SER A 1 25 ? 0.156   -8.366  3.562   1.00 0.68  ? 25 SER C HB2  1 
ATOM 266  H HB3  . SER A 1 25 ? 1.438   -7.323  4.175   1.00 0.63  ? 25 SER C HB3  1 
ATOM 267  H HG   . SER A 1 25 ? 0.263   -8.524  5.801   1.00 1.01  ? 25 SER C HG   1 
ATOM 268  N N    . PHE A 1 26 ? -0.424  -6.374  1.126   1.00 0.45  ? 26 PHE C N    1 
ATOM 269  C CA   . PHE A 1 26 ? -1.055  -6.747  -0.171  1.00 0.47  ? 26 PHE C CA   1 
ATOM 270  C C    . PHE A 1 26 ? -0.007  -7.351  -1.104  1.00 0.46  ? 26 PHE C C    1 
ATOM 271  O O    . PHE A 1 26 ? 1.159   -7.444  -0.772  1.00 0.45  ? 26 PHE C O    1 
ATOM 272  C CB   . PHE A 1 26 ? -1.659  -5.504  -0.826  1.00 0.44  ? 26 PHE C CB   1 
ATOM 273  C CG   . PHE A 1 26 ? -0.630  -4.373  -0.826  1.00 0.36  ? 26 PHE C CG   1 
ATOM 274  C CD1  . PHE A 1 26 ? 0.258   -4.239  -1.876  1.00 1.17  ? 26 PHE C CD1  1 
ATOM 275  C CD2  . PHE A 1 26 ? -0.580  -3.468  0.218   1.00 1.24  ? 26 PHE C CD2  1 
ATOM 276  C CE1  . PHE A 1 26 ? 1.184   -3.215  -1.882  1.00 1.19  ? 26 PHE C CE1  1 
ATOM 277  C CE2  . PHE A 1 26 ? 0.347   -2.445  0.212   1.00 1.24  ? 26 PHE C CE2  1 
ATOM 278  C CZ   . PHE A 1 26 ? 1.228   -2.319  -0.838  1.00 0.41  ? 26 PHE C CZ   1 
ATOM 279  H H    . PHE A 1 26 ? 0.436   -5.902  1.136   1.00 0.44  ? 26 PHE C H    1 
ATOM 280  H HA   . PHE A 1 26 ? -1.836  -7.472  0.008   1.00 0.53  ? 26 PHE C HA   1 
ATOM 281  H HB2  . PHE A 1 26 ? -1.938  -5.735  -1.844  1.00 0.49  ? 26 PHE C HB2  1 
ATOM 282  H HB3  . PHE A 1 26 ? -2.534  -5.196  -0.275  1.00 0.50  ? 26 PHE C HB3  1 
ATOM 283  H HD1  . PHE A 1 26 ? 0.225   -4.940  -2.698  1.00 2.06  ? 26 PHE C HD1  1 
ATOM 284  H HD2  . PHE A 1 26 ? -1.270  -3.564  1.043   1.00 2.13  ? 26 PHE C HD2  1 
ATOM 285  H HE1  . PHE A 1 26 ? 1.875   -3.118  -2.707  1.00 2.07  ? 26 PHE C HE1  1 
ATOM 286  H HE2  . PHE A 1 26 ? 0.379   -1.741  1.031   1.00 2.13  ? 26 PHE C HE2  1 
ATOM 287  H HZ   . PHE A 1 26 ? 1.953   -1.518  -0.843  1.00 0.50  ? 26 PHE C HZ   1 
ATOM 288  N N    . LYS A 1 27 ? -0.417  -7.757  -2.273  1.00 0.49  ? 27 LYS C N    1 
ATOM 289  C CA   . LYS A 1 27 ? 0.547   -8.357  -3.238  1.00 0.51  ? 27 LYS C CA   1 
ATOM 290  C C    . LYS A 1 27 ? 0.525   -7.556  -4.542  1.00 0.48  ? 27 LYS C C    1 
ATOM 291  O O    . LYS A 1 27 ? -0.219  -6.607  -4.687  1.00 0.58  ? 27 LYS C O    1 
ATOM 292  C CB   . LYS A 1 27 ? 0.147   -9.805  -3.525  1.00 0.61  ? 27 LYS C CB   1 
ATOM 293  C CG   . LYS A 1 27 ? 0.727   -10.718 -2.443  1.00 1.52  ? 27 LYS C CG   1 
ATOM 294  C CD   . LYS A 1 27 ? 0.913   -12.128 -3.010  1.00 1.96  ? 27 LYS C CD   1 
ATOM 295  C CE   . LYS A 1 27 ? -0.432  -12.663 -3.502  1.00 2.35  ? 27 LYS C CE   1 
ATOM 296  N NZ   . LYS A 1 27 ? -0.252  -14.044 -4.035  1.00 2.79  ? 27 LYS C NZ   1 
ATOM 297  H H    . LYS A 1 27 ? -1.362  -7.664  -2.518  1.00 0.52  ? 27 LYS C H    1 
ATOM 298  H HA   . LYS A 1 27 ? 1.541   -8.333  -2.816  1.00 0.54  ? 27 LYS C HA   1 
ATOM 299  H HB2  . LYS A 1 27 ? -0.929  -9.888  -3.528  1.00 0.93  ? 27 LYS C HB2  1 
ATOM 300  H HB3  . LYS A 1 27 ? 0.533   -10.101 -4.489  1.00 0.95  ? 27 LYS C HB3  1 
ATOM 301  H HG2  . LYS A 1 27 ? 1.682   -10.331 -2.120  1.00 2.02  ? 27 LYS C HG2  1 
ATOM 302  H HG3  . LYS A 1 27 ? 0.050   -10.756 -1.603  1.00 2.08  ? 27 LYS C HG3  1 
ATOM 303  H HD2  . LYS A 1 27 ? 1.610   -12.094 -3.835  1.00 2.50  ? 27 LYS C HD2  1 
ATOM 304  H HD3  . LYS A 1 27 ? 1.300   -12.777 -2.239  1.00 2.33  ? 27 LYS C HD3  1 
ATOM 305  H HE2  . LYS A 1 27 ? -1.134  -12.684 -2.681  1.00 2.70  ? 27 LYS C HE2  1 
ATOM 306  H HE3  . LYS A 1 27 ? -0.812  -12.023 -4.284  1.00 2.78  ? 27 LYS C HE3  1 
ATOM 307  H HZ1  . LYS A 1 27 ? 0.689   -14.127 -4.469  1.00 3.03  ? 27 LYS C HZ1  1 
ATOM 308  H HZ2  . LYS A 1 27 ? -0.336  -14.730 -3.257  1.00 2.96  ? 27 LYS C HZ2  1 
ATOM 309  H HZ3  . LYS A 1 27 ? -0.981  -14.238 -4.750  1.00 3.31  ? 27 LYS C HZ3  1 
ATOM 310  N N    . LYS A 1 28 ? 1.335   -7.933  -5.492  1.00 0.49  ? 28 LYS C N    1 
ATOM 311  C CA   . LYS A 1 28 ? 1.362   -7.195  -6.786  1.00 0.51  ? 28 LYS C CA   1 
ATOM 312  C C    . LYS A 1 28 ? 0.143   -7.595  -7.624  1.00 0.52  ? 28 LYS C C    1 
ATOM 313  O O    . LYS A 1 28 ? -0.203  -8.756  -7.719  1.00 0.71  ? 28 LYS C O    1 
ATOM 314  C CB   . LYS A 1 28 ? 2.649   -7.544  -7.542  1.00 0.57  ? 28 LYS C CB   1 
ATOM 315  C CG   . LYS A 1 28 ? 2.514   -7.146  -9.014  1.00 0.69  ? 28 LYS C CG   1 
ATOM 316  C CD   . LYS A 1 28 ? 3.855   -7.351  -9.723  1.00 1.38  ? 28 LYS C CD   1 
ATOM 317  C CE   . LYS A 1 28 ? 3.707   -8.434  -10.795 1.00 1.77  ? 28 LYS C CE   1 
ATOM 318  N NZ   . LYS A 1 28 ? 4.986   -8.568  -11.546 1.00 2.29  ? 28 LYS C NZ   1 
ATOM 319  H H    . LYS A 1 28 ? 1.927   -8.703  -5.355  1.00 0.58  ? 28 LYS C H    1 
ATOM 320  H HA   . LYS A 1 28 ? 1.333   -6.133  -6.594  1.00 0.54  ? 28 LYS C HA   1 
ATOM 321  H HB2  . LYS A 1 28 ? 3.479   -7.010  -7.102  1.00 0.66  ? 28 LYS C HB2  1 
ATOM 322  H HB3  . LYS A 1 28 ? 2.829   -8.607  -7.473  1.00 0.56  ? 28 LYS C HB3  1 
ATOM 323  H HG2  . LYS A 1 28 ? 1.760   -7.760  -9.485  1.00 1.04  ? 28 LYS C HG2  1 
ATOM 324  H HG3  . LYS A 1 28 ? 2.226   -6.107  -9.082  1.00 1.24  ? 28 LYS C HG3  1 
ATOM 325  H HD2  . LYS A 1 28 ? 4.162   -6.425  -10.186 1.00 2.14  ? 28 LYS C HD2  1 
ATOM 326  H HD3  . LYS A 1 28 ? 4.599   -7.657  -9.002  1.00 1.89  ? 28 LYS C HD3  1 
ATOM 327  H HE2  . LYS A 1 28 ? 3.465   -9.375  -10.324 1.00 2.37  ? 28 LYS C HE2  1 
ATOM 328  H HE3  . LYS A 1 28 ? 2.915   -8.159  -11.477 1.00 2.10  ? 28 LYS C HE3  1 
ATOM 329  H HZ1  . LYS A 1 28 ? 5.298   -7.630  -11.868 1.00 2.68  ? 28 LYS C HZ1  1 
ATOM 330  H HZ2  . LYS A 1 28 ? 5.711   -8.981  -10.925 1.00 2.71  ? 28 LYS C HZ2  1 
ATOM 331  H HZ3  . LYS A 1 28 ? 4.841   -9.186  -12.370 1.00 2.62  ? 28 LYS C HZ3  1 
ATOM 332  N N    . GLY A 1 29 ? -0.508  -6.641  -8.231  1.00 0.55  ? 29 GLY C N    1 
ATOM 333  C CA   . GLY A 1 29 ? -1.702  -6.964  -9.061  1.00 0.64  ? 29 GLY C CA   1 
ATOM 334  C C    . GLY A 1 29 ? -2.972  -6.649  -8.269  1.00 0.58  ? 29 GLY C C    1 
ATOM 335  O O    . GLY A 1 29 ? -4.063  -6.643  -8.804  1.00 0.64  ? 29 GLY C O    1 
ATOM 336  H H    . GLY A 1 29 ? -0.210  -5.711  -8.142  1.00 0.67  ? 29 GLY C H    1 
ATOM 337  H HA2  . GLY A 1 29 ? -1.685  -6.371  -9.963  1.00 0.72  ? 29 GLY C HA2  1 
ATOM 338  H HA3  . GLY A 1 29 ? -1.689  -8.012  -9.318  1.00 0.73  ? 29 GLY C HA3  1 
ATOM 339  N N    . GLU A 1 30 ? -2.840  -6.387  -6.998  1.00 0.58  ? 30 GLU C N    1 
ATOM 340  C CA   . GLU A 1 30 ? -4.041  -6.073  -6.174  1.00 0.57  ? 30 GLU C CA   1 
ATOM 341  C C    . GLU A 1 30 ? -4.348  -4.577  -6.267  1.00 0.47  ? 30 GLU C C    1 
ATOM 342  O O    . GLU A 1 30 ? -3.481  -3.744  -6.094  1.00 0.50  ? 30 GLU C O    1 
ATOM 343  C CB   . GLU A 1 30 ? -3.770  -6.449  -4.716  1.00 0.66  ? 30 GLU C CB   1 
ATOM 344  C CG   . GLU A 1 30 ? -4.958  -6.023  -3.851  1.00 0.74  ? 30 GLU C CG   1 
ATOM 345  C CD   . GLU A 1 30 ? -5.123  -7.008  -2.692  1.00 1.07  ? 30 GLU C CD   1 
ATOM 346  O OE1  . GLU A 1 30 ? -4.120  -7.533  -2.239  1.00 1.55  ? 30 GLU C OE1  1 
ATOM 347  O OE2  . GLU A 1 30 ? -6.251  -7.220  -2.278  1.00 1.73  ? 30 GLU C OE2  1 
ATOM 348  H H    . GLU A 1 30 ? -1.951  -6.399  -6.585  1.00 0.65  ? 30 GLU C H    1 
ATOM 349  H HA   . GLU A 1 30 ? -4.886  -6.637  -6.540  1.00 0.64  ? 30 GLU C HA   1 
ATOM 350  H HB2  . GLU A 1 30 ? -3.635  -7.519  -4.639  1.00 0.77  ? 30 GLU C HB2  1 
ATOM 351  H HB3  . GLU A 1 30 ? -2.877  -5.948  -4.374  1.00 0.66  ? 30 GLU C HB3  1 
ATOM 352  H HG2  . GLU A 1 30 ? -4.780  -5.032  -3.459  1.00 1.16  ? 30 GLU C HG2  1 
ATOM 353  H HG3  . GLU A 1 30 ? -5.856  -6.017  -4.451  1.00 0.98  ? 30 GLU C HG3  1 
ATOM 354  N N    . ARG A 1 31 ? -5.576  -4.231  -6.540  1.00 0.53  ? 31 ARG C N    1 
ATOM 355  C CA   . ARG A 1 31 ? -5.938  -2.790  -6.643  1.00 0.51  ? 31 ARG C CA   1 
ATOM 356  C C    . ARG A 1 31 ? -6.196  -2.227  -5.244  1.00 0.48  ? 31 ARG C C    1 
ATOM 357  O O    . ARG A 1 31 ? -6.601  -2.936  -4.345  1.00 0.61  ? 31 ARG C O    1 
ATOM 358  C CB   . ARG A 1 31 ? -7.203  -2.641  -7.493  1.00 0.61  ? 31 ARG C CB   1 
ATOM 359  C CG   . ARG A 1 31 ? -7.105  -3.547  -8.721  1.00 0.90  ? 31 ARG C CG   1 
ATOM 360  C CD   . ARG A 1 31 ? -8.445  -3.546  -9.462  1.00 1.38  ? 31 ARG C CD   1 
ATOM 361  N NE   . ARG A 1 31 ? -8.266  -4.138  -10.817 1.00 1.88  ? 31 ARG C NE   1 
ATOM 362  C CZ   . ARG A 1 31 ? -7.694  -3.446  -11.766 1.00 2.67  ? 31 ARG C CZ   1 
ATOM 363  N NH1  . ARG A 1 31 ? -7.281  -2.228  -11.533 1.00 3.15  ? 31 ARG C NH1  1 
ATOM 364  N NH2  . ARG A 1 31 ? -7.539  -3.969  -12.951 1.00 3.46  ? 31 ARG C NH2  1 
ATOM 365  H H    . ARG A 1 31 ? -6.259  -4.920  -6.678  1.00 0.68  ? 31 ARG C H    1 
ATOM 366  H HA   . ARG A 1 31 ? -5.127  -2.247  -7.107  1.00 0.52  ? 31 ARG C HA   1 
ATOM 367  H HB2  . ARG A 1 31 ? -8.065  -2.922  -6.906  1.00 0.81  ? 31 ARG C HB2  1 
ATOM 368  H HB3  . ARG A 1 31 ? -7.304  -1.614  -7.811  1.00 0.76  ? 31 ARG C HB3  1 
ATOM 369  H HG2  . ARG A 1 31 ? -6.331  -3.181  -9.379  1.00 1.27  ? 31 ARG C HG2  1 
ATOM 370  H HG3  . ARG A 1 31 ? -6.867  -4.553  -8.410  1.00 1.36  ? 31 ARG C HG3  1 
ATOM 371  H HD2  . ARG A 1 31 ? -9.164  -4.131  -8.906  1.00 2.11  ? 31 ARG C HD2  1 
ATOM 372  H HD3  . ARG A 1 31 ? -8.803  -2.532  -9.556  1.00 1.78  ? 31 ARG C HD3  1 
ATOM 373  H HE   . ARG A 1 31 ? -8.575  -5.049  -10.998 1.00 2.19  ? 31 ARG C HE   1 
ATOM 374  H HH11 . ARG A 1 31 ? -7.402  -1.822  -10.627 1.00 3.01  ? 31 ARG C HH11 1 
ATOM 375  H HH12 . ARG A 1 31 ? -6.843  -1.701  -12.261 1.00 3.93  ? 31 ARG C HH12 1 
ATOM 376  H HH21 . ARG A 1 31 ? -7.858  -4.900  -13.131 1.00 3.64  ? 31 ARG C HH21 1 
ATOM 377  H HH22 . ARG A 1 31 ? -7.101  -3.441  -13.678 1.00 4.12  ? 31 ARG C HH22 1 
ATOM 378  N N    . LEU A 1 32 ? -5.963  -0.957  -5.052  1.00 0.41  ? 32 LEU C N    1 
ATOM 379  C CA   . LEU A 1 32 ? -6.196  -0.351  -3.710  1.00 0.44  ? 32 LEU C CA   1 
ATOM 380  C C    . LEU A 1 32 ? -6.816  1.037   -3.880  1.00 0.41  ? 32 LEU C C    1 
ATOM 381  O O    . LEU A 1 32 ? -6.269  1.894   -4.544  1.00 0.53  ? 32 LEU C O    1 
ATOM 382  C CB   . LEU A 1 32 ? -4.865  -0.226  -2.964  1.00 0.53  ? 32 LEU C CB   1 
ATOM 383  C CG   . LEU A 1 32 ? -4.322  -1.623  -2.649  1.00 0.56  ? 32 LEU C CG   1 
ATOM 384  C CD1  . LEU A 1 32 ? -2.877  -1.731  -3.139  1.00 0.74  ? 32 LEU C CD1  1 
ATOM 385  C CD2  . LEU A 1 32 ? -4.367  -1.859  -1.137  1.00 0.67  ? 32 LEU C CD2  1 
ATOM 386  H H    . LEU A 1 32 ? -5.633  -0.401  -5.789  1.00 0.44  ? 32 LEU C H    1 
ATOM 387  H HA   . LEU A 1 32 ? -6.868  -0.979  -3.143  1.00 0.50  ? 32 LEU C HA   1 
ATOM 388  H HB2  . LEU A 1 32 ? -4.155  0.304   -3.579  1.00 0.60  ? 32 LEU C HB2  1 
ATOM 389  H HB3  . LEU A 1 32 ? -5.018  0.316   -2.042  1.00 0.69  ? 32 LEU C HB3  1 
ATOM 390  H HG   . LEU A 1 32 ? -4.928  -2.365  -3.147  1.00 0.74  ? 32 LEU C HG   1 
ATOM 391  H HD11 . LEU A 1 32 ? -2.288  -0.939  -2.700  1.00 1.14  ? 32 LEU C HD11 1 
ATOM 392  H HD12 . LEU A 1 32 ? -2.468  -2.687  -2.847  1.00 1.44  ? 32 LEU C HD12 1 
ATOM 393  H HD13 . LEU A 1 32 ? -2.854  -1.642  -4.215  1.00 1.27  ? 32 LEU C HD13 1 
ATOM 394  H HD21 . LEU A 1 32 ? -4.158  -0.932  -0.622  1.00 1.15  ? 32 LEU C HD21 1 
ATOM 395  H HD22 . LEU A 1 32 ? -5.347  -2.215  -0.857  1.00 1.22  ? 32 LEU C HD22 1 
ATOM 396  H HD23 . LEU A 1 32 ? -3.624  -2.596  -0.867  1.00 1.30  ? 32 LEU C HD23 1 
ATOM 397  N N    . GLN A 1 33 ? -7.957  1.267   -3.287  1.00 0.50  ? 33 GLN C N    1 
ATOM 398  C CA   . GLN A 1 33 ? -8.606  2.601   -3.420  1.00 0.52  ? 33 GLN C CA   1 
ATOM 399  C C    . GLN A 1 33 ? -7.844  3.622   -2.574  1.00 0.49  ? 33 GLN C C    1 
ATOM 400  O O    . GLN A 1 33 ? -8.099  3.782   -1.397  1.00 0.72  ? 33 GLN C O    1 
ATOM 401  C CB   . GLN A 1 33 ? -10.055 2.516   -2.938  1.00 0.66  ? 33 GLN C CB   1 
ATOM 402  C CG   . GLN A 1 33 ? -10.887 3.594   -3.636  1.00 1.04  ? 33 GLN C CG   1 
ATOM 403  C CD   . GLN A 1 33 ? -12.368 3.221   -3.564  1.00 1.48  ? 33 GLN C CD   1 
ATOM 404  O OE1  . GLN A 1 33 ? -12.815 2.321   -4.247  1.00 2.15  ? 33 GLN C OE1  1 
ATOM 405  N NE2  . GLN A 1 33 ? -13.155 3.881   -2.759  1.00 2.03  ? 33 GLN C NE2  1 
ATOM 406  H H    . GLN A 1 33 ? -8.384  0.564   -2.753  1.00 0.66  ? 33 GLN C H    1 
ATOM 407  H HA   . GLN A 1 33 ? -8.588  2.908   -4.456  1.00 0.55  ? 33 GLN C HA   1 
ATOM 408  H HB2  . GLN A 1 33 ? -10.457 1.543   -3.174  1.00 0.75  ? 33 GLN C HB2  1 
ATOM 409  H HB3  . GLN A 1 33 ? -10.089 2.672   -1.870  1.00 0.85  ? 33 GLN C HB3  1 
ATOM 410  H HG2  . GLN A 1 33 ? -10.730 4.544   -3.147  1.00 1.48  ? 33 GLN C HG2  1 
ATOM 411  H HG3  . GLN A 1 33 ? -10.584 3.669   -4.671  1.00 1.38  ? 33 GLN C HG3  1 
ATOM 412  H HE21 . GLN A 1 33 ? -12.795 4.608   -2.209  1.00 2.39  ? 33 GLN C HE21 1 
ATOM 413  H HE22 . GLN A 1 33 ? -14.106 3.649   -2.704  1.00 2.50  ? 33 GLN C HE22 1 
ATOM 414  N N    . ILE A 1 34 ? -6.910  4.314   -3.166  1.00 0.50  ? 34 ILE C N    1 
ATOM 415  C CA   . ILE A 1 34 ? -6.132  5.324   -2.397  1.00 0.49  ? 34 ILE C CA   1 
ATOM 416  C C    . ILE A 1 34 ? -7.094  6.287   -1.698  1.00 0.49  ? 34 ILE C C    1 
ATOM 417  O O    . ILE A 1 34 ? -8.170  6.570   -2.188  1.00 0.61  ? 34 ILE C O    1 
ATOM 418  C CB   . ILE A 1 34 ? -5.231  6.108   -3.349  1.00 0.57  ? 34 ILE C CB   1 
ATOM 419  C CG1  . ILE A 1 34 ? -4.152  5.183   -3.915  1.00 0.66  ? 34 ILE C CG1  1 
ATOM 420  C CG2  . ILE A 1 34 ? -4.569  7.257   -2.586  1.00 0.55  ? 34 ILE C CG2  1 
ATOM 421  C CD1  . ILE A 1 34 ? -3.378  4.537   -2.765  1.00 0.58  ? 34 ILE C CD1  1 
ATOM 422  H H    . ILE A 1 34 ? -6.719  4.169   -4.116  1.00 0.70  ? 34 ILE C H    1 
ATOM 423  H HA   . ILE A 1 34 ? -5.524  4.824   -1.657  1.00 0.48  ? 34 ILE C HA   1 
ATOM 424  H HB   . ILE A 1 34 ? -5.824  6.506   -4.160  1.00 0.65  ? 34 ILE C HB   1 
ATOM 425  H HG12 . ILE A 1 34 ? -4.614  4.413   -4.514  1.00 0.76  ? 34 ILE C HG12 1 
ATOM 426  H HG13 . ILE A 1 34 ? -3.473  5.757   -4.529  1.00 0.75  ? 34 ILE C HG13 1 
ATOM 427  H HG21 . ILE A 1 34 ? -4.221  6.899   -1.629  1.00 1.01  ? 34 ILE C HG21 1 
ATOM 428  H HG22 . ILE A 1 34 ? -3.733  7.633   -3.156  1.00 1.17  ? 34 ILE C HG22 1 
ATOM 429  H HG23 . ILE A 1 34 ? -5.287  8.048   -2.435  1.00 1.22  ? 34 ILE C HG23 1 
ATOM 430  H HD11 . ILE A 1 34 ? -3.064  5.302   -2.069  1.00 1.18  ? 34 ILE C HD11 1 
ATOM 431  H HD12 . ILE A 1 34 ? -4.014  3.828   -2.255  1.00 1.23  ? 34 ILE C HD12 1 
ATOM 432  H HD13 . ILE A 1 34 ? -2.510  4.029   -3.156  1.00 1.09  ? 34 ILE C HD13 1 
ATOM 433  N N    . VAL A 1 35 ? -6.713  6.794   -0.559  1.00 0.43  ? 35 VAL C N    1 
ATOM 434  C CA   . VAL A 1 35 ? -7.602  7.739   0.175   1.00 0.48  ? 35 VAL C CA   1 
ATOM 435  C C    . VAL A 1 35 ? -6.975  9.133   0.177   1.00 0.58  ? 35 VAL C C    1 
ATOM 436  O O    . VAL A 1 35 ? -7.253  9.955   -0.674  1.00 0.76  ? 35 VAL C O    1 
ATOM 437  C CB   . VAL A 1 35 ? -7.767  7.261   1.619   1.00 0.47  ? 35 VAL C CB   1 
ATOM 438  C CG1  . VAL A 1 35 ? -8.541  8.310   2.420   1.00 0.58  ? 35 VAL C CG1  1 
ATOM 439  C CG2  . VAL A 1 35 ? -8.537  5.939   1.630   1.00 0.49  ? 35 VAL C CG2  1 
ATOM 440  H H    . VAL A 1 35 ? -5.842  6.551   -0.182  1.00 0.40  ? 35 VAL C H    1 
ATOM 441  H HA   . VAL A 1 35 ? -8.567  7.778   -0.306  1.00 0.52  ? 35 VAL C HA   1 
ATOM 442  H HB   . VAL A 1 35 ? -6.791  7.116   2.064   1.00 0.46  ? 35 VAL C HB   1 
ATOM 443  H HG11 . VAL A 1 35 ? -8.762  9.156   1.785   1.00 1.15  ? 35 VAL C HG11 1 
ATOM 444  H HG12 . VAL A 1 35 ? -9.464  7.880   2.780   1.00 1.17  ? 35 VAL C HG12 1 
ATOM 445  H HG13 . VAL A 1 35 ? -7.944  8.635   3.258   1.00 1.20  ? 35 VAL C HG13 1 
ATOM 446  H HG21 . VAL A 1 35 ? -9.227  5.918   0.801   1.00 1.28  ? 35 VAL C HG21 1 
ATOM 447  H HG22 . VAL A 1 35 ? -7.841  5.118   1.540   1.00 1.00  ? 35 VAL C HG22 1 
ATOM 448  H HG23 . VAL A 1 35 ? -9.082  5.849   2.556   1.00 1.08  ? 35 VAL C HG23 1 
ATOM 449  N N    . ASN A 1 36 ? -6.130  9.401   1.130   1.00 0.67  ? 36 ASN C N    1 
ATOM 450  C CA   . ASN A 1 36 ? -5.477  10.736  1.200   1.00 0.78  ? 36 ASN C CA   1 
ATOM 451  C C    . ASN A 1 36 ? -3.962  10.547  1.206   1.00 0.84  ? 36 ASN C C    1 
ATOM 452  O O    . ASN A 1 36 ? -3.445  9.649   1.840   1.00 1.17  ? 36 ASN C O    1 
ATOM 453  C CB   . ASN A 1 36 ? -5.905  11.447  2.485   1.00 1.19  ? 36 ASN C CB   1 
ATOM 454  C CG   . ASN A 1 36 ? -5.933  12.958  2.251   1.00 1.48  ? 36 ASN C CG   1 
ATOM 455  O OD1  . ASN A 1 36 ? -5.657  13.421  1.161   1.00 1.62  ? 36 ASN C OD1  1 
ATOM 456  N ND2  . ASN A 1 36 ? -6.254  13.752  3.235   1.00 2.23  ? 36 ASN C ND2  1 
ATOM 457  H H    . ASN A 1 36 ? -5.919  8.719   1.801   1.00 0.78  ? 36 ASN C H    1 
ATOM 458  H HA   . ASN A 1 36 ? -5.766  11.328  0.345   1.00 0.87  ? 36 ASN C HA   1 
ATOM 459  H HB2  . ASN A 1 36 ? -6.889  11.109  2.773   1.00 1.48  ? 36 ASN C HB2  1 
ATOM 460  H HB3  . ASN A 1 36 ? -5.203  11.219  3.273   1.00 1.29  ? 36 ASN C HB3  1 
ATOM 461  H HD21 . ASN A 1 36 ? -6.475  13.377  4.113   1.00 2.71  ? 36 ASN C HD21 1 
ATOM 462  H HD22 . ASN A 1 36 ? -6.275  14.721  3.095   1.00 2.52  ? 36 ASN C HD22 1 
ATOM 463  N N    . ASN A 1 37 ? -3.243  11.379  0.509   1.00 1.16  ? 37 ASN C N    1 
ATOM 464  C CA   . ASN A 1 37 ? -1.764  11.226  0.489   1.00 1.49  ? 37 ASN C CA   1 
ATOM 465  C C    . ASN A 1 37 ? -1.141  12.222  -0.488  1.00 1.12  ? 37 ASN C C    1 
ATOM 466  O O    . ASN A 1 37 ? -1.542  12.326  -1.630  1.00 1.83  ? 37 ASN C O    1 
ATOM 467  C CB   . ASN A 1 37 ? -1.408  9.808   0.053   1.00 2.57  ? 37 ASN C CB   1 
ATOM 468  C CG   . ASN A 1 37 ? -2.438  9.305   -0.958  1.00 3.54  ? 37 ASN C CG   1 
ATOM 469  O OD1  . ASN A 1 37 ? -3.299  8.514   -0.627  1.00 4.03  ? 37 ASN C OD1  1 
ATOM 470  N ND2  . ASN A 1 37 ? -2.382  9.732   -2.188  1.00 4.16  ? 37 ASN C ND2  1 
ATOM 471  H H    . ASN A 1 37 ? -3.672  12.100  0.003   1.00 1.46  ? 37 ASN C H    1 
ATOM 472  H HA   . ASN A 1 37 ? -1.372  11.403  1.480   1.00 1.83  ? 37 ASN C HA   1 
ATOM 473  H HB2  . ASN A 1 37 ? -0.429  9.810   -0.404  1.00 2.67  ? 37 ASN C HB2  1 
ATOM 474  H HB3  . ASN A 1 37 ? -1.402  9.157   0.916   1.00 2.92  ? 37 ASN C HB3  1 
ATOM 475  H HD21 . ASN A 1 37 ? -1.686  10.369  -2.455  1.00 4.19  ? 37 ASN C HD21 1 
ATOM 476  H HD22 . ASN A 1 37 ? -3.032  9.413   -2.846  1.00 4.80  ? 37 ASN C HD22 1 
ATOM 477  N N    . THR A 1 38 ? -0.157  12.948  -0.041  1.00 1.25  ? 38 THR C N    1 
ATOM 478  C CA   . THR A 1 38 ? 0.509   13.941  -0.922  1.00 1.79  ? 38 THR C CA   1 
ATOM 479  C C    . THR A 1 38 ? 1.554   14.703  -0.107  1.00 2.04  ? 38 THR C C    1 
ATOM 480  O O    . THR A 1 38 ? 1.793   15.874  -0.323  1.00 2.82  ? 38 THR C O    1 
ATOM 481  C CB   . THR A 1 38 ? -0.532  14.920  -1.461  1.00 2.31  ? 38 THR C CB   1 
ATOM 482  O OG1  . THR A 1 38 ? 0.100   15.855  -2.324  1.00 3.06  ? 38 THR C OG1  1 
ATOM 483  C CG2  . THR A 1 38 ? -1.191  15.660  -0.296  1.00 2.50  ? 38 THR C CG2  1 
ATOM 484  H H    . THR A 1 38 ? 0.141   12.843  0.883   1.00 1.74  ? 38 THR C H    1 
ATOM 485  H HA   . THR A 1 38 ? 0.990   13.433  -1.746  1.00 2.14  ? 38 THR C HA   1 
ATOM 486  H HB   . THR A 1 38 ? -1.285  14.375  -2.006  1.00 2.45  ? 38 THR C HB   1 
ATOM 487  H HG1  . THR A 1 38 ? -0.559  16.182  -2.941  1.00 3.35  ? 38 THR C HG1  1 
ATOM 488  H HG21 . THR A 1 38 ? -0.556  15.601  0.575   1.00 2.82  ? 38 THR C HG21 1 
ATOM 489  H HG22 . THR A 1 38 ? -1.338  16.695  -0.566  1.00 2.89  ? 38 THR C HG22 1 
ATOM 490  H HG23 . THR A 1 38 ? -2.147  15.207  -0.076  1.00 2.69  ? 38 THR C HG23 1 
ATOM 491  N N    . GLU A 1 39 ? 2.180   14.043  0.830   1.00 1.84  ? 39 GLU C N    1 
ATOM 492  C CA   . GLU A 1 39 ? 3.207   14.725  1.661   1.00 2.35  ? 39 GLU C CA   1 
ATOM 493  C C    . GLU A 1 39 ? 4.289   13.726  2.061   1.00 1.66  ? 39 GLU C C    1 
ATOM 494  O O    . GLU A 1 39 ? 5.460   13.920  1.796   1.00 2.17  ? 39 GLU C O    1 
ATOM 495  C CB   . GLU A 1 39 ? 2.544   15.272  2.925   1.00 3.15  ? 39 GLU C CB   1 
ATOM 496  C CG   . GLU A 1 39 ? 2.543   16.800  2.888   1.00 4.08  ? 39 GLU C CG   1 
ATOM 497  C CD   . GLU A 1 39 ? 2.153   17.338  4.266   1.00 4.82  ? 39 GLU C CD   1 
ATOM 498  O OE1  . GLU A 1 39 ? 2.970   17.252  5.167   1.00 5.46  ? 39 GLU C OE1  1 
ATOM 499  O OE2  . GLU A 1 39 ? 1.041   17.825  4.396   1.00 5.07  ? 39 GLU C OE2  1 
ATOM 500  H H    . GLU A 1 39 ? 1.974   13.099  0.988   1.00 1.74  ? 39 GLU C H    1 
ATOM 501  H HA   . GLU A 1 39 ? 3.647   15.534  1.104   1.00 3.07  ? 39 GLU C HA   1 
ATOM 502  H HB2  . GLU A 1 39 ? 1.528   14.913  2.982   1.00 3.20  ? 39 GLU C HB2  1 
ATOM 503  H HB3  . GLU A 1 39 ? 3.093   14.933  3.791   1.00 3.42  ? 39 GLU C HB3  1 
ATOM 504  H HG2  . GLU A 1 39 ? 3.528   17.155  2.628   1.00 4.40  ? 39 GLU C HG2  1 
ATOM 505  H HG3  . GLU A 1 39 ? 1.830   17.142  2.152   1.00 4.30  ? 39 GLU C HG3  1 
ATOM 506  N N    . GLY A 1 40 ? 3.904   12.655  2.693   1.00 1.33  ? 40 GLY C N    1 
ATOM 507  C CA   . GLY A 1 40 ? 4.903   11.636  3.117   1.00 1.12  ? 40 GLY C CA   1 
ATOM 508  C C    . GLY A 1 40 ? 4.925   10.468  2.134   1.00 1.10  ? 40 GLY C C    1 
ATOM 509  O O    . GLY A 1 40 ? 4.360   10.529  1.058   1.00 1.83  ? 40 GLY C O    1 
ATOM 510  H H    . GLY A 1 40 ? 2.955   12.523  2.889   1.00 1.92  ? 40 GLY C H    1 
ATOM 511  H HA2  . GLY A 1 40 ? 5.882   12.089  3.153   1.00 1.48  ? 40 GLY C HA2  1 
ATOM 512  H HA3  . GLY A 1 40 ? 4.641   11.269  4.097   1.00 1.33  ? 40 GLY C HA3  1 
ATOM 513  N N    . ASP A 1 41 ? 5.577   9.400   2.503   1.00 0.64  ? 41 ASP C N    1 
ATOM 514  C CA   . ASP A 1 41 ? 5.652   8.215   1.608   1.00 0.63  ? 41 ASP C CA   1 
ATOM 515  C C    . ASP A 1 41 ? 4.658   7.154   2.081   1.00 0.51  ? 41 ASP C C    1 
ATOM 516  O O    . ASP A 1 41 ? 4.657   6.037   1.606   1.00 0.84  ? 41 ASP C O    1 
ATOM 517  C CB   . ASP A 1 41 ? 7.067   7.638   1.656   1.00 0.75  ? 41 ASP C CB   1 
ATOM 518  C CG   . ASP A 1 41 ? 8.066   8.694   1.179   1.00 1.12  ? 41 ASP C CG   1 
ATOM 519  O OD1  . ASP A 1 41 ? 7.703   9.476   0.316   1.00 1.44  ? 41 ASP C OD1  1 
ATOM 520  O OD2  . ASP A 1 41 ? 9.175   8.705   1.686   1.00 1.90  ? 41 ASP C OD2  1 
ATOM 521  H H    . ASP A 1 41 ? 6.021   9.380   3.376   1.00 0.94  ? 41 ASP C H    1 
ATOM 522  H HA   . ASP A 1 41 ? 5.416   8.508   0.596   1.00 0.79  ? 41 ASP C HA   1 
ATOM 523  H HB2  . ASP A 1 41 ? 7.303   7.351   2.672   1.00 0.86  ? 41 ASP C HB2  1 
ATOM 524  H HB3  . ASP A 1 41 ? 7.125   6.771   1.016   1.00 0.85  ? 41 ASP C HB3  1 
ATOM 525  N N    . TRP A 1 42 ? 3.815   7.486   3.019   1.00 0.51  ? 42 TRP C N    1 
ATOM 526  C CA   . TRP A 1 42 ? 2.826   6.489   3.514   1.00 0.38  ? 42 TRP C CA   1 
ATOM 527  C C    . TRP A 1 42 ? 1.414   7.018   3.282   1.00 0.38  ? 42 TRP C C    1 
ATOM 528  O O    . TRP A 1 42 ? 1.040   8.061   3.778   1.00 0.49  ? 42 TRP C O    1 
ATOM 529  C CB   . TRP A 1 42 ? 3.057   6.237   5.003   1.00 0.47  ? 42 TRP C CB   1 
ATOM 530  C CG   . TRP A 1 42 ? 4.260   5.308   5.155   1.00 0.43  ? 42 TRP C CG   1 
ATOM 531  C CD1  . TRP A 1 42 ? 5.538   5.712   5.259   1.00 0.48  ? 42 TRP C CD1  1 
ATOM 532  C CD2  . TRP A 1 42 ? 4.202   3.980   5.147   1.00 0.39  ? 42 TRP C CD2  1 
ATOM 533  N NE1  . TRP A 1 42 ? 6.224   4.570   5.307   1.00 0.44  ? 42 TRP C NE1  1 
ATOM 534  C CE2  . TRP A 1 42 ? 5.471   3.443   5.243   1.00 0.39  ? 42 TRP C CE2  1 
ATOM 535  C CE3  . TRP A 1 42 ? 3.105   3.146   5.054   1.00 0.41  ? 42 TRP C CE3  1 
ATOM 536  C CZ2  . TRP A 1 42 ? 5.642   2.074   5.241   1.00 0.39  ? 42 TRP C CZ2  1 
ATOM 537  C CZ3  . TRP A 1 42 ? 3.277   1.778   5.054   1.00 0.44  ? 42 TRP C CZ3  1 
ATOM 538  C CH2  . TRP A 1 42 ? 4.546   1.242   5.148   1.00 0.43  ? 42 TRP C CH2  1 
ATOM 539  H H    . TRP A 1 42 ? 3.830   8.392   3.395   1.00 0.85  ? 42 TRP C H    1 
ATOM 540  H HA   . TRP A 1 42 ? 2.953   5.563   2.971   1.00 0.32  ? 42 TRP C HA   1 
ATOM 541  H HB2  . TRP A 1 42 ? 3.253   7.173   5.503   1.00 0.60  ? 42 TRP C HB2  1 
ATOM 542  H HB3  . TRP A 1 42 ? 2.181   5.772   5.431   1.00 0.50  ? 42 TRP C HB3  1 
ATOM 543  H HD1  . TRP A 1 42 ? 5.920   6.723   5.269   1.00 0.56  ? 42 TRP C HD1  1 
ATOM 544  H HE1  . TRP A 1 42 ? 7.201   4.547   5.383   1.00 0.49  ? 42 TRP C HE1  1 
ATOM 545  H HE3  . TRP A 1 42 ? 2.112   3.566   4.982   1.00 0.44  ? 42 TRP C HE3  1 
ATOM 546  H HZ2  . TRP A 1 42 ? 6.632   1.654   5.304   1.00 0.41  ? 42 TRP C HZ2  1 
ATOM 547  H HZ3  . TRP A 1 42 ? 2.419   1.125   4.982   1.00 0.52  ? 42 TRP C HZ3  1 
ATOM 548  H HH2  . TRP A 1 42 ? 4.681   0.170   5.146   1.00 0.48  ? 42 TRP C HH2  1 
ATOM 549  N N    . TRP A 1 43 ? 0.627   6.303   2.530   1.00 0.31  ? 43 TRP C N    1 
ATOM 550  C CA   . TRP A 1 43 ? -0.762  6.759   2.259   1.00 0.32  ? 43 TRP C CA   1 
ATOM 551  C C    . TRP A 1 43 ? -1.766  5.776   2.861   1.00 0.31  ? 43 TRP C C    1 
ATOM 552  O O    . TRP A 1 43 ? -1.426  4.670   3.230   1.00 0.35  ? 43 TRP C O    1 
ATOM 553  C CB   . TRP A 1 43 ? -0.965  6.831   0.747   1.00 0.36  ? 43 TRP C CB   1 
ATOM 554  C CG   . TRP A 1 43 ? 0.221   7.558   0.112   1.00 0.41  ? 43 TRP C CG   1 
ATOM 555  C CD1  . TRP A 1 43 ? 1.031   8.418   0.756   1.00 0.53  ? 43 TRP C CD1  1 
ATOM 556  C CD2  . TRP A 1 43 ? 0.576   7.472   -1.168  1.00 0.40  ? 43 TRP C CD2  1 
ATOM 557  N NE1  . TRP A 1 43 ? 1.869   8.834   -0.194  1.00 0.56  ? 43 TRP C NE1  1 
ATOM 558  C CE2  . TRP A 1 43 ? 1.657   8.295   -1.424  1.00 0.48  ? 43 TRP C CE2  1 
ATOM 559  C CE3  . TRP A 1 43 ? 0.028   6.715   -2.185  1.00 0.39  ? 43 TRP C CE3  1 
ATOM 560  C CZ2  . TRP A 1 43 ? 2.184   8.363   -2.698  1.00 0.52  ? 43 TRP C CZ2  1 
ATOM 561  C CZ3  . TRP A 1 43 ? 0.556   6.783   -3.458  1.00 0.48  ? 43 TRP C CZ3  1 
ATOM 562  C CH2  . TRP A 1 43 ? 1.633   7.607   -3.714  1.00 0.52  ? 43 TRP C CH2  1 
ATOM 563  H H    . TRP A 1 43 ? 0.950   5.462   2.143   1.00 0.32  ? 43 TRP C H    1 
ATOM 564  H HA   . TRP A 1 43 ? -0.911  7.738   2.689   1.00 0.36  ? 43 TRP C HA   1 
ATOM 565  H HB2  . TRP A 1 43 ? -1.036  5.831   0.344   1.00 0.36  ? 43 TRP C HB2  1 
ATOM 566  H HB3  . TRP A 1 43 ? -1.874  7.371   0.531   1.00 0.39  ? 43 TRP C HB3  1 
ATOM 567  H HD1  . TRP A 1 43 ? 0.982   8.736   1.786   1.00 0.62  ? 43 TRP C HD1  1 
ATOM 568  H HE1  . TRP A 1 43 ? 2.589   9.478   -0.014  1.00 0.65  ? 43 TRP C HE1  1 
ATOM 569  H HE3  . TRP A 1 43 ? -0.813  6.067   -1.983  1.00 0.38  ? 43 TRP C HE3  1 
ATOM 570  H HZ2  . TRP A 1 43 ? 3.026   9.007   -2.900  1.00 0.59  ? 43 TRP C HZ2  1 
ATOM 571  H HZ3  . TRP A 1 43 ? 0.127   6.192   -4.254  1.00 0.55  ? 43 TRP C HZ3  1 
ATOM 572  H HH2  . TRP A 1 43 ? 2.048   7.658   -4.710  1.00 0.59  ? 43 TRP C HH2  1 
ATOM 573  N N    . LEU A 1 44 ? -3.004  6.175   2.962   1.00 0.33  ? 44 LEU C N    1 
ATOM 574  C CA   . LEU A 1 44 ? -4.034  5.273   3.537   1.00 0.35  ? 44 LEU C CA   1 
ATOM 575  C C    . LEU A 1 44 ? -4.923  4.780   2.399   1.00 0.34  ? 44 LEU C C    1 
ATOM 576  O O    . LEU A 1 44 ? -5.478  5.563   1.654   1.00 0.47  ? 44 LEU C O    1 
ATOM 577  C CB   . LEU A 1 44 ? -4.879  6.045   4.551   1.00 0.45  ? 44 LEU C CB   1 
ATOM 578  C CG   . LEU A 1 44 ? -5.977  5.134   5.103   1.00 0.49  ? 44 LEU C CG   1 
ATOM 579  C CD1  . LEU A 1 44 ? -6.236  5.486   6.567   1.00 1.09  ? 44 LEU C CD1  1 
ATOM 580  C CD2  . LEU A 1 44 ? -7.261  5.333   4.298   1.00 0.98  ? 44 LEU C CD2  1 
ATOM 581  H H    . LEU A 1 44 ? -3.261  7.071   2.652   1.00 0.36  ? 44 LEU C H    1 
ATOM 582  H HA   . LEU A 1 44 ? -3.557  4.434   4.019   1.00 0.36  ? 44 LEU C HA   1 
ATOM 583  H HB2  . LEU A 1 44 ? -4.249  6.380   5.362   1.00 0.51  ? 44 LEU C HB2  1 
ATOM 584  H HB3  . LEU A 1 44 ? -5.330  6.900   4.069   1.00 0.55  ? 44 LEU C HB3  1 
ATOM 585  H HG   . LEU A 1 44 ? -5.661  4.103   5.030   1.00 0.70  ? 44 LEU C HG   1 
ATOM 586  H HD11 . LEU A 1 44 ? -5.295  5.624   7.077   1.00 1.70  ? 44 LEU C HD11 1 
ATOM 587  H HD12 . LEU A 1 44 ? -6.813  6.398   6.621   1.00 1.51  ? 44 LEU C HD12 1 
ATOM 588  H HD13 . LEU A 1 44 ? -6.787  4.685   7.037   1.00 1.55  ? 44 LEU C HD13 1 
ATOM 589  H HD21 . LEU A 1 44 ? -7.065  5.137   3.255   1.00 1.56  ? 44 LEU C HD21 1 
ATOM 590  H HD22 . LEU A 1 44 ? -8.019  4.652   4.656   1.00 1.49  ? 44 LEU C HD22 1 
ATOM 591  H HD23 . LEU A 1 44 ? -7.605  6.350   4.415   1.00 1.55  ? 44 LEU C HD23 1 
ATOM 592  N N    . ALA A 1 45 ? -5.064  3.496   2.242   1.00 0.33  ? 45 ALA C N    1 
ATOM 593  C CA   . ALA A 1 45 ? -5.924  2.992   1.140   1.00 0.39  ? 45 ALA C CA   1 
ATOM 594  C C    . ALA A 1 45 ? -7.043  2.120   1.707   1.00 0.42  ? 45 ALA C C    1 
ATOM 595  O O    . ALA A 1 45 ? -7.066  1.800   2.879   1.00 0.51  ? 45 ALA C O    1 
ATOM 596  C CB   . ALA A 1 45 ? -5.081  2.168   0.165   1.00 0.51  ? 45 ALA C CB   1 
ATOM 597  H H    . ALA A 1 45 ? -4.606  2.869   2.843   1.00 0.38  ? 45 ALA C H    1 
ATOM 598  H HA   . ALA A 1 45 ? -6.357  3.834   0.618   1.00 0.43  ? 45 ALA C HA   1 
ATOM 599  H HB1  . ALA A 1 45 ? -4.268  2.773   -0.206  1.00 1.03  ? 45 ALA C HB1  1 
ATOM 600  H HB2  . ALA A 1 45 ? -4.683  1.304   0.676   1.00 1.10  ? 45 ALA C HB2  1 
ATOM 601  H HB3  . ALA A 1 45 ? -5.697  1.845   -0.660  1.00 1.16  ? 45 ALA C HB3  1 
ATOM 602  N N    . HIS A 1 46 ? -7.968  1.734   0.876   1.00 0.49  ? 46 HIS C N    1 
ATOM 603  C CA   . HIS A 1 46 ? -9.092  0.882   1.348   1.00 0.57  ? 46 HIS C CA   1 
ATOM 604  C C    . HIS A 1 46 ? -9.339  -0.227  0.322   1.00 0.69  ? 46 HIS C C    1 
ATOM 605  O O    . HIS A 1 46 ? -9.589  0.031   -0.839  1.00 0.86  ? 46 HIS C O    1 
ATOM 606  C CB   . HIS A 1 46 ? -10.347 1.748   1.502   1.00 0.65  ? 46 HIS C CB   1 
ATOM 607  C CG   . HIS A 1 46 ? -11.590 0.858   1.577   1.00 0.70  ? 46 HIS C CG   1 
ATOM 608  N ND1  . HIS A 1 46 ? -12.047 0.332   2.636   1.00 0.86  ? 46 HIS C ND1  1 
ATOM 609  C CD2  . HIS A 1 46 ? -12.450 0.451   0.575   1.00 1.24  ? 46 HIS C CD2  1 
ATOM 610  C CE1  . HIS A 1 46 ? -13.097 -0.354  2.380   1.00 1.07  ? 46 HIS C CE1  1 
ATOM 611  N NE2  . HIS A 1 46 ? -13.413 -0.325  1.096   1.00 1.36  ? 46 HIS C NE2  1 
ATOM 612  H H    . HIS A 1 46 ? -7.925  2.007   -0.064  1.00 0.56  ? 46 HIS C H    1 
ATOM 613  H HA   . HIS A 1 46 ? -8.838  0.443   2.301   1.00 0.59  ? 46 HIS C HA   1 
ATOM 614  H HB2  . HIS A 1 46 ? -10.269 2.333   2.406   1.00 0.72  ? 46 HIS C HB2  1 
ATOM 615  H HB3  . HIS A 1 46 ? -10.431 2.410   0.653   1.00 0.92  ? 46 HIS C HB3  1 
ATOM 616  H HD1  . HIS A 1 46 ? -11.651 0.436   3.526   1.00 1.20  ? 46 HIS C HD1  1 
ATOM 617  H HD2  . HIS A 1 46 ? -12.364 0.723   -0.466  1.00 1.71  ? 46 HIS C HD2  1 
ATOM 618  H HE1  . HIS A 1 46 ? -13.662 -0.890  3.126   1.00 1.34  ? 46 HIS C HE1  1 
ATOM 619  N N    . SER A 1 47 ? -9.264  -1.461  0.740   1.00 0.90  ? 47 SER C N    1 
ATOM 620  C CA   . SER A 1 47 ? -9.494  -2.586  -0.209  1.00 1.09  ? 47 SER C CA   1 
ATOM 621  C C    . SER A 1 47 ? -10.989 -2.707  -0.506  1.00 0.99  ? 47 SER C C    1 
ATOM 622  O O    . SER A 1 47 ? -11.816 -2.616  0.378   1.00 1.84  ? 47 SER C O    1 
ATOM 623  C CB   . SER A 1 47 ? -8.991  -3.890  0.417   1.00 1.61  ? 47 SER C CB   1 
ATOM 624  O OG   . SER A 1 47 ? -7.610  -3.764  0.725   1.00 2.09  ? 47 SER C OG   1 
ATOM 625  H H    . SER A 1 47 ? -9.056  -1.648  1.679   1.00 1.07  ? 47 SER C H    1 
ATOM 626  H HA   . SER A 1 47 ? -8.957  -2.399  -1.127  1.00 1.27  ? 47 SER C HA   1 
ATOM 627  H HB2  . SER A 1 47 ? -9.545  -4.092  1.321   1.00 1.86  ? 47 SER C HB2  1 
ATOM 628  H HB3  . SER A 1 47 ? -9.131  -4.702  -0.281  1.00 1.77  ? 47 SER C HB3  1 
ATOM 629  H HG   . SER A 1 47 ? -7.120  -4.333  0.127   1.00 2.34  ? 47 SER C HG   1 
ATOM 630  N N    . LEU A 1 48 ? -11.342 -2.910  -1.746  1.00 0.90  ? 48 LEU C N    1 
ATOM 631  C CA   . LEU A 1 48 ? -12.784 -3.035  -2.099  1.00 1.32  ? 48 LEU C CA   1 
ATOM 632  C C    . LEU A 1 48 ? -13.194 -4.507  -2.051  1.00 1.30  ? 48 LEU C C    1 
ATOM 633  O O    . LEU A 1 48 ? -14.065 -4.943  -2.778  1.00 1.58  ? 48 LEU C O    1 
ATOM 634  C CB   . LEU A 1 48 ? -13.014 -2.483  -3.506  1.00 1.98  ? 48 LEU C CB   1 
ATOM 635  C CG   . LEU A 1 48 ? -12.187 -1.211  -3.693  1.00 2.24  ? 48 LEU C CG   1 
ATOM 636  C CD1  . LEU A 1 48 ? -12.478 -0.611  -5.070  1.00 2.71  ? 48 LEU C CD1  1 
ATOM 637  C CD2  . LEU A 1 48 ? -12.555 -0.199  -2.606  1.00 2.49  ? 48 LEU C CD2  1 
ATOM 638  H H    . LEU A 1 48 ? -10.658 -2.979  -2.444  1.00 1.36  ? 48 LEU C H    1 
ATOM 639  H HA   . LEU A 1 48 ? -13.375 -2.474  -1.392  1.00 1.66  ? 48 LEU C HA   1 
ATOM 640  H HB2  . LEU A 1 48 ? -12.711 -3.220  -4.236  1.00 2.15  ? 48 LEU C HB2  1 
ATOM 641  H HB3  . LEU A 1 48 ? -14.061 -2.256  -3.638  1.00 2.41  ? 48 LEU C HB3  1 
ATOM 642  H HG   . LEU A 1 48 ? -11.137 -1.451  -3.619  1.00 2.13  ? 48 LEU C HG   1 
ATOM 643  H HD11 . LEU A 1 48 ? -12.315 -1.359  -5.832  1.00 3.01  ? 48 LEU C HD11 1 
ATOM 644  H HD12 . LEU A 1 48 ? -13.505 -0.277  -5.106  1.00 3.00  ? 48 LEU C HD12 1 
ATOM 645  H HD13 . LEU A 1 48 ? -11.822 0.229   -5.243  1.00 3.01  ? 48 LEU C HD13 1 
ATOM 646  H HD21 . LEU A 1 48 ? -13.164 -0.680  -1.855  1.00 2.71  ? 48 LEU C HD21 1 
ATOM 647  H HD22 . LEU A 1 48 ? -11.654 0.182   -2.149  1.00 2.87  ? 48 LEU C HD22 1 
ATOM 648  H HD23 . LEU A 1 48 ? -13.108 0.618   -3.047  1.00 2.68  ? 48 LEU C HD23 1 
ATOM 649  N N    . THR A 1 49 ? -12.573 -5.277  -1.200  1.00 1.40  ? 49 THR C N    1 
ATOM 650  C CA   . THR A 1 49 ? -12.926 -6.721  -1.105  1.00 1.84  ? 49 THR C CA   1 
ATOM 651  C C    . THR A 1 49 ? -13.708 -6.967  0.186   1.00 1.91  ? 49 THR C C    1 
ATOM 652  O O    . THR A 1 49 ? -14.892 -7.236  0.165   1.00 2.09  ? 49 THR C O    1 
ATOM 653  C CB   . THR A 1 49 ? -11.647 -7.559  -1.095  1.00 2.27  ? 49 THR C CB   1 
ATOM 654  O OG1  . THR A 1 49 ? -10.758 -7.075  -2.093  1.00 2.37  ? 49 THR C OG1  1 
ATOM 655  C CG2  . THR A 1 49 ? -11.990 -9.021  -1.382  1.00 2.76  ? 49 THR C CG2  1 
ATOM 656  H H    . THR A 1 49 ? -11.874 -4.904  -0.623  1.00 1.45  ? 49 THR C H    1 
ATOM 657  H HA   . THR A 1 49 ? -13.534 -6.999  -1.953  1.00 2.01  ? 49 THR C HA   1 
ATOM 658  H HB   . THR A 1 49 ? -11.175 -7.488  -0.127  1.00 2.45  ? 49 THR C HB   1 
ATOM 659  H HG1  . THR A 1 49 ? -9.873  -7.061  -1.720  1.00 2.55  ? 49 THR C HG1  1 
ATOM 660  H HG21 . THR A 1 49 ? -13.013 -9.214  -1.091  1.00 3.04  ? 49 THR C HG21 1 
ATOM 661  H HG22 . THR A 1 49 ? -11.873 -9.219  -2.437  1.00 2.93  ? 49 THR C HG22 1 
ATOM 662  H HG23 . THR A 1 49 ? -11.330 -9.665  -0.819  1.00 3.21  ? 49 THR C HG23 1 
ATOM 663  N N    . THR A 1 50 ? -13.054 -6.877  1.312   1.00 2.11  ? 50 THR C N    1 
ATOM 664  C CA   . THR A 1 50 ? -13.759 -7.105  2.604   1.00 2.32  ? 50 THR C CA   1 
ATOM 665  C C    . THR A 1 50 ? -14.319 -5.777  3.118   1.00 1.78  ? 50 THR C C    1 
ATOM 666  O O    . THR A 1 50 ? -15.391 -5.722  3.685   1.00 1.96  ? 50 THR C O    1 
ATOM 667  C CB   . THR A 1 50 ? -12.775 -7.675  3.628   1.00 2.94  ? 50 THR C CB   1 
ATOM 668  O OG1  . THR A 1 50 ? -11.470 -7.185  3.352   1.00 3.50  ? 50 THR C OG1  1 
ATOM 669  C CG2  . THR A 1 50 ? -12.777 -9.202  3.546   1.00 3.48  ? 50 THR C CG2  1 
ATOM 670  H H    . THR A 1 50 ? -12.098 -6.659  1.308   1.00 2.32  ? 50 THR C H    1 
ATOM 671  H HA   . THR A 1 50 ? -14.569 -7.803  2.454   1.00 2.60  ? 50 THR C HA   1 
ATOM 672  H HB   . THR A 1 50 ? -13.072 -7.372  4.621   1.00 3.19  ? 50 THR C HB   1 
ATOM 673  H HG1  . THR A 1 50 ? -10.919 -7.365  4.117   1.00 3.69  ? 50 THR C HG1  1 
ATOM 674  H HG21 . THR A 1 50 ? -13.056 -9.507  2.548   1.00 3.92  ? 50 THR C HG21 1 
ATOM 675  H HG22 . THR A 1 50 ? -11.791 -9.577  3.776   1.00 3.77  ? 50 THR C HG22 1 
ATOM 676  H HG23 . THR A 1 50 ? -13.489 -9.599  4.256   1.00 3.77  ? 50 THR C HG23 1 
ATOM 677  N N    . GLY A 1 51 ? -13.598 -4.706  2.923   1.00 1.32  ? 51 GLY C N    1 
ATOM 678  C CA   . GLY A 1 51 ? -14.088 -3.383  3.400   1.00 1.04  ? 51 GLY C CA   1 
ATOM 679  C C    . GLY A 1 51 ? -13.284 -2.954  4.629   1.00 0.83  ? 51 GLY C C    1 
ATOM 680  O O    . GLY A 1 51 ? -13.837 -2.603  5.652   1.00 0.99  ? 51 GLY C O    1 
ATOM 681  H H    . GLY A 1 51 ? -12.735 -4.773  2.465   1.00 1.43  ? 51 GLY C H    1 
ATOM 682  H HA2  . GLY A 1 51 ? -13.965 -2.651  2.615   1.00 1.22  ? 51 GLY C HA2  1 
ATOM 683  H HA3  . GLY A 1 51 ? -15.133 -3.459  3.662   1.00 1.16  ? 51 GLY C HA3  1 
ATOM 684  N N    . GLN A 1 52 ? -11.982 -2.978  4.538   1.00 0.72  ? 52 GLN C N    1 
ATOM 685  C CA   . GLN A 1 52 ? -11.148 -2.572  5.703   1.00 0.72  ? 52 GLN C CA   1 
ATOM 686  C C    . GLN A 1 52 ? -10.154 -1.490  5.272   1.00 0.65  ? 52 GLN C C    1 
ATOM 687  O O    . GLN A 1 52 ? -10.091 -1.116  4.117   1.00 0.94  ? 52 GLN C O    1 
ATOM 688  C CB   . GLN A 1 52 ? -10.385 -3.789  6.230   1.00 0.87  ? 52 GLN C CB   1 
ATOM 689  C CG   . GLN A 1 52 ? -11.379 -4.802  6.802   1.00 1.02  ? 52 GLN C CG   1 
ATOM 690  C CD   . GLN A 1 52 ? -10.675 -5.683  7.836   1.00 1.53  ? 52 GLN C CD   1 
ATOM 691  O OE1  . GLN A 1 52 ? -9.941  -5.192  8.672   1.00 2.02  ? 52 GLN C OE1  1 
ATOM 692  N NE2  . GLN A 1 52 ? -10.867 -6.973  7.815   1.00 2.36  ? 52 GLN C NE2  1 
ATOM 693  H H    . GLN A 1 52 ? -11.555 -3.264  3.704   1.00 0.85  ? 52 GLN C H    1 
ATOM 694  H HA   . GLN A 1 52 ? -11.785 -2.184  6.483   1.00 0.85  ? 52 GLN C HA   1 
ATOM 695  H HB2  . GLN A 1 52 ? -9.831  -4.244  5.422   1.00 0.95  ? 52 GLN C HB2  1 
ATOM 696  H HB3  . GLN A 1 52 ? -9.701  -3.478  7.005   1.00 1.15  ? 52 GLN C HB3  1 
ATOM 697  H HG2  . GLN A 1 52 ? -12.196 -4.277  7.274   1.00 1.58  ? 52 GLN C HG2  1 
ATOM 698  H HG3  . GLN A 1 52 ? -11.761 -5.421  6.004   1.00 1.24  ? 52 GLN C HG3  1 
ATOM 699  H HE21 . GLN A 1 52 ? -11.458 -7.369  7.141   1.00 2.76  ? 52 GLN C HE21 1 
ATOM 700  H HE22 . GLN A 1 52 ? -10.422 -7.546  8.474   1.00 2.92  ? 52 GLN C HE22 1 
ATOM 701  N N    . THR A 1 53 ? -9.377  -0.986  6.192   1.00 0.60  ? 53 THR C N    1 
ATOM 702  C CA   . THR A 1 53 ? -8.387  0.072   5.839   1.00 0.60  ? 53 THR C CA   1 
ATOM 703  C C    . THR A 1 53 ? -6.971  -0.477  6.031   1.00 0.70  ? 53 THR C C    1 
ATOM 704  O O    . THR A 1 53 ? -6.751  -1.411  6.776   1.00 1.06  ? 53 THR C O    1 
ATOM 705  C CB   . THR A 1 53 ? -8.601  1.290   6.746   1.00 0.97  ? 53 THR C CB   1 
ATOM 706  O OG1  . THR A 1 53 ? -9.711  2.037   6.270   1.00 1.48  ? 53 THR C OG1  1 
ATOM 707  C CG2  . THR A 1 53 ? -7.352  2.177   6.742   1.00 0.80  ? 53 THR C CG2  1 
ATOM 708  H H    . THR A 1 53 ? -9.444  -1.303  7.116   1.00 0.81  ? 53 THR C H    1 
ATOM 709  H HA   . THR A 1 53 ? -8.523  0.361   4.808   1.00 0.65  ? 53 THR C HA   1 
ATOM 710  H HB   . THR A 1 53 ? -8.798  0.957   7.754   1.00 1.44  ? 53 THR C HB   1 
ATOM 711  H HG1  . THR A 1 53 ? -9.450  2.467   5.452   1.00 1.83  ? 53 THR C HG1  1 
ATOM 712  H HG21 . THR A 1 53 ? -6.491  1.588   7.022   1.00 1.33  ? 53 THR C HG21 1 
ATOM 713  H HG22 . THR A 1 53 ? -7.204  2.585   5.753   1.00 1.32  ? 53 THR C HG22 1 
ATOM 714  H HG23 . THR A 1 53 ? -7.481  2.983   7.449   1.00 1.26  ? 53 THR C HG23 1 
ATOM 715  N N    . GLY A 1 54 ? -6.007  0.105   5.370   1.00 0.60  ? 54 GLY C N    1 
ATOM 716  C CA   . GLY A 1 54 ? -4.608  -0.383  5.514   1.00 0.91  ? 54 GLY C CA   1 
ATOM 717  C C    . GLY A 1 54 ? -3.647  0.635   4.897   1.00 0.68  ? 54 GLY C C    1 
ATOM 718  O O    . GLY A 1 54 ? -3.694  0.910   3.714   1.00 0.62  ? 54 GLY C O    1 
ATOM 719  H H    . GLY A 1 54 ? -6.204  0.863   4.783   1.00 0.48  ? 54 GLY C H    1 
ATOM 720  H HA2  . GLY A 1 54 ? -4.377  -0.508  6.562   1.00 1.24  ? 54 GLY C HA2  1 
ATOM 721  H HA3  . GLY A 1 54 ? -4.504  -1.330  5.007   1.00 1.16  ? 54 GLY C HA3  1 
ATOM 722  N N    . TYR A 1 55 ? -2.778  1.201   5.689   1.00 0.66  ? 55 TYR C N    1 
ATOM 723  C CA   . TYR A 1 55 ? -1.817  2.196   5.151   1.00 0.54  ? 55 TYR C CA   1 
ATOM 724  C C    . TYR A 1 55 ? -0.848  1.496   4.195   1.00 0.48  ? 55 TYR C C    1 
ATOM 725  O O    . TYR A 1 55 ? -0.046  0.677   4.600   1.00 0.75  ? 55 TYR C O    1 
ATOM 726  C CB   . TYR A 1 55 ? -1.034  2.813   6.311   1.00 0.72  ? 55 TYR C CB   1 
ATOM 727  C CG   . TYR A 1 55 ? -1.998  3.268   7.413   1.00 0.75  ? 55 TYR C CG   1 
ATOM 728  C CD1  . TYR A 1 55 ? -3.353  3.388   7.163   1.00 1.38  ? 55 TYR C CD1  1 
ATOM 729  C CD2  . TYR A 1 55 ? -1.524  3.565   8.674   1.00 1.53  ? 55 TYR C CD2  1 
ATOM 730  C CE1  . TYR A 1 55 ? -4.215  3.798   8.160   1.00 1.59  ? 55 TYR C CE1  1 
ATOM 731  C CE2  . TYR A 1 55 ? -2.387  3.975   9.669   1.00 1.74  ? 55 TYR C CE2  1 
ATOM 732  C CZ   . TYR A 1 55 ? -3.738  4.094   9.421   1.00 1.38  ? 55 TYR C CZ   1 
ATOM 733  O OH   . TYR A 1 55 ? -4.601  4.505   10.417  1.00 1.78  ? 55 TYR C OH   1 
ATOM 734  H H    . TYR A 1 55 ? -2.760  0.975   6.641   1.00 0.80  ? 55 TYR C H    1 
ATOM 735  H HA   . TYR A 1 55 ? -2.353  2.970   4.623   1.00 0.50  ? 55 TYR C HA   1 
ATOM 736  H HB2  . TYR A 1 55 ? -0.351  2.079   6.713   1.00 0.93  ? 55 TYR C HB2  1 
ATOM 737  H HB3  . TYR A 1 55 ? -0.478  3.660   5.953   1.00 0.97  ? 55 TYR C HB3  1 
ATOM 738  H HD1  . TYR A 1 55 ? -3.740  3.162   6.181   1.00 2.15  ? 55 TYR C HD1  1 
ATOM 739  H HD2  . TYR A 1 55 ? -0.469  3.476   8.884   1.00 2.32  ? 55 TYR C HD2  1 
ATOM 740  H HE1  . TYR A 1 55 ? -5.271  3.884   7.953   1.00 2.39  ? 55 TYR C HE1  1 
ATOM 741  H HE2  . TYR A 1 55 ? -2.002  4.205   10.652  1.00 2.58  ? 55 TYR C HE2  1 
ATOM 742  H HH   . TYR A 1 55 ? -5.221  3.791   10.586  1.00 1.90  ? 55 TYR C HH   1 
ATOM 743  N N    . ILE A 1 56 ? -0.914  1.809   2.930   1.00 0.42  ? 56 ILE C N    1 
ATOM 744  C CA   . ILE A 1 56 ? 0.006   1.157   1.955   1.00 0.38  ? 56 ILE C CA   1 
ATOM 745  C C    . ILE A 1 56 ? 1.137   2.129   1.593   1.00 0.33  ? 56 ILE C C    1 
ATOM 746  O O    . ILE A 1 56 ? 0.895   3.300   1.380   1.00 0.35  ? 56 ILE C O    1 
ATOM 747  C CB   . ILE A 1 56 ? -0.776  0.794   0.692   1.00 0.44  ? 56 ILE C CB   1 
ATOM 748  C CG1  . ILE A 1 56 ? -1.440  2.052   0.128   1.00 0.53  ? 56 ILE C CG1  1 
ATOM 749  C CG2  . ILE A 1 56 ? -1.853  -0.236  1.039   1.00 0.51  ? 56 ILE C CG2  1 
ATOM 750  C CD1  . ILE A 1 56 ? -0.825  2.390   -1.232  1.00 0.90  ? 56 ILE C CD1  1 
ATOM 751  H H    . ILE A 1 56 ? -1.566  2.472   2.622   1.00 0.63  ? 56 ILE C H    1 
ATOM 752  H HA   . ILE A 1 56 ? 0.416   0.263   2.395   1.00 0.41  ? 56 ILE C HA   1 
ATOM 753  H HB   . ILE A 1 56 ? -0.101  0.379   -0.043  1.00 0.45  ? 56 ILE C HB   1 
ATOM 754  H HG12 . ILE A 1 56 ? -2.499  1.877   0.011   1.00 1.07  ? 56 ILE C HG12 1 
ATOM 755  H HG13 . ILE A 1 56 ? -1.285  2.876   0.808   1.00 1.04  ? 56 ILE C HG13 1 
ATOM 756  H HG21 . ILE A 1 56 ? -1.466  -0.929  1.770   1.00 1.26  ? 56 ILE C HG21 1 
ATOM 757  H HG22 . ILE A 1 56 ? -2.717  0.270   1.444   1.00 0.98  ? 56 ILE C HG22 1 
ATOM 758  H HG23 . ILE A 1 56 ? -2.137  -0.775  0.147   1.00 1.02  ? 56 ILE C HG23 1 
ATOM 759  H HD11 . ILE A 1 56 ? 0.049   1.777   -1.393  1.00 1.54  ? 56 ILE C HD11 1 
ATOM 760  H HD12 . ILE A 1 56 ? -1.548  2.198   -2.012  1.00 1.40  ? 56 ILE C HD12 1 
ATOM 761  H HD13 . ILE A 1 56 ? -0.544  3.432   -1.250  1.00 1.58  ? 56 ILE C HD13 1 
ATOM 762  N N    . PRO A 1 57 ? 2.342   1.615   1.534   1.00 0.33  ? 57 PRO C N    1 
ATOM 763  C CA   . PRO A 1 57 ? 3.523   2.432   1.198   1.00 0.36  ? 57 PRO C CA   1 
ATOM 764  C C    . PRO A 1 57 ? 3.418   2.940   -0.246  1.00 0.38  ? 57 PRO C C    1 
ATOM 765  O O    . PRO A 1 57 ? 2.813   2.312   -1.093  1.00 0.53  ? 57 PRO C O    1 
ATOM 766  C CB   . PRO A 1 57 ? 4.717   1.480   1.358   1.00 0.41  ? 57 PRO C CB   1 
ATOM 767  C CG   . PRO A 1 57 ? 4.155   0.072   1.690   1.00 0.42  ? 57 PRO C CG   1 
ATOM 768  C CD   . PRO A 1 57 ? 2.627   0.194   1.806   1.00 0.37  ? 57 PRO C CD   1 
ATOM 769  H HA   . PRO A 1 57 ? 3.618   3.258   1.882   1.00 0.38  ? 57 PRO C HA   1 
ATOM 770  H HB2  . PRO A 1 57 ? 5.285   1.442   0.442   1.00 0.46  ? 57 PRO C HB2  1 
ATOM 771  H HB3  . PRO A 1 57 ? 5.348   1.820   2.166   1.00 0.45  ? 57 PRO C HB3  1 
ATOM 772  H HG2  . PRO A 1 57 ? 4.408   -0.619  0.899   1.00 0.48  ? 57 PRO C HG2  1 
ATOM 773  H HG3  . PRO A 1 57 ? 4.567   -0.275  2.626   1.00 0.45  ? 57 PRO C HG3  1 
ATOM 774  H HD2  . PRO A 1 57 ? 2.143   -0.434  1.074   1.00 0.41  ? 57 PRO C HD2  1 
ATOM 775  H HD3  . PRO A 1 57 ? 2.304   -0.069  2.803   1.00 0.38  ? 57 PRO C HD3  1 
ATOM 776  N N    . SER A 1 58 ? 4.002   4.071   -0.533  1.00 0.44  ? 58 SER C N    1 
ATOM 777  C CA   . SER A 1 58 ? 3.936   4.622   -1.914  1.00 0.48  ? 58 SER C CA   1 
ATOM 778  C C    . SER A 1 58 ? 4.964   3.927   -2.807  1.00 0.41  ? 58 SER C C    1 
ATOM 779  O O    . SER A 1 58 ? 4.764   3.775   -3.995  1.00 0.38  ? 58 SER C O    1 
ATOM 780  C CB   . SER A 1 58 ? 4.237   6.119   -1.871  1.00 0.62  ? 58 SER C CB   1 
ATOM 781  O OG   . SER A 1 58 ? 5.631   6.329   -2.039  1.00 0.87  ? 58 SER C OG   1 
ATOM 782  H H    . SER A 1 58 ? 4.483   4.562   0.161   1.00 0.56  ? 58 SER C H    1 
ATOM 783  H HA   . SER A 1 58 ? 2.946   4.468   -2.315  1.00 0.51  ? 58 SER C HA   1 
ATOM 784  H HB2  . SER A 1 58 ? 3.701   6.611   -2.662  1.00 0.88  ? 58 SER C HB2  1 
ATOM 785  H HB3  . SER A 1 58 ? 3.924   6.521   -0.918  1.00 0.95  ? 58 SER C HB3  1 
ATOM 786  H HG   . SER A 1 58 ? 5.853   7.176   -1.644  1.00 1.28  ? 58 SER C HG   1 
ATOM 787  N N    . ASN A 1 59 ? 6.066   3.507   -2.249  1.00 0.44  ? 59 ASN C N    1 
ATOM 788  C CA   . ASN A 1 59 ? 7.100   2.823   -3.072  1.00 0.46  ? 59 ASN C CA   1 
ATOM 789  C C    . ASN A 1 59 ? 6.551   1.486   -3.572  1.00 0.39  ? 59 ASN C C    1 
ATOM 790  O O    . ASN A 1 59 ? 7.058   0.909   -4.514  1.00 0.43  ? 59 ASN C O    1 
ATOM 791  C CB   . ASN A 1 59 ? 8.348   2.575   -2.222  1.00 0.60  ? 59 ASN C CB   1 
ATOM 792  C CG   . ASN A 1 59 ? 9.107   3.890   -2.034  1.00 1.57  ? 59 ASN C CG   1 
ATOM 793  O OD1  . ASN A 1 59 ? 8.513   4.911   -1.752  1.00 2.35  ? 59 ASN C OD1  1 
ATOM 794  N ND2  . ASN A 1 59 ? 10.404  3.909   -2.179  1.00 2.40  ? 59 ASN C ND2  1 
ATOM 795  H H    . ASN A 1 59 ? 6.211   3.641   -1.289  1.00 0.50  ? 59 ASN C H    1 
ATOM 796  H HA   . ASN A 1 59 ? 7.357   3.444   -3.917  1.00 0.48  ? 59 ASN C HA   1 
ATOM 797  H HB2  . ASN A 1 59 ? 8.056   2.187   -1.258  1.00 1.09  ? 59 ASN C HB2  1 
ATOM 798  H HB3  . ASN A 1 59 ? 8.987   1.859   -2.720  1.00 1.25  ? 59 ASN C HB3  1 
ATOM 799  H HD21 . ASN A 1 59 ? 10.883  3.085   -2.406  1.00 2.59  ? 59 ASN C HD21 1 
ATOM 800  H HD22 . ASN A 1 59 ? 10.898  4.747   -2.059  1.00 3.19  ? 59 ASN C HD22 1 
ATOM 801  N N    . TYR A 1 60 ? 5.516   0.988   -2.952  1.00 0.37  ? 60 TYR C N    1 
ATOM 802  C CA   . TYR A 1 60 ? 4.936   -0.313  -3.393  1.00 0.35  ? 60 TYR C CA   1 
ATOM 803  C C    . TYR A 1 60 ? 3.644   -0.062  -4.173  1.00 0.32  ? 60 TYR C C    1 
ATOM 804  O O    . TYR A 1 60 ? 2.840   -0.954  -4.357  1.00 0.40  ? 60 TYR C O    1 
ATOM 805  C CB   . TYR A 1 60 ? 4.619   -1.174  -2.164  1.00 0.40  ? 60 TYR C CB   1 
ATOM 806  C CG   . TYR A 1 60 ? 5.896   -1.836  -1.631  1.00 0.42  ? 60 TYR C CG   1 
ATOM 807  C CD1  . TYR A 1 60 ? 7.142   -1.370  -1.999  1.00 1.15  ? 60 TYR C CD1  1 
ATOM 808  C CD2  . TYR A 1 60 ? 5.814   -2.921  -0.782  1.00 0.96  ? 60 TYR C CD2  1 
ATOM 809  C CE1  . TYR A 1 60 ? 8.287   -1.979  -1.524  1.00 1.19  ? 60 TYR C CE1  1 
ATOM 810  C CE2  . TYR A 1 60 ? 6.959   -3.529  -0.307  1.00 1.00  ? 60 TYR C CE2  1 
ATOM 811  C CZ   . TYR A 1 60 ? 8.204   -3.063  -0.675  1.00 0.57  ? 60 TYR C CZ   1 
ATOM 812  O OH   . TYR A 1 60 ? 9.349   -3.670  -0.201  1.00 0.68  ? 60 TYR C OH   1 
ATOM 813  H H    . TYR A 1 60 ? 5.116   1.470   -2.198  1.00 0.42  ? 60 TYR C H    1 
ATOM 814  H HA   . TYR A 1 60 ? 5.643   -0.827  -4.028  1.00 0.39  ? 60 TYR C HA   1 
ATOM 815  H HB2  . TYR A 1 60 ? 4.191   -0.552  -1.392  1.00 0.46  ? 60 TYR C HB2  1 
ATOM 816  H HB3  . TYR A 1 60 ? 3.910   -1.940  -2.440  1.00 0.46  ? 60 TYR C HB3  1 
ATOM 817  H HD1  . TYR A 1 60 ? 7.224   -0.528  -2.666  1.00 1.87  ? 60 TYR C HD1  1 
ATOM 818  H HD2  . TYR A 1 60 ? 4.846   -3.299  -0.486  1.00 1.67  ? 60 TYR C HD2  1 
ATOM 819  H HE1  . TYR A 1 60 ? 9.255   -1.603  -1.821  1.00 1.91  ? 60 TYR C HE1  1 
ATOM 820  H HE2  . TYR A 1 60 ? 6.880   -4.377  0.355   1.00 1.71  ? 60 TYR C HE2  1 
ATOM 821  H HH   . TYR A 1 60 ? 9.167   -4.607  -0.097  1.00 0.86  ? 60 TYR C HH   1 
ATOM 822  N N    . VAL A 1 61 ? 3.437   1.143   -4.636  1.00 0.31  ? 61 VAL C N    1 
ATOM 823  C CA   . VAL A 1 61 ? 2.192   1.439   -5.401  1.00 0.30  ? 61 VAL C CA   1 
ATOM 824  C C    . VAL A 1 61 ? 2.419   2.630   -6.324  1.00 0.32  ? 61 VAL C C    1 
ATOM 825  O O    . VAL A 1 61 ? 3.407   3.332   -6.231  1.00 0.52  ? 61 VAL C O    1 
ATOM 826  C CB   . VAL A 1 61 ? 1.064   1.781   -4.432  1.00 0.31  ? 61 VAL C CB   1 
ATOM 827  C CG1  . VAL A 1 61 ? 1.424   3.053   -3.660  1.00 0.58  ? 61 VAL C CG1  1 
ATOM 828  C CG2  . VAL A 1 61 ? -0.237  2.008   -5.195  1.00 0.61  ? 61 VAL C CG2  1 
ATOM 829  H H    . VAL A 1 61 ? 4.099   1.848   -4.483  1.00 0.38  ? 61 VAL C H    1 
ATOM 830  H HA   . VAL A 1 61 ? 1.913   0.576   -5.987  1.00 0.35  ? 61 VAL C HA   1 
ATOM 831  H HB   . VAL A 1 61 ? 0.930   0.968   -3.751  1.00 0.51  ? 61 VAL C HB   1 
ATOM 832  H HG11 . VAL A 1 61 ? 2.438   2.979   -3.296  1.00 1.19  ? 61 VAL C HG11 1 
ATOM 833  H HG12 . VAL A 1 61 ? 1.338   3.908   -4.316  1.00 1.13  ? 61 VAL C HG12 1 
ATOM 834  H HG13 . VAL A 1 61 ? 0.749   3.170   -2.825  1.00 1.23  ? 61 VAL C HG13 1 
ATOM 835  H HG21 . VAL A 1 61 ? -0.389  1.202   -5.897  1.00 1.07  ? 61 VAL C HG21 1 
ATOM 836  H HG22 . VAL A 1 61 ? -1.062  2.039   -4.498  1.00 1.40  ? 61 VAL C HG22 1 
ATOM 837  H HG23 . VAL A 1 61 ? -0.182  2.944   -5.731  1.00 1.20  ? 61 VAL C HG23 1 
ATOM 838  N N    . ALA A 1 62 ? 1.498   2.862   -7.207  1.00 0.30  ? 62 ALA C N    1 
ATOM 839  C CA   . ALA A 1 62 ? 1.631   4.004   -8.152  1.00 0.33  ? 62 ALA C CA   1 
ATOM 840  C C    . ALA A 1 62 ? 0.331   4.162   -8.945  1.00 0.36  ? 62 ALA C C    1 
ATOM 841  O O    . ALA A 1 62 ? -0.428  3.221   -9.080  1.00 0.43  ? 62 ALA C O    1 
ATOM 842  C CB   . ALA A 1 62 ? 2.788   3.738   -9.119  1.00 0.43  ? 62 ALA C CB   1 
ATOM 843  H H    . ALA A 1 62 ? 0.710   2.280   -7.245  1.00 0.41  ? 62 ALA C H    1 
ATOM 844  H HA   . ALA A 1 62 ? 1.827   4.909   -7.598  1.00 0.38  ? 62 ALA C HA   1 
ATOM 845  H HB1  . ALA A 1 62 ? 3.020   2.683   -9.120  1.00 1.04  ? 62 ALA C HB1  1 
ATOM 846  H HB2  . ALA A 1 62 ? 2.504   4.045   -10.115 1.00 1.10  ? 62 ALA C HB2  1 
ATOM 847  H HB3  . ALA A 1 62 ? 3.658   4.298   -8.803  1.00 1.19  ? 62 ALA C HB3  1 
ATOM 848  N N    . PRO A 1 63 ? 0.113   5.355   -9.441  1.00 0.44  ? 63 PRO C N    1 
ATOM 849  C CA   . PRO A 1 63 ? -1.092  5.671   -10.227 1.00 0.53  ? 63 PRO C CA   1 
ATOM 850  C C    . PRO A 1 63 ? -1.121  4.826   -11.504 1.00 0.61  ? 63 PRO C C    1 
ATOM 851  O O    . PRO A 1 63 ? -0.193  4.838   -12.289 1.00 0.83  ? 63 PRO C O    1 
ATOM 852  C CB   . PRO A 1 63 ? -0.960  7.161   -10.571 1.00 0.65  ? 63 PRO C CB   1 
ATOM 853  C CG   . PRO A 1 63 ? 0.375   7.668   -9.966  1.00 0.69  ? 63 PRO C CG   1 
ATOM 854  C CD   . PRO A 1 63 ? 1.045   6.483   -9.253  1.00 0.54  ? 63 PRO C CD   1 
ATOM 855  H HA   . PRO A 1 63 ? -1.980  5.504   -9.642  1.00 0.57  ? 63 PRO C HA   1 
ATOM 856  H HB2  . PRO A 1 63 ? -0.950  7.291   -11.643 1.00 0.70  ? 63 PRO C HB2  1 
ATOM 857  H HB3  . PRO A 1 63 ? -1.787  7.709   -10.144 1.00 0.73  ? 63 PRO C HB3  1 
ATOM 858  H HG2  . PRO A 1 63 ? 1.019   8.032   -10.754 1.00 0.77  ? 63 PRO C HG2  1 
ATOM 859  H HG3  . PRO A 1 63 ? 0.179   8.459   -9.257  1.00 0.79  ? 63 PRO C HG3  1 
ATOM 860  H HD2  . PRO A 1 63 ? 2.000   6.261   -9.706  1.00 0.57  ? 63 PRO C HD2  1 
ATOM 861  H HD3  . PRO A 1 63 ? 1.168   6.697   -8.201  1.00 0.58  ? 63 PRO C HD3  1 
ATOM 862  N N    . SER A 1 64 ? -2.179  4.094   -11.719 1.00 0.84  ? 64 SER C N    1 
ATOM 863  C CA   . SER A 1 64 ? -2.264  3.251   -12.944 1.00 0.99  ? 64 SER C CA   1 
ATOM 864  C C    . SER A 1 64 ? -3.733  2.988   -13.282 1.00 1.87  ? 64 SER C C    1 
ATOM 865  O O    . SER A 1 64 ? -4.236  1.954   -12.877 1.00 2.68  ? 64 SER C O    1 
ATOM 866  C CB   . SER A 1 64 ? -1.549  1.921   -12.701 1.00 1.42  ? 64 SER C CB   1 
ATOM 867  O OG   . SER A 1 64 ? -1.439  1.211   -13.925 1.00 2.11  ? 64 SER C OG   1 
ATOM 868  O OXT  . SER A 1 64 ? -4.328  3.826   -13.940 1.00 2.33  ? 64 SER C OXT  1 
ATOM 869  H H    . SER A 1 64 ? -2.916  4.096   -11.073 1.00 1.08  ? 64 SER C H    1 
ATOM 870  H HA   . SER A 1 64 ? -1.793  3.766   -13.769 1.00 1.40  ? 64 SER C HA   1 
ATOM 871  H HB2  . SER A 1 64 ? -0.562  2.110   -12.303 1.00 1.83  ? 64 SER C HB2  1 
ATOM 872  H HB3  . SER A 1 64 ? -2.115  1.332   -11.993 1.00 2.04  ? 64 SER C HB3  1 
ATOM 873  H HG   . SER A 1 64 ? -2.281  1.272   -14.380 1.00 2.60  ? 64 SER C HG   1 
ATOM 874  N N    . ARG B 2 1  ? 9.329   6.087   10.387  1.00 1.57  ? 71 ARG R N    1 
ATOM 875  C CA   . ARG B 2 1  ? 8.638   5.059   9.559   1.00 1.09  ? 71 ARG R CA   1 
ATOM 876  C C    . ARG B 2 1  ? 9.496   4.731   8.334   1.00 0.89  ? 71 ARG R C    1 
ATOM 877  O O    . ARG B 2 1  ? 9.082   4.918   7.208   1.00 1.61  ? 71 ARG R O    1 
ATOM 878  C CB   . ARG B 2 1  ? 7.282   5.599   9.102   1.00 0.80  ? 71 ARG R CB   1 
ATOM 879  C CG   . ARG B 2 1  ? 6.523   4.505   8.346   1.00 0.99  ? 71 ARG R CG   1 
ATOM 880  C CD   . ARG B 2 1  ? 5.772   3.623   9.347   1.00 1.18  ? 71 ARG R CD   1 
ATOM 881  N NE   . ARG B 2 1  ? 4.518   3.117   8.721   1.00 1.43  ? 71 ARG R NE   1 
ATOM 882  C CZ   . ARG B 2 1  ? 3.565   2.623   9.465   1.00 1.24  ? 71 ARG R CZ   1 
ATOM 883  N NH1  . ARG B 2 1  ? 3.705   2.574   10.763  1.00 1.49  ? 71 ARG R NH1  1 
ATOM 884  N NH2  . ARG B 2 1  ? 2.470   2.179   8.910   1.00 1.83  ? 71 ARG R NH2  1 
ATOM 885  H H1   . ARG B 2 1  ? 9.722   6.824   9.768   1.00 1.89  ? 71 ARG R H1   1 
ATOM 886  H H2   . ARG B 2 1  ? 8.650   6.513   11.048  1.00 2.04  ? 71 ARG R H2   1 
ATOM 887  H H3   . ARG B 2 1  ? 10.100  5.639   10.923  1.00 1.98  ? 71 ARG R H3   1 
ATOM 888  H HA   . ARG B 2 1  ? 8.491   4.163   10.144  1.00 1.52  ? 71 ARG R HA   1 
ATOM 889  H HB2  . ARG B 2 1  ? 6.708   5.904   9.964   1.00 0.89  ? 71 ARG R HB2  1 
ATOM 890  H HB3  . ARG B 2 1  ? 7.432   6.447   8.451   1.00 0.87  ? 71 ARG R HB3  1 
ATOM 891  H HG2  . ARG B 2 1  ? 5.817   4.959   7.667   1.00 1.10  ? 71 ARG R HG2  1 
ATOM 892  H HG3  . ARG B 2 1  ? 7.223   3.901   7.787   1.00 1.16  ? 71 ARG R HG3  1 
ATOM 893  H HD2  . ARG B 2 1  ? 6.397   2.788   9.628   1.00 1.61  ? 71 ARG R HD2  1 
ATOM 894  H HD3  . ARG B 2 1  ? 5.529   4.201   10.225  1.00 1.51  ? 71 ARG R HD3  1 
ATOM 895  H HE   . ARG B 2 1  ? 4.410   3.153   7.747   1.00 2.21  ? 71 ARG R HE   1 
ATOM 896  H HH11 . ARG B 2 1  ? 4.543   2.914   11.190  1.00 1.82  ? 71 ARG R HH11 1 
ATOM 897  H HH12 . ARG B 2 1  ? 2.973   2.198   11.330  1.00 1.91  ? 71 ARG R HH12 1 
ATOM 898  H HH21 . ARG B 2 1  ? 2.361   2.216   7.917   1.00 2.56  ? 71 ARG R HH21 1 
ATOM 899  H HH22 . ARG B 2 1  ? 1.738   1.800   9.479   1.00 1.83  ? 71 ARG R HH22 1 
ATOM 900  N N    . ALA B 2 2  ? 10.687  4.241   8.546   1.00 0.95  ? 72 ALA R N    1 
ATOM 901  C CA   . ALA B 2 2  ? 11.569  3.902   7.394   1.00 0.80  ? 72 ALA R CA   1 
ATOM 902  C C    . ALA B 2 2  ? 10.780  3.083   6.371   1.00 0.64  ? 72 ALA R C    1 
ATOM 903  O O    . ALA B 2 2  ? 10.245  2.038   6.679   1.00 0.72  ? 72 ALA R O    1 
ATOM 904  C CB   . ALA B 2 2  ? 12.765  3.085   7.890   1.00 0.95  ? 72 ALA R CB   1 
ATOM 905  H H    . ALA B 2 2  ? 11.002  4.096   9.462   1.00 1.65  ? 72 ALA R H    1 
ATOM 906  H HA   . ALA B 2 2  ? 11.923  4.811   6.931   1.00 1.00  ? 72 ALA R HA   1 
ATOM 907  H HB1  . ALA B 2 2  ? 12.412  2.238   8.459   1.00 1.23  ? 72 ALA R HB1  1 
ATOM 908  H HB2  . ALA B 2 2  ? 13.338  2.734   7.044   1.00 1.39  ? 72 ALA R HB2  1 
ATOM 909  H HB3  . ALA B 2 2  ? 13.390  3.703   8.516   1.00 1.49  ? 72 ALA R HB3  1 
ATOM 910  N N    . LEU B 2 3  ? 10.701  3.552   5.155   1.00 0.54  ? 73 LEU R N    1 
ATOM 911  C CA   . LEU B 2 3  ? 9.946   2.799   4.115   1.00 0.45  ? 73 LEU R CA   1 
ATOM 912  C C    . LEU B 2 3  ? 10.478  1.365   4.038   1.00 0.50  ? 73 LEU R C    1 
ATOM 913  O O    . LEU B 2 3  ? 11.596  1.099   4.432   1.00 0.61  ? 73 LEU R O    1 
ATOM 914  C CB   . LEU B 2 3  ? 10.123  3.484   2.759   1.00 0.54  ? 73 LEU R CB   1 
ATOM 915  C CG   . LEU B 2 3  ? 9.271   4.755   2.716   1.00 0.67  ? 73 LEU R CG   1 
ATOM 916  C CD1  . LEU B 2 3  ? 9.615   5.556   1.459   1.00 1.14  ? 73 LEU R CD1  1 
ATOM 917  C CD2  . LEU B 2 3  ? 7.791   4.375   2.692   1.00 0.74  ? 73 LEU R CD2  1 
ATOM 918  H H    . LEU B 2 3  ? 11.138  4.399   4.927   1.00 0.62  ? 73 LEU R H    1 
ATOM 919  H HA   . LEU B 2 3  ? 8.897   2.779   4.376   1.00 0.44  ? 73 LEU R HA   1 
ATOM 920  H HB2  . LEU B 2 3  ? 11.162  3.741   2.617   1.00 0.70  ? 73 LEU R HB2  1 
ATOM 921  H HB3  . LEU B 2 3  ? 9.807   2.814   1.973   1.00 0.69  ? 73 LEU R HB3  1 
ATOM 922  H HG   . LEU B 2 3  ? 9.476   5.354   3.592   1.00 0.99  ? 73 LEU R HG   1 
ATOM 923  H HD11 . LEU B 2 3  ? 10.288  4.983   0.839   1.00 1.50  ? 73 LEU R HD11 1 
ATOM 924  H HD12 . LEU B 2 3  ? 8.709   5.767   0.908   1.00 1.54  ? 73 LEU R HD12 1 
ATOM 925  H HD13 . LEU B 2 3  ? 10.088  6.485   1.742   1.00 1.73  ? 73 LEU R HD13 1 
ATOM 926  H HD21 . LEU B 2 3  ? 7.675   3.356   3.033   1.00 1.38  ? 73 LEU R HD21 1 
ATOM 927  H HD22 . LEU B 2 3  ? 7.238   5.037   3.343   1.00 1.14  ? 73 LEU R HD22 1 
ATOM 928  H HD23 . LEU B 2 3  ? 7.412   4.463   1.685   1.00 1.34  ? 73 LEU R HD23 1 
ATOM 929  N N    . PRO B 2 4  ? 9.657   0.483   3.528   1.00 0.49  ? 74 PRO R N    1 
ATOM 930  C CA   . PRO B 2 4  ? 10.020  -0.937  3.386   1.00 0.61  ? 74 PRO R CA   1 
ATOM 931  C C    . PRO B 2 4  ? 11.143  -1.095  2.351   1.00 0.71  ? 74 PRO R C    1 
ATOM 932  O O    . PRO B 2 4  ? 11.071  -0.529  1.279   1.00 0.78  ? 74 PRO R O    1 
ATOM 933  C CB   . PRO B 2 4  ? 8.742   -1.618  2.891   1.00 0.60  ? 74 PRO R CB   1 
ATOM 934  C CG   . PRO B 2 4  ? 7.688   -0.511  2.626   1.00 0.52  ? 74 PRO R CG   1 
ATOM 935  C CD   . PRO B 2 4  ? 8.303   0.829   3.058   1.00 0.45  ? 74 PRO R CD   1 
ATOM 936  H HA   . PRO B 2 4  ? 10.307  -1.351  4.332   1.00 0.72  ? 74 PRO R HA   1 
ATOM 937  H HB2  . PRO B 2 4  ? 8.950   -2.155  1.983   1.00 0.64  ? 74 PRO R HB2  1 
ATOM 938  H HB3  . PRO B 2 4  ? 8.376   -2.299  3.644   1.00 0.70  ? 74 PRO R HB3  1 
ATOM 939  H HG2  . PRO B 2 4  ? 7.445   -0.480  1.574   1.00 0.53  ? 74 PRO R HG2  1 
ATOM 940  H HG3  . PRO B 2 4  ? 6.797   -0.707  3.203   1.00 0.58  ? 74 PRO R HG3  1 
ATOM 941  H HD2  . PRO B 2 4  ? 8.358   1.506   2.217   1.00 0.45  ? 74 PRO R HD2  1 
ATOM 942  H HD3  . PRO B 2 4  ? 7.728   1.268   3.858   1.00 0.49  ? 74 PRO R HD3  1 
ATOM 943  N N    . PRO B 2 5  ? 12.150  -1.860  2.700   1.00 0.95  ? 75 PRO R N    1 
ATOM 944  C CA   . PRO B 2 5  ? 13.292  -2.096  1.801   1.00 1.12  ? 75 PRO R CA   1 
ATOM 945  C C    . PRO B 2 5  ? 12.806  -2.777  0.519   1.00 0.87  ? 75 PRO R C    1 
ATOM 946  O O    . PRO B 2 5  ? 12.475  -3.945  0.516   1.00 0.84  ? 75 PRO R O    1 
ATOM 947  C CB   . PRO B 2 5  ? 14.229  -3.025  2.587   1.00 1.48  ? 75 PRO R CB   1 
ATOM 948  C CG   . PRO B 2 5  ? 13.570  -3.302  3.964   1.00 1.58  ? 75 PRO R CG   1 
ATOM 949  C CD   . PRO B 2 5  ? 12.231  -2.547  4.002   1.00 1.22  ? 75 PRO R CD   1 
ATOM 950  H HA   . PRO B 2 5  ? 13.795  -1.171  1.574   1.00 1.31  ? 75 PRO R HA   1 
ATOM 951  H HB2  . PRO B 2 5  ? 14.360  -3.952  2.051   1.00 1.47  ? 75 PRO R HB2  1 
ATOM 952  H HB3  . PRO B 2 5  ? 15.186  -2.545  2.729   1.00 1.76  ? 75 PRO R HB3  1 
ATOM 953  H HG2  . PRO B 2 5  ? 13.397  -4.361  4.081   1.00 1.69  ? 75 PRO R HG2  1 
ATOM 954  H HG3  . PRO B 2 5  ? 14.213  -2.946  4.755   1.00 1.87  ? 75 PRO R HG3  1 
ATOM 955  H HD2  . PRO B 2 5  ? 11.411  -3.242  4.112   1.00 1.17  ? 75 PRO R HD2  1 
ATOM 956  H HD3  . PRO B 2 5  ? 12.226  -1.829  4.808   1.00 1.32  ? 75 PRO R HD3  1 
ATOM 957  N N    . LEU B 2 6  ? 12.753  -2.053  -0.566  1.00 0.92  ? 76 LEU R N    1 
ATOM 958  C CA   . LEU B 2 6  ? 12.287  -2.661  -1.845  1.00 0.89  ? 76 LEU R CA   1 
ATOM 959  C C    . LEU B 2 6  ? 12.903  -4.054  -2.009  1.00 1.15  ? 76 LEU R C    1 
ATOM 960  O O    . LEU B 2 6  ? 13.951  -4.334  -1.461  1.00 1.39  ? 76 LEU R O    1 
ATOM 961  C CB   . LEU B 2 6  ? 12.710  -1.776  -3.015  1.00 1.32  ? 76 LEU R CB   1 
ATOM 962  C CG   . LEU B 2 6  ? 11.731  -0.610  -3.153  1.00 1.49  ? 76 LEU R CG   1 
ATOM 963  C CD1  . LEU B 2 6  ? 12.430  0.557   -3.852  1.00 2.13  ? 76 LEU R CD1  1 
ATOM 964  C CD2  . LEU B 2 6  ? 10.524  -1.055  -3.981  1.00 1.35  ? 76 LEU R CD2  1 
ATOM 965  H H    . LEU B 2 6  ? 13.021  -1.110  -0.541  1.00 1.13  ? 76 LEU R H    1 
ATOM 966  H HA   . LEU B 2 6  ? 11.210  -2.745  -1.830  1.00 0.70  ? 76 LEU R HA   1 
ATOM 967  H HB2  . LEU B 2 6  ? 13.705  -1.393  -2.836  1.00 1.55  ? 76 LEU R HB2  1 
ATOM 968  H HB3  . LEU B 2 6  ? 12.707  -2.358  -3.926  1.00 1.48  ? 76 LEU R HB3  1 
ATOM 969  H HG   . LEU B 2 6  ? 11.402  -0.299  -2.173  1.00 1.49  ? 76 LEU R HG   1 
ATOM 970  H HD11 . LEU B 2 6  ? 13.406  0.705   -3.413  1.00 2.57  ? 76 LEU R HD11 1 
ATOM 971  H HD12 . LEU B 2 6  ? 12.538  0.334   -4.903  1.00 2.39  ? 76 LEU R HD12 1 
ATOM 972  H HD13 . LEU B 2 6  ? 11.841  1.454   -3.732  1.00 2.52  ? 76 LEU R HD13 1 
ATOM 973  H HD21 . LEU B 2 6  ? 10.073  -1.923  -3.523  1.00 1.81  ? 76 LEU R HD21 1 
ATOM 974  H HD22 . LEU B 2 6  ? 9.800   -0.254  -4.021  1.00 1.60  ? 76 LEU R HD22 1 
ATOM 975  H HD23 . LEU B 2 6  ? 10.843  -1.302  -4.983  1.00 1.54  ? 76 LEU R HD23 1 
ATOM 976  N N    . PRO B 2 7  ? 12.232  -4.885  -2.765  1.00 1.27  ? 77 PRO R N    1 
ATOM 977  C CA   . PRO B 2 7  ? 12.694  -6.258  -3.021  1.00 1.76  ? 77 PRO R CA   1 
ATOM 978  C C    . PRO B 2 7  ? 14.094  -6.242  -3.639  1.00 2.18  ? 77 PRO R C    1 
ATOM 979  O O    . PRO B 2 7  ? 14.244  -6.095  -4.833  1.00 2.20  ? 77 PRO R O    1 
ATOM 980  C CB   . PRO B 2 7  ? 11.670  -6.844  -4.002  1.00 1.82  ? 77 PRO R CB   1 
ATOM 981  C CG   . PRO B 2 7  ? 10.574  -5.773  -4.231  1.00 1.41  ? 77 PRO R CG   1 
ATOM 982  C CD   . PRO B 2 7  ? 10.968  -4.520  -3.430  1.00 1.08  ? 77 PRO R CD   1 
ATOM 983  H HA   . PRO B 2 7  ? 12.694  -6.830  -2.107  1.00 1.91  ? 77 PRO R HA   1 
ATOM 984  H HB2  . PRO B 2 7  ? 12.154  -7.081  -4.938  1.00 2.11  ? 77 PRO R HB2  1 
ATOM 985  H HB3  . PRO B 2 7  ? 11.229  -7.735  -3.580  1.00 1.98  ? 77 PRO R HB3  1 
ATOM 986  H HG2  . PRO B 2 7  ? 10.511  -5.532  -5.282  1.00 1.58  ? 77 PRO R HG2  1 
ATOM 987  H HG3  . PRO B 2 7  ? 9.620   -6.145  -3.884  1.00 1.37  ? 77 PRO R HG3  1 
ATOM 988  H HD2  . PRO B 2 7  ? 11.118  -3.681  -4.092  1.00 1.19  ? 77 PRO R HD2  1 
ATOM 989  H HD3  . PRO B 2 7  ? 10.210  -4.290  -2.696  1.00 0.86  ? 77 PRO R HD3  1 
ATOM 990  N N    . ARG B 2 8  ? 15.101  -6.392  -2.806  1.00 2.76  ? 78 ARG R N    1 
ATOM 991  C CA   . ARG B 2 8  ? 16.537  -6.398  -3.253  1.00 3.25  ? 78 ARG R CA   1 
ATOM 992  C C    . ARG B 2 8  ? 16.683  -6.086  -4.745  1.00 3.88  ? 78 ARG R C    1 
ATOM 993  O O    . ARG B 2 8  ? 17.116  -5.017  -5.117  1.00 4.33  ? 78 ARG R O    1 
ATOM 994  C CB   . ARG B 2 8  ? 17.142  -7.773  -2.962  1.00 3.72  ? 78 ARG R CB   1 
ATOM 995  C CG   . ARG B 2 8  ? 18.632  -7.617  -2.642  1.00 4.06  ? 78 ARG R CG   1 
ATOM 996  C CD   . ARG B 2 8  ? 19.277  -8.999  -2.486  1.00 4.79  ? 78 ARG R CD   1 
ATOM 997  N NE   . ARG B 2 8  ? 18.544  -9.995  -3.318  1.00 5.77  ? 78 ARG R NE   1 
ATOM 998  C CZ   . ARG B 2 8  ? 18.608  -9.934  -4.621  1.00 6.47  ? 78 ARG R CZ   1 
ATOM 999  N NH1  . ARG B 2 8  ? 19.324  -9.007  -5.199  1.00 6.45  ? 78 ARG R NH1  1 
ATOM 1000 N NH2  . ARG B 2 8  ? 17.958  -10.803 -5.344  1.00 7.48  ? 78 ARG R NH2  1 
ATOM 1001 H H    . ARG B 2 8  ? 14.906  -6.503  -1.852  1.00 2.99  ? 78 ARG R H    1 
ATOM 1002 H HA   . ARG B 2 8  ? 17.078  -5.657  -2.691  1.00 3.31  ? 78 ARG R HA   1 
ATOM 1003 H HB2  . ARG B 2 8  ? 16.636  -8.215  -2.116  1.00 4.24  ? 78 ARG R HB2  1 
ATOM 1004 H HB3  . ARG B 2 8  ? 17.024  -8.410  -3.824  1.00 3.89  ? 78 ARG R HB3  1 
ATOM 1005 H HG2  . ARG B 2 8  ? 19.118  -7.084  -3.446  1.00 4.23  ? 78 ARG R HG2  1 
ATOM 1006 H HG3  . ARG B 2 8  ? 18.746  -7.062  -1.723  1.00 4.19  ? 78 ARG R HG3  1 
ATOM 1007 H HD2  . ARG B 2 8  ? 20.307  -8.954  -2.805  1.00 4.91  ? 78 ARG R HD2  1 
ATOM 1008 H HD3  . ARG B 2 8  ? 19.236  -9.299  -1.449  1.00 4.91  ? 78 ARG R HD3  1 
ATOM 1009 H HE   . ARG B 2 8  ? 18.011  -10.695 -2.889  1.00 6.09  ? 78 ARG R HE   1 
ATOM 1010 H HH11 . ARG B 2 8  ? 19.827  -8.342  -4.647  1.00 5.85  ? 78 ARG R HH11 1 
ATOM 1011 H HH12 . ARG B 2 8  ? 19.370  -8.962  -6.198  1.00 7.20  ? 78 ARG R HH12 1 
ATOM 1012 H HH21 . ARG B 2 8  ? 17.413  -11.514 -4.900  1.00 7.73  ? 78 ARG R HH21 1 
ATOM 1013 H HH22 . ARG B 2 8  ? 18.005  -10.758 -6.342  1.00 8.12  ? 78 ARG R HH22 1 
ATOM 1014 N N    . TYR B 2 9  ? 16.334  -7.017  -5.594  1.00 4.39  ? 79 TYR R N    1 
ATOM 1015 C CA   . TYR B 2 9  ? 16.449  -6.790  -7.069  1.00 5.37  ? 79 TYR R CA   1 
ATOM 1016 C C    . TYR B 2 9  ? 17.909  -6.995  -7.490  1.00 5.97  ? 79 TYR R C    1 
ATOM 1017 O O    . TYR B 2 9  ? 18.137  -7.245  -8.662  1.00 6.49  ? 79 TYR R O    1 
ATOM 1018 C CB   . TYR B 2 9  ? 15.943  -5.368  -7.427  1.00 5.97  ? 79 TYR R CB   1 
ATOM 1019 C CG   . TYR B 2 9  ? 17.005  -4.543  -8.183  1.00 6.77  ? 79 TYR R CG   1 
ATOM 1020 C CD1  . TYR B 2 9  ? 18.221  -4.230  -7.599  1.00 7.14  ? 79 TYR R CD1  1 
ATOM 1021 C CD2  . TYR B 2 9  ? 16.747  -4.086  -9.460  1.00 7.47  ? 79 TYR R CD2  1 
ATOM 1022 C CE1  . TYR B 2 9  ? 19.154  -3.473  -8.280  1.00 8.13  ? 79 TYR R CE1  1 
ATOM 1023 C CE2  . TYR B 2 9  ? 17.682  -3.330  -10.141 1.00 8.41  ? 79 TYR R CE2  1 
ATOM 1024 C CZ   . TYR B 2 9  ? 18.891  -3.018  -9.556  1.00 8.72  ? 79 TYR R CZ   1 
ATOM 1025 O OH   . TYR B 2 9  ? 19.822  -2.259  -10.236 1.00 9.84  ? 79 TYR R OH   1 
ATOM 1026 O OXT  . TYR B 2 9  ? 18.772  -6.898  -6.633  1.00 6.22  ? 79 TYR R OXT  1 
ATOM 1027 H H    . TYR B 2 9  ? 15.989  -7.869  -5.259  1.00 4.39  ? 79 TYR R H    1 
ATOM 1028 H HA   . TYR B 2 9  ? 15.836  -7.520  -7.580  1.00 5.64  ? 79 TYR R HA   1 
ATOM 1029 H HB2  . TYR B 2 9  ? 15.068  -5.460  -8.053  1.00 6.26  ? 79 TYR R HB2  1 
ATOM 1030 H HB3  . TYR B 2 9  ? 15.667  -4.848  -6.523  1.00 5.92  ? 79 TYR R HB3  1 
ATOM 1031 H HD1  . TYR B 2 9  ? 18.445  -4.583  -6.606  1.00 6.86  ? 79 TYR R HD1  1 
ATOM 1032 H HD2  . TYR B 2 9  ? 15.804  -4.321  -9.933  1.00 7.47  ? 79 TYR R HD2  1 
ATOM 1033 H HE1  . TYR B 2 9  ? 20.097  -3.237  -7.810  1.00 8.60  ? 79 TYR R HE1  1 
ATOM 1034 H HE2  . TYR B 2 9  ? 17.464  -2.980  -11.140 1.00 9.08  ? 79 TYR R HE2  1 
ATOM 1035 H HH   . TYR B 2 9  ? 20.591  -2.157  -9.672  1.00 10.13 ? 79 TYR R HH   1 
# 
